data_6T1T
#
_entry.id   6T1T
#
_cell.length_a   74.657
_cell.length_b   67.497
_cell.length_c   143.994
_cell.angle_alpha   90.000
_cell.angle_beta   91.550
_cell.angle_gamma   90.000
#
_symmetry.space_group_name_H-M   'P 1 21 1'
#
loop_
_entity.id
_entity.type
_entity.pdbx_description
1 polymer 'NADPH--cytochrome P450 reductase'
2 non-polymer 'FLAVIN-ADENINE DINUCLEOTIDE'
3 non-polymer 'FLAVIN MONONUCLEOTIDE'
4 non-polymer 'NADPH DIHYDRO-NICOTINAMIDE-ADENINE-DINUCLEOTIDE PHOSPHATE'
5 water water
#
_entity_poly.entity_id   1
_entity_poly.type   'polypeptide(L)'
_entity_poly.pdbx_seq_one_letter_code
;MALDKLDLYVIITLVVAVAAYFAKNQFLDQPQDTGFLNTDSGSNSRDVLSTLKKNNKNTLLLFGSQTGTAEDYANKLSRE
LHSRFGLKTMVADFADYDWDNFGDITEDILVFFIVATYGEGEPTDNADEFHTWLTEEADTLSTLRYTVFGLGNSTYEFFN
AIGRKFDRLLSEKGGDRFAEYAEGDDGTGTLDEDFMAWKDNVFDALKNDLNFEEKELKYEPNVKLTERDDLSAADSQVSL
GEPNKKYINSEGIDLTKGPFDHTHPYLARITETRELFSSKERHCIHVEFDISESNLKYTTGDHLAIWPSNSDENIKQFAK
CFGLEDKLDTVIELKALDSTYTIPFPTPITYGAVIRHHLEISGPVSRQFFLSIAGFAPDEETKKTFTRLGGDKQEFATKV
TRRKFNIADALLYSSNNTPWSDVPFEFLIENIQHLTPRYYSISSSSLSEKQLINVTAVVEAEEEADGRPVTGVVTNLLKN
IEIAQNKTGEKPLVHYDLSGPRGKFNKFKLPVHVRRSNFKLPKNSTTPVILIGPGTGVAPLRGFVRERVQQVKNGVNVGK
TLLFYGCRNSNEDFLYKQEWAEYASVLGENFEMFNAFSRQDPSKKVYVQDKILENSQLVHELLTEGAIIYVCGDASRMAR
DVQTTISKIVAKSREISEDKAAELVKSWKVQNRYQEDVW
;
_entity_poly.pdbx_strand_id   A,B
#
loop_
_chem_comp.id
_chem_comp.type
_chem_comp.name
_chem_comp.formula
FAD non-polymer 'FLAVIN-ADENINE DINUCLEOTIDE' 'C27 H33 N9 O15 P2'
FMN non-polymer 'FLAVIN MONONUCLEOTIDE' 'C17 H21 N4 O9 P'
NDP non-polymer 'NADPH DIHYDRO-NICOTINAMIDE-ADENINE-DINUCLEOTIDE PHOSPHATE' 'C21 H30 N7 O17 P3'
#
# COMPACT_ATOMS: atom_id res chain seq x y z
N SER A 45 33.47 8.98 29.38
CA SER A 45 33.12 8.26 28.11
C SER A 45 31.60 8.12 27.95
N ARG A 46 30.80 8.24 29.04
CA ARG A 46 29.30 8.34 29.03
C ARG A 46 28.83 9.78 28.79
N ASP A 47 29.72 10.78 28.79
CA ASP A 47 29.44 12.20 28.46
C ASP A 47 29.64 12.42 26.96
N VAL A 48 28.54 12.67 26.25
CA VAL A 48 28.49 12.73 24.76
C VAL A 48 29.07 14.07 24.28
N LEU A 49 29.09 15.11 25.11
CA LEU A 49 29.70 16.41 24.73
C LEU A 49 31.23 16.27 24.77
N SER A 50 31.76 15.68 25.85
CA SER A 50 33.21 15.34 26.02
C SER A 50 33.66 14.49 24.83
N THR A 51 32.94 13.40 24.59
CA THR A 51 33.25 12.41 23.51
C THR A 51 33.28 13.12 22.16
N LEU A 52 32.39 14.10 21.94
CA LEU A 52 32.39 14.87 20.67
C LEU A 52 33.69 15.67 20.57
N LYS A 53 34.05 16.39 21.64
CA LYS A 53 35.28 17.22 21.68
C LYS A 53 36.54 16.36 21.47
N LYS A 54 36.65 15.25 22.20
CA LYS A 54 37.85 14.37 22.18
C LYS A 54 38.07 13.80 20.77
N ASN A 55 37.02 13.50 20.02
CA ASN A 55 37.12 12.85 18.69
C ASN A 55 37.00 13.91 17.59
N ASN A 56 37.18 15.19 17.94
CA ASN A 56 37.09 16.32 16.98
C ASN A 56 35.87 16.14 16.06
N LYS A 57 34.69 15.97 16.64
CA LYS A 57 33.42 15.75 15.90
C LYS A 57 32.53 16.99 16.02
N ASN A 58 31.84 17.38 14.95
CA ASN A 58 30.91 18.53 14.99
C ASN A 58 29.49 18.09 14.63
N THR A 59 29.27 16.80 14.33
CA THR A 59 27.93 16.28 13.94
C THR A 59 27.58 15.02 14.72
N LEU A 60 26.58 15.10 15.60
CA LEU A 60 26.03 13.94 16.34
C LEU A 60 24.84 13.40 15.58
N LEU A 61 24.80 12.08 15.36
CA LEU A 61 23.58 11.35 14.89
C LEU A 61 23.21 10.32 15.95
N LEU A 62 22.00 10.46 16.50
CA LEU A 62 21.45 9.60 17.56
C LEU A 62 20.40 8.68 16.93
N PHE A 63 20.48 7.38 17.21
CA PHE A 63 19.51 6.41 16.66
C PHE A 63 18.74 5.78 17.82
N GLY A 64 17.42 5.79 17.70
CA GLY A 64 16.48 5.05 18.55
C GLY A 64 15.89 3.92 17.73
N SER A 65 16.41 2.71 17.91
CA SER A 65 16.19 1.53 17.04
C SER A 65 15.93 0.31 17.92
N GLN A 66 15.06 -0.58 17.48
CA GLN A 66 14.78 -1.87 18.17
C GLN A 66 15.28 -3.03 17.30
N THR A 67 14.99 -2.98 15.99
CA THR A 67 15.38 -4.04 15.01
C THR A 67 16.36 -3.48 13.95
N GLY A 68 17.06 -2.38 14.23
CA GLY A 68 18.24 -1.94 13.46
C GLY A 68 17.99 -0.93 12.35
N THR A 69 16.77 -0.75 11.84
CA THR A 69 16.50 0.15 10.67
C THR A 69 16.97 1.58 10.95
N ALA A 70 16.62 2.14 12.12
CA ALA A 70 17.03 3.51 12.51
C ALA A 70 18.56 3.58 12.56
N GLU A 71 19.20 2.58 13.18
CA GLU A 71 20.68 2.47 13.21
C GLU A 71 21.24 2.59 11.80
N ASP A 72 20.76 1.75 10.88
CA ASP A 72 21.28 1.72 9.50
C ASP A 72 21.22 3.15 8.90
N TYR A 73 20.09 3.84 9.06
CA TYR A 73 19.83 5.19 8.50
C TYR A 73 20.78 6.22 9.11
N ALA A 74 20.99 6.14 10.42
CA ALA A 74 21.97 7.00 11.11
C ALA A 74 23.31 6.83 10.40
N ASN A 75 23.69 5.56 10.21
CA ASN A 75 24.96 5.12 9.57
C ASN A 75 25.02 5.66 8.12
N LYS A 76 24.00 5.40 7.30
CA LYS A 76 24.01 5.89 5.89
C LYS A 76 24.16 7.43 5.89
N LEU A 77 23.36 8.14 6.67
CA LEU A 77 23.32 9.63 6.70
C LEU A 77 24.70 10.18 7.09
N SER A 78 25.30 9.59 8.11
CA SER A 78 26.64 9.93 8.66
C SER A 78 27.66 10.03 7.52
N ARG A 79 27.78 8.95 6.73
CA ARG A 79 28.80 8.79 5.67
C ARG A 79 28.53 9.82 4.56
N GLU A 80 27.26 10.03 4.22
CA GLU A 80 26.84 10.92 3.10
C GLU A 80 27.03 12.37 3.55
N LEU A 81 26.74 12.68 4.81
CA LEU A 81 27.00 14.02 5.41
C LEU A 81 28.51 14.31 5.32
N HIS A 82 29.34 13.31 5.64
CA HIS A 82 30.81 13.46 5.75
C HIS A 82 31.41 13.62 4.36
N SER A 83 31.13 12.67 3.47
CA SER A 83 31.52 12.71 2.05
C SER A 83 31.09 14.04 1.41
N ARG A 84 29.80 14.40 1.47
CA ARG A 84 29.23 15.44 0.58
C ARG A 84 29.43 16.84 1.16
N PHE A 85 29.46 16.98 2.49
CA PHE A 85 29.48 18.29 3.19
C PHE A 85 30.77 18.45 4.01
N GLY A 86 31.54 17.38 4.22
CA GLY A 86 32.80 17.47 4.96
C GLY A 86 32.58 17.57 6.46
N LEU A 87 31.37 17.27 6.94
CA LEU A 87 31.05 17.31 8.39
C LEU A 87 31.75 16.14 9.07
N LYS A 88 32.16 16.31 10.32
CA LYS A 88 32.87 15.30 11.12
C LYS A 88 31.84 14.62 12.02
N THR A 89 31.35 13.48 11.54
CA THR A 89 30.13 12.81 12.04
C THR A 89 30.53 11.75 13.07
N MET A 90 29.65 11.48 14.00
CA MET A 90 29.78 10.41 15.03
C MET A 90 28.36 9.86 15.22
N VAL A 91 28.18 8.56 15.04
CA VAL A 91 26.87 7.88 15.22
C VAL A 91 26.82 7.33 16.64
N ALA A 92 25.84 7.72 17.44
CA ALA A 92 25.79 7.35 18.87
C ALA A 92 24.46 6.65 19.16
N ASP A 93 24.57 5.53 19.87
CA ASP A 93 23.43 4.86 20.55
C ASP A 93 23.09 5.65 21.80
N PHE A 94 21.80 5.99 21.98
CA PHE A 94 21.28 6.66 23.20
C PHE A 94 21.79 5.93 24.45
N ALA A 95 21.76 4.61 24.45
CA ALA A 95 22.11 3.72 25.59
C ALA A 95 23.58 3.88 26.00
N ASP A 96 24.46 4.40 25.13
CA ASP A 96 25.91 4.51 25.43
C ASP A 96 26.26 5.83 26.13
N TYR A 97 25.32 6.73 26.38
CA TYR A 97 25.62 8.02 27.07
C TYR A 97 24.57 8.32 28.14
N ASP A 98 24.93 9.19 29.08
CA ASP A 98 23.99 9.86 30.03
C ASP A 98 23.72 11.29 29.51
N TRP A 99 22.53 11.83 29.76
CA TRP A 99 22.04 13.03 29.05
C TRP A 99 21.75 14.20 29.99
N ASP A 100 22.11 14.07 31.27
CA ASP A 100 21.84 15.07 32.34
C ASP A 100 22.46 16.42 31.99
N ASN A 101 23.45 16.45 31.08
CA ASN A 101 24.21 17.68 30.72
C ASN A 101 23.92 18.07 29.27
N PHE A 102 22.94 17.42 28.62
CA PHE A 102 22.80 17.51 27.15
C PHE A 102 22.41 18.94 26.77
N GLY A 103 21.71 19.64 27.67
CA GLY A 103 21.33 21.05 27.49
C GLY A 103 22.53 21.95 27.38
N ASP A 104 23.72 21.45 27.75
CA ASP A 104 24.97 22.23 27.67
C ASP A 104 25.47 22.28 26.23
N ILE A 105 24.87 21.49 25.31
CA ILE A 105 25.40 21.33 23.92
C ILE A 105 25.45 22.70 23.24
N THR A 106 26.54 22.95 22.52
CA THR A 106 26.86 24.22 21.83
C THR A 106 26.36 24.23 20.36
N GLU A 107 26.24 25.44 19.81
CA GLU A 107 25.56 25.71 18.51
C GLU A 107 26.37 25.17 17.33
N ASP A 108 27.62 24.75 17.54
CA ASP A 108 28.52 24.28 16.46
C ASP A 108 28.31 22.78 16.13
N ILE A 109 27.54 22.07 16.96
CA ILE A 109 27.18 20.63 16.73
C ILE A 109 25.81 20.59 16.05
N LEU A 110 25.76 20.09 14.83
CA LEU A 110 24.48 19.77 14.19
C LEU A 110 24.05 18.40 14.72
N VAL A 111 22.87 18.31 15.35
CA VAL A 111 22.35 17.02 15.91
C VAL A 111 21.26 16.48 14.97
N PHE A 112 21.31 15.18 14.67
CA PHE A 112 20.30 14.44 13.88
C PHE A 112 19.74 13.28 14.73
N PHE A 113 18.41 13.27 14.96
CA PHE A 113 17.66 12.23 15.70
C PHE A 113 16.90 11.33 14.72
N ILE A 114 17.27 10.05 14.69
CA ILE A 114 16.62 9.03 13.82
C ILE A 114 15.95 8.05 14.79
N VAL A 115 14.64 8.20 15.00
CA VAL A 115 13.97 7.55 16.18
C VAL A 115 12.73 6.80 15.71
N ALA A 116 12.65 5.55 16.13
CA ALA A 116 11.51 4.66 15.85
C ALA A 116 10.58 4.68 17.06
N THR A 117 9.31 4.44 16.80
CA THR A 117 8.23 4.32 17.81
C THR A 117 7.89 2.84 17.96
N TYR A 118 7.75 2.39 19.21
CA TYR A 118 7.41 0.99 19.60
C TYR A 118 6.21 0.95 20.55
N GLY A 119 5.98 -0.25 21.12
CA GLY A 119 4.88 -0.54 22.05
C GLY A 119 3.65 0.25 21.71
N GLU A 120 3.10 0.97 22.69
CA GLU A 120 1.95 1.90 22.55
C GLU A 120 2.52 3.33 22.54
N GLY A 121 3.24 3.69 21.47
CA GLY A 121 3.87 5.01 21.33
C GLY A 121 5.06 5.17 22.27
N GLU A 122 5.60 4.06 22.78
CA GLU A 122 6.78 4.00 23.69
C GLU A 122 8.05 4.25 22.89
N PRO A 123 9.15 4.68 23.54
CA PRO A 123 10.46 4.72 22.88
C PRO A 123 11.04 3.30 22.80
N THR A 124 11.94 3.06 21.84
CA THR A 124 12.88 1.91 21.76
C THR A 124 13.67 1.82 23.07
N ASP A 125 13.99 0.59 23.50
CA ASP A 125 14.66 0.31 24.81
C ASP A 125 15.93 1.15 24.91
N ASN A 126 16.69 1.27 23.82
CA ASN A 126 17.97 2.03 23.80
C ASN A 126 17.68 3.51 24.14
N ALA A 127 16.56 4.06 23.69
CA ALA A 127 16.23 5.51 23.78
C ALA A 127 15.46 5.84 25.07
N ASP A 128 15.05 4.83 25.85
CA ASP A 128 14.08 4.98 26.96
C ASP A 128 14.63 5.99 27.98
N GLU A 129 15.90 5.87 28.36
CA GLU A 129 16.52 6.76 29.37
C GLU A 129 16.63 8.18 28.81
N PHE A 130 16.83 8.35 27.51
CA PHE A 130 16.85 9.71 26.88
C PHE A 130 15.44 10.28 26.87
N HIS A 131 14.45 9.41 26.68
CA HIS A 131 13.00 9.75 26.64
C HIS A 131 12.56 10.28 28.01
N THR A 132 13.03 9.63 29.08
CA THR A 132 12.78 10.03 30.49
C THR A 132 13.39 11.42 30.75
N TRP A 133 14.64 11.60 30.36
CA TRP A 133 15.37 12.87 30.63
C TRP A 133 14.60 14.01 29.95
N LEU A 134 14.31 13.89 28.66
CA LEU A 134 13.72 15.02 27.89
C LEU A 134 12.39 15.43 28.49
N THR A 135 11.51 14.44 28.67
CA THR A 135 10.12 14.61 29.12
C THR A 135 10.09 15.05 30.60
N GLU A 136 11.08 14.69 31.41
CA GLU A 136 10.97 14.83 32.89
C GLU A 136 12.07 15.71 33.48
N GLU A 137 13.32 15.61 33.04
CA GLU A 137 14.44 16.31 33.72
C GLU A 137 14.93 17.51 32.89
N ALA A 138 14.86 17.45 31.56
CA ALA A 138 15.41 18.47 30.63
C ALA A 138 14.75 19.82 30.89
N ASP A 139 15.57 20.84 31.17
CA ASP A 139 15.12 22.25 31.33
C ASP A 139 15.16 22.94 29.97
N THR A 140 16.29 23.55 29.57
CA THR A 140 16.45 24.25 28.26
C THR A 140 17.51 23.56 27.40
N LEU A 141 17.43 23.80 26.08
CA LEU A 141 18.41 23.39 25.03
C LEU A 141 18.64 24.61 24.10
N SER A 142 19.06 25.71 24.73
CA SER A 142 19.08 27.08 24.15
C SER A 142 19.95 27.15 22.89
N THR A 143 21.02 26.33 22.80
CA THR A 143 22.01 26.35 21.70
C THR A 143 22.06 24.98 21.00
N LEU A 144 21.06 24.11 21.20
CA LEU A 144 20.90 22.88 20.38
C LEU A 144 20.45 23.22 18.94
N ARG A 145 21.18 22.75 17.92
CA ARG A 145 20.73 22.80 16.51
C ARG A 145 20.38 21.37 16.11
N TYR A 146 19.13 21.08 15.82
CA TYR A 146 18.66 19.68 15.70
C TYR A 146 17.80 19.51 14.44
N THR A 147 17.57 18.26 14.08
CA THR A 147 16.50 17.86 13.17
C THR A 147 16.14 16.40 13.45
N VAL A 148 14.95 15.98 13.06
CA VAL A 148 14.35 14.71 13.51
C VAL A 148 13.71 14.02 12.32
N PHE A 149 14.00 12.74 12.13
CA PHE A 149 13.21 11.86 11.24
C PHE A 149 12.69 10.72 12.11
N GLY A 150 11.38 10.50 12.09
CA GLY A 150 10.75 9.46 12.91
C GLY A 150 10.41 8.24 12.07
N LEU A 151 10.67 7.05 12.58
CA LEU A 151 10.25 5.78 11.90
C LEU A 151 9.02 5.28 12.64
N GLY A 152 7.95 5.06 11.90
CA GLY A 152 6.71 4.52 12.49
C GLY A 152 6.02 3.57 11.53
N ASN A 153 4.76 3.23 11.86
CA ASN A 153 3.87 2.39 11.03
C ASN A 153 2.44 2.84 11.31
N SER A 154 1.72 3.31 10.29
CA SER A 154 0.42 4.00 10.45
C SER A 154 -0.71 2.98 10.70
N THR A 155 -0.45 1.67 10.63
CA THR A 155 -1.44 0.66 11.10
C THR A 155 -1.50 0.69 12.62
N TYR A 156 -0.55 1.36 13.28
CA TYR A 156 -0.50 1.50 14.76
C TYR A 156 -1.15 2.84 15.15
N GLU A 157 -1.67 2.92 16.37
CA GLU A 157 -2.53 4.05 16.79
C GLU A 157 -1.64 5.29 16.98
N PHE A 158 -0.57 5.17 17.74
CA PHE A 158 0.29 6.33 18.11
C PHE A 158 1.39 6.49 17.04
N PHE A 159 0.95 6.82 15.82
CA PHE A 159 1.83 6.93 14.62
C PHE A 159 2.97 7.92 14.89
N ASN A 160 4.21 7.40 14.92
CA ASN A 160 5.45 8.20 15.01
C ASN A 160 5.34 9.13 16.22
N ALA A 161 4.76 8.64 17.31
CA ALA A 161 4.62 9.38 18.57
C ALA A 161 5.98 9.94 18.98
N ILE A 162 7.03 9.11 18.90
CA ILE A 162 8.37 9.44 19.47
C ILE A 162 9.06 10.50 18.58
N GLY A 163 8.99 10.33 17.25
CA GLY A 163 9.51 11.35 16.33
C GLY A 163 8.92 12.73 16.62
N ARG A 164 7.59 12.80 16.62
CA ARG A 164 6.83 14.07 16.79
C ARG A 164 7.10 14.68 18.17
N LYS A 165 6.93 13.89 19.24
CA LYS A 165 7.20 14.32 20.62
C LYS A 165 8.58 14.99 20.67
N PHE A 166 9.62 14.31 20.19
CA PHE A 166 11.04 14.75 20.29
C PHE A 166 11.20 16.07 19.56
N ASP A 167 10.77 16.10 18.29
CA ASP A 167 10.81 17.30 17.40
C ASP A 167 10.11 18.49 18.08
N ARG A 168 8.98 18.26 18.77
CA ARG A 168 8.21 19.29 19.51
C ARG A 168 8.95 19.71 20.79
N LEU A 169 9.19 18.78 21.71
CA LEU A 169 9.83 19.06 23.02
C LEU A 169 11.14 19.84 22.79
N LEU A 170 11.94 19.46 21.79
CA LEU A 170 13.31 20.03 21.58
C LEU A 170 13.19 21.51 21.18
N SER A 171 12.15 21.82 20.41
CA SER A 171 11.78 23.19 19.95
C SER A 171 11.25 24.00 21.12
N GLU A 172 10.34 23.42 21.92
CA GLU A 172 9.71 24.09 23.09
C GLU A 172 10.80 24.51 24.06
N LYS A 173 11.85 23.70 24.21
CA LYS A 173 12.92 23.94 25.20
C LYS A 173 14.05 24.79 24.59
N GLY A 174 13.85 25.37 23.41
CA GLY A 174 14.72 26.44 22.90
C GLY A 174 15.61 25.97 21.76
N GLY A 175 15.41 24.75 21.27
CA GLY A 175 16.23 24.19 20.18
C GLY A 175 15.91 24.88 18.88
N ASP A 176 16.88 24.90 17.96
CA ASP A 176 16.80 25.49 16.61
C ASP A 176 16.62 24.33 15.63
N ARG A 177 15.46 24.23 15.01
CA ARG A 177 15.16 23.14 14.05
C ARG A 177 15.68 23.60 12.69
N PHE A 178 16.87 23.13 12.27
CA PHE A 178 17.53 23.60 11.02
C PHE A 178 17.00 22.84 9.78
N ALA A 179 16.20 21.80 9.94
CA ALA A 179 15.62 21.06 8.79
C ALA A 179 14.27 20.46 9.18
N GLU A 180 13.26 20.65 8.33
CA GLU A 180 11.87 20.22 8.61
C GLU A 180 11.89 18.77 9.08
N TYR A 181 11.16 18.50 10.17
CA TYR A 181 10.68 17.17 10.59
C TYR A 181 10.11 16.42 9.39
N ALA A 182 10.43 15.13 9.25
CA ALA A 182 9.71 14.18 8.38
C ALA A 182 9.60 12.83 9.08
N GLU A 183 8.95 11.86 8.47
CA GLU A 183 8.70 10.57 9.16
C GLU A 183 8.36 9.50 8.14
N GLY A 184 8.55 8.24 8.54
CA GLY A 184 8.45 7.10 7.64
C GLY A 184 7.27 6.23 7.98
N ASP A 185 6.65 5.67 6.96
CA ASP A 185 5.50 4.77 7.14
C ASP A 185 5.94 3.37 6.70
N ASP A 186 6.33 2.56 7.68
CA ASP A 186 6.64 1.13 7.47
C ASP A 186 5.34 0.36 7.16
N GLY A 187 4.18 0.91 7.49
CA GLY A 187 2.87 0.27 7.24
C GLY A 187 2.53 0.21 5.76
N THR A 188 2.92 1.22 4.99
CA THR A 188 2.58 1.35 3.53
C THR A 188 3.77 0.92 2.64
N GLY A 189 4.90 0.55 3.24
CA GLY A 189 6.11 0.15 2.49
C GLY A 189 6.86 1.33 1.90
N THR A 190 6.58 2.56 2.31
CA THR A 190 7.21 3.80 1.78
C THR A 190 8.40 4.25 2.65
N LEU A 191 8.64 3.60 3.80
CA LEU A 191 9.64 4.02 4.83
C LEU A 191 10.95 4.46 4.16
N ASP A 192 11.48 3.66 3.22
CA ASP A 192 12.83 3.87 2.65
C ASP A 192 12.86 5.11 1.73
N GLU A 193 11.87 5.26 0.86
CA GLU A 193 11.71 6.51 0.06
C GLU A 193 11.38 7.69 1.00
N ASP A 194 10.71 7.44 2.13
CA ASP A 194 10.36 8.52 3.08
C ASP A 194 11.67 9.08 3.64
N PHE A 195 12.56 8.19 4.07
CA PHE A 195 13.87 8.60 4.65
C PHE A 195 14.66 9.32 3.55
N MET A 196 14.58 8.83 2.32
CA MET A 196 15.38 9.40 1.21
C MET A 196 14.92 10.83 0.96
N ALA A 197 13.61 11.07 0.88
CA ALA A 197 13.05 12.43 0.64
C ALA A 197 13.46 13.36 1.78
N TRP A 198 13.39 12.88 3.03
CA TRP A 198 13.79 13.71 4.19
C TRP A 198 15.25 14.16 4.00
N LYS A 199 16.14 13.21 3.72
CA LYS A 199 17.61 13.43 3.53
C LYS A 199 17.88 14.46 2.44
N ASP A 200 17.18 14.37 1.30
CA ASP A 200 17.24 15.39 0.21
C ASP A 200 16.92 16.76 0.79
N ASN A 201 15.84 16.88 1.58
CA ASN A 201 15.41 18.17 2.19
C ASN A 201 16.43 18.62 3.22
N VAL A 202 17.06 17.70 3.94
CA VAL A 202 18.13 18.05 4.90
C VAL A 202 19.36 18.57 4.10
N PHE A 203 19.60 18.07 2.89
CA PHE A 203 20.75 18.55 2.08
C PHE A 203 20.44 19.94 1.54
N ASP A 204 19.21 20.16 1.07
CA ASP A 204 18.67 21.49 0.67
C ASP A 204 18.95 22.49 1.80
N ALA A 205 18.52 22.17 3.02
CA ALA A 205 18.67 23.02 4.22
C ALA A 205 20.14 23.37 4.44
N LEU A 206 21.03 22.37 4.40
CA LEU A 206 22.48 22.55 4.67
C LEU A 206 23.09 23.46 3.59
N LYS A 207 22.89 23.13 2.32
CA LYS A 207 23.41 23.88 1.15
C LYS A 207 22.84 25.32 1.14
N ASN A 208 21.53 25.48 1.30
CA ASN A 208 20.79 26.73 0.95
C ASN A 208 20.46 27.58 2.19
N ASP A 209 20.33 26.99 3.38
CA ASP A 209 20.02 27.77 4.62
C ASP A 209 21.28 27.94 5.48
N LEU A 210 22.09 26.90 5.65
CA LEU A 210 23.35 26.97 6.43
C LEU A 210 24.53 27.29 5.51
N ASN A 211 24.27 27.32 4.19
CA ASN A 211 25.24 27.84 3.19
C ASN A 211 26.50 26.97 3.21
N PHE A 212 26.33 25.67 2.98
CA PHE A 212 27.39 24.62 2.92
C PHE A 212 27.63 24.24 1.45
N GLU A 213 28.90 24.08 1.07
CA GLU A 213 29.35 23.61 -0.26
C GLU A 213 29.05 22.11 -0.34
N GLU A 214 28.29 21.67 -1.34
CA GLU A 214 27.90 20.25 -1.51
C GLU A 214 28.80 19.63 -2.58
N LYS A 215 29.58 18.60 -2.20
CA LYS A 215 30.39 17.79 -3.15
C LYS A 215 29.64 16.48 -3.39
N GLU A 216 29.91 15.84 -4.54
CA GLU A 216 29.29 14.56 -4.93
C GLU A 216 29.59 13.49 -3.88
N LEU A 217 28.74 12.47 -3.78
CA LEU A 217 28.98 11.31 -2.89
C LEU A 217 30.15 10.52 -3.48
N LYS A 218 31.09 10.14 -2.62
CA LYS A 218 32.22 9.21 -2.90
C LYS A 218 32.42 8.34 -1.65
N TYR A 219 32.77 7.06 -1.83
CA TYR A 219 33.08 6.11 -0.73
C TYR A 219 34.35 6.59 -0.04
N GLU A 220 34.24 6.89 1.25
CA GLU A 220 35.37 7.31 2.14
C GLU A 220 35.42 6.29 3.27
N PRO A 221 36.19 5.21 3.09
CA PRO A 221 36.20 4.10 4.05
C PRO A 221 36.49 4.54 5.50
N ASN A 222 35.77 3.98 6.46
CA ASN A 222 35.97 4.18 7.93
C ASN A 222 36.71 2.96 8.49
N VAL A 223 37.04 2.00 7.62
CA VAL A 223 37.64 0.71 8.03
C VAL A 223 38.58 0.22 6.91
N LYS A 224 39.70 -0.39 7.31
CA LYS A 224 40.70 -0.98 6.37
C LYS A 224 40.79 -2.49 6.63
N LEU A 225 40.76 -3.24 5.52
CA LEU A 225 40.83 -4.71 5.45
C LEU A 225 42.23 -5.12 5.01
N THR A 226 42.78 -6.16 5.63
CA THR A 226 44.07 -6.81 5.25
C THR A 226 43.89 -8.33 5.24
N GLU A 227 44.03 -8.96 4.08
CA GLU A 227 43.95 -10.44 3.99
C GLU A 227 45.13 -11.03 4.77
N ARG A 228 44.93 -12.10 5.53
CA ARG A 228 46.00 -12.77 6.30
C ARG A 228 46.14 -14.18 5.72
N ASP A 229 47.00 -14.33 4.71
CA ASP A 229 47.30 -15.62 4.07
C ASP A 229 48.06 -16.49 5.08
N ASP A 230 48.68 -15.86 6.06
CA ASP A 230 49.43 -16.56 7.15
C ASP A 230 48.46 -17.12 8.19
N LEU A 231 47.15 -16.85 8.06
CA LEU A 231 46.10 -17.28 9.02
C LEU A 231 45.07 -18.17 8.31
N SER A 232 44.54 -19.17 9.02
CA SER A 232 43.53 -20.12 8.50
C SER A 232 42.52 -20.51 9.60
N ALA A 233 41.50 -21.31 9.28
CA ALA A 233 40.53 -21.83 10.27
C ALA A 233 41.27 -22.53 11.42
N ALA A 234 42.45 -23.10 11.17
CA ALA A 234 43.29 -23.79 12.19
C ALA A 234 43.57 -22.85 13.34
N ASP A 235 43.80 -21.55 13.05
CA ASP A 235 44.15 -20.54 14.09
C ASP A 235 42.90 -20.26 14.94
N SER A 236 43.02 -20.38 16.27
CA SER A 236 41.92 -20.26 17.27
C SER A 236 41.47 -18.79 17.40
N GLN A 237 42.42 -17.86 17.29
CA GLN A 237 42.20 -16.39 17.21
C GLN A 237 41.20 -16.00 16.10
N VAL A 238 41.07 -16.80 15.01
CA VAL A 238 40.26 -16.46 13.80
C VAL A 238 38.80 -16.85 14.03
N SER A 239 37.85 -15.92 13.82
CA SER A 239 36.38 -16.13 13.98
C SER A 239 35.86 -16.93 12.78
N LEU A 240 35.13 -18.00 13.03
CA LEU A 240 34.40 -18.71 11.95
C LEU A 240 32.92 -18.31 12.03
N GLY A 241 32.62 -17.25 12.79
CA GLY A 241 31.31 -16.57 12.81
C GLY A 241 30.64 -16.66 14.17
N GLU A 242 31.39 -17.00 15.22
CA GLU A 242 30.86 -17.00 16.60
C GLU A 242 30.15 -15.67 16.85
N PRO A 243 29.09 -15.69 17.68
CA PRO A 243 28.32 -14.49 18.03
C PRO A 243 29.11 -13.27 18.53
N ASN A 244 30.17 -13.47 19.33
CA ASN A 244 31.06 -12.38 19.80
C ASN A 244 32.44 -12.95 20.21
N LYS A 245 33.37 -12.08 20.62
CA LYS A 245 34.80 -12.42 20.91
C LYS A 245 34.90 -13.30 22.18
N LYS A 246 33.91 -13.22 23.06
CA LYS A 246 33.84 -14.08 24.29
C LYS A 246 33.56 -15.53 23.91
N TYR A 247 33.05 -15.82 22.72
CA TYR A 247 32.79 -17.20 22.22
C TYR A 247 33.99 -17.74 21.41
N ILE A 248 35.03 -16.92 21.17
CA ILE A 248 36.17 -17.27 20.26
C ILE A 248 37.36 -17.84 21.05
N ASN A 249 37.78 -17.22 22.15
CA ASN A 249 38.81 -17.78 23.06
C ASN A 249 38.15 -18.80 24.00
N SER A 250 37.76 -18.34 25.20
CA SER A 250 36.77 -18.96 26.13
C SER A 250 37.19 -20.38 26.54
N GLU A 251 38.34 -20.50 27.23
CA GLU A 251 38.82 -21.78 27.83
C GLU A 251 38.49 -21.81 29.32
N GLY A 252 38.78 -20.73 30.05
CA GLY A 252 38.55 -20.59 31.50
C GLY A 252 37.38 -19.67 31.82
N ILE A 253 36.28 -19.80 31.08
CA ILE A 253 35.04 -18.95 31.23
C ILE A 253 33.80 -19.84 31.10
N ASP A 254 32.74 -19.53 31.87
CA ASP A 254 31.44 -20.25 31.85
C ASP A 254 30.47 -19.43 30.98
N LEU A 255 30.17 -19.95 29.80
CA LEU A 255 29.35 -19.25 28.78
C LEU A 255 27.85 -19.50 29.06
N THR A 256 27.54 -20.17 30.19
CA THR A 256 26.18 -20.54 30.64
C THR A 256 25.72 -19.57 31.74
N LYS A 257 26.65 -18.86 32.37
CA LYS A 257 26.34 -17.77 33.33
C LYS A 257 26.19 -16.50 32.51
N GLY A 258 25.11 -15.75 32.70
CA GLY A 258 24.82 -14.53 31.93
C GLY A 258 25.68 -13.39 32.44
N PRO A 259 25.17 -12.14 32.51
CA PRO A 259 23.93 -11.74 31.83
C PRO A 259 23.99 -11.88 30.30
N PHE A 260 22.84 -12.19 29.68
CA PHE A 260 22.65 -12.35 28.21
C PHE A 260 21.77 -11.21 27.70
N ASP A 261 22.17 -10.56 26.62
CA ASP A 261 21.45 -9.40 26.04
C ASP A 261 21.76 -9.37 24.54
N HIS A 262 21.44 -8.26 23.86
CA HIS A 262 21.70 -8.05 22.41
C HIS A 262 23.20 -8.13 22.09
N THR A 263 24.11 -7.97 23.06
CA THR A 263 25.58 -8.06 22.81
C THR A 263 26.05 -9.49 23.07
N HIS A 264 25.36 -10.27 23.90
CA HIS A 264 25.87 -11.58 24.38
C HIS A 264 24.75 -12.62 24.47
N PRO A 265 24.54 -13.46 23.44
CA PRO A 265 23.53 -14.51 23.51
C PRO A 265 24.00 -15.72 24.33
N TYR A 266 23.04 -16.52 24.78
CA TYR A 266 23.25 -17.89 25.30
C TYR A 266 23.07 -18.81 24.10
N LEU A 267 23.91 -19.84 23.96
CA LEU A 267 23.71 -20.92 22.96
C LEU A 267 22.73 -21.94 23.54
N ALA A 268 21.47 -21.91 23.11
CA ALA A 268 20.38 -22.71 23.70
C ALA A 268 20.07 -23.88 22.79
N ARG A 269 20.06 -25.07 23.37
CA ARG A 269 19.83 -26.34 22.63
C ARG A 269 18.33 -26.51 22.38
N ILE A 270 17.94 -26.62 21.11
CA ILE A 270 16.55 -26.96 20.72
C ILE A 270 16.35 -28.45 20.99
N THR A 271 15.60 -28.79 22.06
CA THR A 271 15.38 -30.19 22.51
C THR A 271 14.17 -30.78 21.78
N GLU A 272 13.33 -29.97 21.16
CA GLU A 272 12.12 -30.50 20.47
C GLU A 272 11.59 -29.45 19.47
N THR A 273 11.14 -29.95 18.32
CA THR A 273 10.45 -29.19 17.27
C THR A 273 9.32 -30.08 16.73
N ARG A 274 8.19 -29.47 16.36
CA ARG A 274 7.14 -30.13 15.54
C ARG A 274 6.52 -29.10 14.61
N GLU A 275 6.13 -29.57 13.42
CA GLU A 275 5.29 -28.86 12.45
C GLU A 275 3.87 -28.80 13.04
N LEU A 276 3.26 -27.63 13.12
CA LEU A 276 1.93 -27.46 13.78
C LEU A 276 0.81 -27.45 12.75
N PHE A 277 1.06 -27.10 11.47
CA PHE A 277 0.06 -27.10 10.37
C PHE A 277 0.06 -28.45 9.65
N SER A 278 -1.05 -28.76 8.99
CA SER A 278 -1.25 -30.00 8.20
C SER A 278 -1.06 -29.73 6.71
N SER A 279 -0.90 -28.47 6.33
CA SER A 279 -0.78 -28.07 4.91
C SER A 279 0.65 -28.32 4.43
N LYS A 280 0.80 -28.80 3.19
CA LYS A 280 2.09 -29.08 2.53
C LYS A 280 2.82 -27.79 2.13
N GLU A 281 2.13 -26.70 1.92
CA GLU A 281 2.71 -25.49 1.28
C GLU A 281 2.99 -24.41 2.33
N ARG A 282 2.36 -24.51 3.52
CA ARG A 282 2.41 -23.49 4.61
C ARG A 282 2.87 -24.20 5.89
N HIS A 283 3.73 -23.59 6.70
CA HIS A 283 4.37 -24.26 7.88
C HIS A 283 4.46 -23.32 9.09
N CYS A 284 4.33 -23.92 10.27
CA CYS A 284 4.48 -23.25 11.57
C CYS A 284 5.20 -24.22 12.49
N ILE A 285 6.27 -23.75 13.10
CA ILE A 285 7.19 -24.63 13.86
C ILE A 285 7.02 -24.32 15.36
N HIS A 286 6.69 -25.32 16.13
CA HIS A 286 6.76 -25.28 17.61
C HIS A 286 8.21 -25.58 17.99
N VAL A 287 8.86 -24.65 18.68
CA VAL A 287 10.28 -24.80 19.09
C VAL A 287 10.33 -24.90 20.61
N GLU A 288 11.09 -25.89 21.13
CA GLU A 288 11.45 -26.03 22.57
C GLU A 288 12.96 -25.80 22.74
N PHE A 289 13.36 -24.70 23.38
CA PHE A 289 14.75 -24.40 23.82
C PHE A 289 14.91 -24.84 25.29
N ASP A 290 15.98 -25.58 25.61
CA ASP A 290 16.33 -25.98 27.01
C ASP A 290 17.34 -24.98 27.57
N ILE A 291 16.99 -24.29 28.64
CA ILE A 291 17.83 -23.22 29.27
C ILE A 291 18.20 -23.66 30.68
N SER A 292 18.00 -24.96 31.01
CA SER A 292 18.14 -25.52 32.39
C SER A 292 19.60 -25.45 32.88
N GLU A 293 20.59 -25.56 31.99
CA GLU A 293 22.03 -25.48 32.33
C GLU A 293 22.54 -24.03 32.20
N SER A 294 21.68 -23.02 32.41
CA SER A 294 22.02 -21.59 32.22
C SER A 294 21.34 -20.69 33.25
N ASN A 295 21.74 -19.42 33.25
CA ASN A 295 21.19 -18.31 34.08
C ASN A 295 20.20 -17.46 33.29
N LEU A 296 19.95 -17.81 32.03
CA LEU A 296 18.90 -17.17 31.20
C LEU A 296 17.56 -17.38 31.92
N LYS A 297 16.86 -16.29 32.24
CA LYS A 297 15.50 -16.37 32.84
C LYS A 297 14.50 -15.58 31.98
N TYR A 298 13.27 -16.05 31.92
CA TYR A 298 12.16 -15.31 31.29
C TYR A 298 10.96 -15.28 32.22
N THR A 299 10.10 -14.29 32.01
CA THR A 299 8.73 -14.23 32.57
C THR A 299 7.70 -14.40 31.44
N THR A 300 6.64 -15.18 31.72
CA THR A 300 5.45 -15.34 30.85
C THR A 300 5.18 -14.01 30.16
N GLY A 301 4.99 -14.02 28.85
CA GLY A 301 4.71 -12.80 28.08
C GLY A 301 5.95 -12.10 27.55
N ASP A 302 7.16 -12.52 27.95
CA ASP A 302 8.43 -11.95 27.42
C ASP A 302 8.69 -12.39 25.96
N HIS A 303 9.63 -11.71 25.29
CA HIS A 303 10.08 -12.04 23.92
C HIS A 303 11.42 -12.83 23.98
N LEU A 304 11.57 -13.84 23.12
CA LEU A 304 12.88 -14.46 22.78
C LEU A 304 13.42 -13.80 21.51
N ALA A 305 14.65 -13.28 21.55
CA ALA A 305 15.43 -12.86 20.36
C ALA A 305 16.26 -14.04 19.83
N ILE A 306 16.06 -14.44 18.58
CA ILE A 306 16.82 -15.55 17.93
C ILE A 306 17.82 -14.93 16.95
N TRP A 307 19.09 -15.20 17.15
CA TRP A 307 20.20 -14.70 16.30
C TRP A 307 20.30 -15.57 15.04
N PRO A 308 20.21 -14.97 13.85
CA PRO A 308 20.21 -15.75 12.63
C PRO A 308 21.62 -16.05 12.06
N SER A 309 21.64 -17.03 11.16
CA SER A 309 22.66 -17.19 10.10
C SER A 309 21.94 -17.25 8.75
N ASN A 310 22.63 -16.81 7.69
CA ASN A 310 22.06 -16.70 6.32
C ASN A 310 22.03 -18.10 5.67
N SER A 311 21.25 -18.22 4.59
CA SER A 311 21.05 -19.49 3.86
C SER A 311 22.20 -19.73 2.88
N ASP A 312 22.47 -21.01 2.57
CA ASP A 312 23.50 -21.41 1.58
C ASP A 312 23.16 -20.69 0.28
N GLU A 313 21.91 -20.81 -0.15
CA GLU A 313 21.43 -20.29 -1.46
C GLU A 313 21.77 -18.79 -1.55
N ASN A 314 21.55 -18.04 -0.47
CA ASN A 314 21.71 -16.57 -0.43
C ASN A 314 23.20 -16.22 -0.47
N ILE A 315 23.99 -16.90 0.35
CA ILE A 315 25.46 -16.72 0.46
C ILE A 315 26.11 -16.95 -0.91
N LYS A 316 25.71 -18.03 -1.61
CA LYS A 316 26.23 -18.39 -2.96
C LYS A 316 26.04 -17.21 -3.91
N GLN A 317 24.80 -16.70 -4.03
CA GLN A 317 24.42 -15.60 -4.96
C GLN A 317 25.21 -14.33 -4.59
N PHE A 318 25.40 -14.08 -3.29
CA PHE A 318 26.20 -12.92 -2.81
C PHE A 318 27.63 -13.08 -3.30
N ALA A 319 28.27 -14.21 -2.96
CA ALA A 319 29.70 -14.48 -3.24
C ALA A 319 29.94 -14.42 -4.75
N LYS A 320 29.06 -15.04 -5.53
CA LYS A 320 29.05 -14.93 -7.01
C LYS A 320 29.02 -13.46 -7.40
N CYS A 321 28.02 -12.72 -6.90
CA CYS A 321 27.73 -11.33 -7.33
C CYS A 321 29.00 -10.47 -7.24
N PHE A 322 29.80 -10.68 -6.20
CA PHE A 322 30.99 -9.84 -5.91
C PHE A 322 32.31 -10.59 -6.20
N GLY A 323 32.27 -11.69 -6.96
CA GLY A 323 33.41 -12.60 -7.16
C GLY A 323 34.19 -12.84 -5.88
N LEU A 324 33.59 -13.44 -4.83
CA LEU A 324 34.30 -13.85 -3.59
C LEU A 324 34.23 -15.36 -3.39
N GLU A 325 33.73 -16.11 -4.37
CA GLU A 325 33.44 -17.56 -4.19
C GLU A 325 34.73 -18.37 -4.01
N ASP A 326 35.90 -17.82 -4.34
CA ASP A 326 37.20 -18.50 -4.09
C ASP A 326 37.84 -17.99 -2.80
N LYS A 327 37.23 -17.01 -2.11
CA LYS A 327 37.86 -16.26 -1.01
C LYS A 327 37.19 -16.56 0.35
N LEU A 328 36.21 -17.46 0.41
CA LEU A 328 35.33 -17.56 1.62
C LEU A 328 36.10 -18.13 2.82
N ASP A 329 37.22 -18.84 2.60
CA ASP A 329 38.08 -19.34 3.69
C ASP A 329 39.26 -18.38 3.94
N THR A 330 39.42 -17.35 3.13
CA THR A 330 40.49 -16.34 3.32
C THR A 330 40.17 -15.54 4.59
N VAL A 331 41.13 -15.42 5.48
CA VAL A 331 40.97 -14.66 6.73
C VAL A 331 41.26 -13.20 6.39
N ILE A 332 40.47 -12.28 6.96
CA ILE A 332 40.72 -10.82 6.95
C ILE A 332 40.81 -10.33 8.40
N GLU A 333 41.59 -9.27 8.59
CA GLU A 333 41.63 -8.44 9.80
C GLU A 333 41.18 -7.03 9.40
N LEU A 334 40.31 -6.43 10.22
CA LEU A 334 39.74 -5.08 10.03
C LEU A 334 40.43 -4.12 11.01
N LYS A 335 40.82 -2.95 10.53
CA LYS A 335 41.38 -1.86 11.36
C LYS A 335 40.55 -0.60 11.12
N ALA A 336 40.01 -0.01 12.19
CA ALA A 336 39.20 1.22 12.14
C ALA A 336 40.09 2.36 11.64
N LEU A 337 39.56 3.21 10.75
CA LEU A 337 40.23 4.44 10.25
C LEU A 337 39.63 5.67 10.93
N ASP A 338 38.50 5.54 11.61
CA ASP A 338 37.84 6.66 12.33
C ASP A 338 37.84 6.30 13.81
N SER A 339 38.00 7.30 14.67
CA SER A 339 38.11 7.11 16.15
C SER A 339 36.79 6.64 16.77
N THR A 340 35.64 6.86 16.11
CA THR A 340 34.29 6.58 16.66
C THR A 340 33.66 5.39 15.93
N TYR A 341 34.28 4.87 14.88
CA TYR A 341 33.81 3.64 14.17
C TYR A 341 34.19 2.42 15.00
N THR A 342 33.18 1.70 15.49
CA THR A 342 33.27 0.32 16.01
C THR A 342 33.23 -0.66 14.84
N ILE A 343 34.17 -1.61 14.79
CA ILE A 343 34.12 -2.75 13.84
C ILE A 343 32.99 -3.66 14.31
N PRO A 344 32.00 -3.96 13.45
CA PRO A 344 30.75 -4.57 13.88
C PRO A 344 30.74 -6.08 14.15
N PHE A 345 31.88 -6.77 14.02
CA PHE A 345 32.00 -8.22 14.34
C PHE A 345 33.41 -8.48 14.87
N PRO A 346 33.71 -9.70 15.38
CA PRO A 346 35.07 -10.05 15.76
C PRO A 346 36.04 -10.09 14.55
N THR A 347 37.29 -9.69 14.81
CA THR A 347 38.42 -9.66 13.84
C THR A 347 39.61 -10.32 14.51
N PRO A 348 40.42 -11.15 13.80
CA PRO A 348 40.19 -11.48 12.41
C PRO A 348 39.12 -12.57 12.23
N ILE A 349 38.71 -12.73 10.97
CA ILE A 349 37.50 -13.47 10.58
C ILE A 349 37.64 -13.81 9.09
N THR A 350 36.99 -14.89 8.62
CA THR A 350 36.95 -15.25 7.18
C THR A 350 35.86 -14.43 6.48
N TYR A 351 36.03 -14.16 5.18
CA TYR A 351 34.97 -13.57 4.34
C TYR A 351 33.67 -14.36 4.57
N GLY A 352 33.70 -15.69 4.51
CA GLY A 352 32.48 -16.49 4.56
C GLY A 352 31.77 -16.35 5.90
N ALA A 353 32.50 -16.12 6.96
CA ALA A 353 31.90 -15.99 8.30
C ALA A 353 31.17 -14.65 8.37
N VAL A 354 31.76 -13.58 7.83
CA VAL A 354 31.12 -12.25 7.76
C VAL A 354 29.78 -12.44 7.05
N ILE A 355 29.77 -13.11 5.89
CA ILE A 355 28.58 -13.17 5.01
C ILE A 355 27.55 -14.08 5.69
N ARG A 356 27.98 -15.22 6.21
CA ARG A 356 26.99 -16.19 6.75
C ARG A 356 26.37 -15.65 8.06
N HIS A 357 27.12 -14.97 8.93
CA HIS A 357 26.78 -14.80 10.36
C HIS A 357 26.68 -13.34 10.78
N HIS A 358 27.01 -12.36 9.93
CA HIS A 358 27.07 -10.93 10.33
C HIS A 358 26.41 -9.95 9.36
N LEU A 359 26.11 -10.31 8.11
CA LEU A 359 25.58 -9.34 7.11
C LEU A 359 24.14 -9.69 6.75
N GLU A 360 23.25 -8.70 6.83
CA GLU A 360 21.85 -8.79 6.35
C GLU A 360 21.85 -8.70 4.83
N ILE A 361 22.19 -9.81 4.16
CA ILE A 361 22.38 -9.89 2.69
C ILE A 361 21.02 -10.04 2.03
N SER A 362 20.04 -10.61 2.74
CA SER A 362 18.65 -10.76 2.24
C SER A 362 17.80 -9.61 2.75
N GLY A 363 16.76 -9.28 1.99
CA GLY A 363 15.84 -8.18 2.34
C GLY A 363 15.68 -7.23 1.16
N PRO A 364 14.65 -6.35 1.22
CA PRO A 364 14.48 -5.32 0.21
C PRO A 364 15.74 -4.46 0.04
N VAL A 365 16.04 -4.08 -1.19
CA VAL A 365 17.27 -3.29 -1.51
C VAL A 365 16.92 -1.81 -1.46
N SER A 366 17.57 -1.06 -0.60
CA SER A 366 17.46 0.42 -0.58
C SER A 366 17.92 1.02 -1.92
N ARG A 367 17.19 1.98 -2.48
CA ARG A 367 17.67 2.73 -3.66
C ARG A 367 18.96 3.48 -3.29
N GLN A 368 19.12 3.90 -2.05
CA GLN A 368 20.34 4.59 -1.56
C GLN A 368 21.57 3.70 -1.74
N PHE A 369 21.38 2.39 -1.64
CA PHE A 369 22.46 1.38 -1.83
C PHE A 369 22.96 1.48 -3.28
N PHE A 370 22.05 1.52 -4.25
CA PHE A 370 22.40 1.69 -5.69
C PHE A 370 23.20 2.96 -5.90
N LEU A 371 22.82 4.06 -5.22
CA LEU A 371 23.50 5.37 -5.37
C LEU A 371 24.88 5.32 -4.72
N SER A 372 25.09 4.48 -3.72
CA SER A 372 26.36 4.46 -2.95
C SER A 372 27.41 3.58 -3.64
N ILE A 373 26.97 2.54 -4.35
CA ILE A 373 27.85 1.49 -4.95
C ILE A 373 28.03 1.75 -6.45
N ALA A 374 27.24 2.64 -7.05
CA ALA A 374 27.20 2.85 -8.52
C ALA A 374 28.64 3.11 -9.04
N GLY A 375 29.44 3.84 -8.27
CA GLY A 375 30.83 4.14 -8.63
C GLY A 375 31.62 2.89 -9.00
N PHE A 376 31.31 1.75 -8.35
CA PHE A 376 32.01 0.46 -8.50
C PHE A 376 31.37 -0.46 -9.56
N ALA A 377 30.47 0.05 -10.41
CA ALA A 377 29.81 -0.74 -11.49
C ALA A 377 30.88 -1.35 -12.39
N PRO A 378 30.78 -2.64 -12.79
CA PRO A 378 31.88 -3.32 -13.46
C PRO A 378 32.28 -2.65 -14.80
N ASP A 379 31.31 -2.26 -15.63
CA ASP A 379 31.54 -1.70 -16.98
C ASP A 379 30.58 -0.52 -17.22
N GLU A 380 30.58 0.05 -18.42
CA GLU A 380 29.88 1.33 -18.71
C GLU A 380 28.41 1.07 -19.06
N GLU A 381 28.09 -0.08 -19.65
CA GLU A 381 26.70 -0.53 -19.92
C GLU A 381 25.95 -0.74 -18.60
N THR A 382 26.65 -1.28 -17.60
CA THR A 382 26.12 -1.44 -16.23
C THR A 382 25.89 -0.05 -15.64
N LYS A 383 26.91 0.80 -15.68
CA LYS A 383 26.87 2.15 -15.09
C LYS A 383 25.63 2.88 -15.62
N LYS A 384 25.33 2.75 -16.91
CA LYS A 384 24.21 3.49 -17.57
C LYS A 384 22.89 3.00 -16.99
N THR A 385 22.70 1.68 -16.96
CA THR A 385 21.50 1.01 -16.38
C THR A 385 21.36 1.38 -14.91
N PHE A 386 22.48 1.36 -14.20
CA PHE A 386 22.49 1.41 -12.72
C PHE A 386 22.22 2.84 -12.23
N THR A 387 22.86 3.87 -12.82
CA THR A 387 22.62 5.27 -12.39
C THR A 387 21.19 5.66 -12.80
N ARG A 388 20.66 5.11 -13.90
CA ARG A 388 19.25 5.35 -14.32
C ARG A 388 18.28 4.70 -13.31
N LEU A 389 18.49 3.43 -12.94
CA LEU A 389 17.66 2.74 -11.92
C LEU A 389 17.75 3.49 -10.58
N GLY A 390 18.95 3.90 -10.20
CA GLY A 390 19.22 4.55 -8.90
C GLY A 390 18.61 5.94 -8.83
N GLY A 391 18.41 6.57 -9.99
CA GLY A 391 17.90 7.96 -10.09
C GLY A 391 16.39 8.05 -10.24
N ASP A 392 15.69 6.92 -10.45
CA ASP A 392 14.24 6.91 -10.78
C ASP A 392 13.49 6.04 -9.77
N LYS A 393 12.70 6.71 -8.94
CA LYS A 393 11.99 6.15 -7.78
C LYS A 393 11.03 5.05 -8.23
N GLN A 394 10.24 5.32 -9.27
CA GLN A 394 9.15 4.42 -9.76
C GLN A 394 9.77 3.24 -10.49
N GLU A 395 10.75 3.50 -11.35
CA GLU A 395 11.37 2.42 -12.15
C GLU A 395 12.15 1.50 -11.21
N PHE A 396 12.80 2.05 -10.19
CA PHE A 396 13.48 1.23 -9.15
C PHE A 396 12.45 0.30 -8.47
N ALA A 397 11.27 0.81 -8.11
CA ALA A 397 10.21 0.07 -7.40
C ALA A 397 9.74 -1.12 -8.25
N THR A 398 9.57 -0.87 -9.55
CA THR A 398 8.97 -1.82 -10.52
C THR A 398 9.98 -2.93 -10.82
N LYS A 399 11.26 -2.58 -11.01
CA LYS A 399 12.33 -3.50 -11.52
C LYS A 399 13.15 -4.14 -10.37
N VAL A 400 13.18 -3.57 -9.16
CA VAL A 400 13.96 -4.11 -8.02
C VAL A 400 13.01 -4.50 -6.90
N THR A 401 12.31 -3.53 -6.31
CA THR A 401 11.54 -3.73 -5.06
C THR A 401 10.45 -4.75 -5.31
N ARG A 402 9.64 -4.60 -6.35
CA ARG A 402 8.39 -5.39 -6.47
C ARG A 402 8.74 -6.83 -6.90
N ARG A 403 9.93 -7.04 -7.47
CA ARG A 403 10.41 -8.37 -7.91
C ARG A 403 11.01 -9.12 -6.72
N LYS A 404 11.28 -8.40 -5.63
CA LYS A 404 11.78 -8.94 -4.34
C LYS A 404 13.22 -9.46 -4.52
N PHE A 405 14.01 -8.78 -5.34
CA PHE A 405 15.47 -9.02 -5.48
C PHE A 405 16.17 -8.74 -4.14
N ASN A 406 17.10 -9.62 -3.77
CA ASN A 406 18.18 -9.33 -2.79
C ASN A 406 19.24 -8.50 -3.53
N ILE A 407 20.13 -7.84 -2.76
CA ILE A 407 21.25 -7.01 -3.30
C ILE A 407 21.88 -7.75 -4.49
N ALA A 408 22.27 -9.00 -4.25
CA ALA A 408 22.95 -9.91 -5.22
C ALA A 408 22.18 -9.98 -6.55
N ASP A 409 20.88 -10.25 -6.51
CA ASP A 409 20.02 -10.44 -7.71
C ASP A 409 19.87 -9.10 -8.44
N ALA A 410 19.84 -7.98 -7.69
CA ALA A 410 19.59 -6.62 -8.22
C ALA A 410 20.82 -6.15 -8.99
N LEU A 411 22.00 -6.35 -8.41
CA LEU A 411 23.27 -5.94 -9.07
C LEU A 411 23.51 -6.85 -10.27
N LEU A 412 23.15 -8.14 -10.17
CA LEU A 412 23.42 -9.13 -11.24
C LEU A 412 22.45 -8.88 -12.40
N TYR A 413 21.19 -8.52 -12.09
CA TYR A 413 20.24 -8.00 -13.11
C TYR A 413 20.90 -6.80 -13.81
N SER A 414 21.40 -5.80 -13.08
CA SER A 414 21.85 -4.49 -13.65
C SER A 414 23.02 -4.72 -14.60
N SER A 415 23.96 -5.59 -14.20
CA SER A 415 25.25 -5.87 -14.90
C SER A 415 25.12 -7.01 -15.92
N ASN A 416 23.91 -7.52 -16.19
CA ASN A 416 23.69 -8.69 -17.08
C ASN A 416 24.59 -9.87 -16.65
N ASN A 417 24.74 -10.09 -15.34
CA ASN A 417 25.45 -11.25 -14.72
C ASN A 417 26.98 -11.11 -14.73
N THR A 418 27.51 -9.93 -15.08
CA THR A 418 28.92 -9.58 -14.83
C THR A 418 29.11 -9.45 -13.32
N PRO A 419 30.09 -10.13 -12.70
CA PRO A 419 30.44 -9.91 -11.30
C PRO A 419 30.89 -8.48 -10.98
N TRP A 420 30.49 -7.95 -9.83
CA TRP A 420 30.87 -6.60 -9.33
C TRP A 420 32.20 -6.72 -8.57
N SER A 421 33.24 -7.15 -9.30
CA SER A 421 34.62 -7.49 -8.87
C SER A 421 35.29 -6.33 -8.13
N ASP A 422 35.07 -5.08 -8.56
CA ASP A 422 35.82 -3.89 -8.07
C ASP A 422 35.25 -3.33 -6.75
N VAL A 423 34.19 -3.94 -6.19
CA VAL A 423 33.53 -3.47 -4.94
C VAL A 423 34.44 -3.85 -3.77
N PRO A 424 35.13 -2.92 -3.09
CA PRO A 424 35.93 -3.29 -1.92
C PRO A 424 34.99 -3.93 -0.90
N PHE A 425 35.37 -5.05 -0.29
CA PHE A 425 34.54 -5.74 0.73
C PHE A 425 34.26 -4.78 1.90
N GLU A 426 35.15 -3.81 2.12
CA GLU A 426 35.01 -2.78 3.19
C GLU A 426 33.72 -1.99 2.97
N PHE A 427 33.45 -1.61 1.73
CA PHE A 427 32.20 -0.89 1.35
C PHE A 427 31.01 -1.73 1.81
N LEU A 428 31.04 -3.03 1.56
CA LEU A 428 29.93 -3.96 1.90
C LEU A 428 29.74 -3.98 3.42
N ILE A 429 30.84 -4.04 4.17
CA ILE A 429 30.82 -4.12 5.66
C ILE A 429 30.13 -2.87 6.26
N GLU A 430 30.25 -1.70 5.62
CA GLU A 430 29.70 -0.42 6.12
C GLU A 430 28.24 -0.22 5.64
N ASN A 431 27.93 -0.70 4.44
CA ASN A 431 26.73 -0.28 3.67
C ASN A 431 25.66 -1.38 3.67
N ILE A 432 25.91 -2.50 4.37
CA ILE A 432 24.90 -3.56 4.60
C ILE A 432 24.78 -3.70 6.11
N GLN A 433 23.55 -3.59 6.61
CA GLN A 433 23.27 -3.56 8.06
C GLN A 433 23.67 -4.89 8.70
N HIS A 434 24.07 -4.82 9.97
CA HIS A 434 24.32 -6.00 10.83
C HIS A 434 23.08 -6.90 10.76
N LEU A 435 23.30 -8.20 10.61
CA LEU A 435 22.28 -9.27 10.75
C LEU A 435 21.73 -9.18 12.18
N THR A 436 20.48 -8.72 12.36
CA THR A 436 19.85 -8.48 13.69
C THR A 436 18.92 -9.63 14.10
N PRO A 437 18.73 -9.85 15.41
CA PRO A 437 17.84 -10.90 15.91
C PRO A 437 16.35 -10.65 15.63
N ARG A 438 15.61 -11.72 15.35
CA ARG A 438 14.15 -11.69 15.19
C ARG A 438 13.56 -12.02 16.56
N TYR A 439 12.51 -11.28 16.93
CA TYR A 439 11.77 -11.43 18.21
C TYR A 439 10.60 -12.41 18.01
N TYR A 440 10.41 -13.27 18.99
CA TYR A 440 9.25 -14.20 19.09
C TYR A 440 8.60 -14.05 20.49
N SER A 441 7.27 -14.01 20.51
CA SER A 441 6.46 -14.07 21.75
C SER A 441 6.64 -15.47 22.34
N ILE A 442 7.24 -15.56 23.53
CA ILE A 442 7.42 -16.86 24.26
C ILE A 442 6.04 -17.47 24.55
N SER A 443 5.84 -18.73 24.17
CA SER A 443 4.52 -19.41 24.20
C SER A 443 4.52 -20.43 25.34
N SER A 444 5.53 -20.35 26.21
CA SER A 444 5.67 -21.19 27.42
C SER A 444 5.37 -20.35 28.67
N SER A 445 5.03 -21.01 29.75
CA SER A 445 4.78 -20.36 31.04
C SER A 445 6.00 -20.57 31.95
N SER A 446 6.54 -19.47 32.49
CA SER A 446 7.70 -19.49 33.40
C SER A 446 7.30 -20.10 34.75
N LEU A 447 6.01 -20.08 35.11
CA LEU A 447 5.54 -20.81 36.31
C LEU A 447 5.50 -22.31 36.00
N SER A 448 5.04 -22.71 34.81
CA SER A 448 4.82 -24.13 34.38
C SER A 448 6.16 -24.81 33.99
N GLU A 449 7.05 -24.06 33.35
CA GLU A 449 8.36 -24.55 32.84
C GLU A 449 9.36 -23.39 32.87
N LYS A 450 9.89 -23.08 34.05
CA LYS A 450 10.93 -22.03 34.24
C LYS A 450 12.11 -22.37 33.33
N GLN A 451 12.33 -23.65 33.04
CA GLN A 451 13.58 -24.16 32.43
C GLN A 451 13.46 -24.35 30.91
N LEU A 452 12.28 -24.19 30.30
CA LEU A 452 12.07 -24.31 28.83
C LEU A 452 11.51 -23.00 28.27
N ILE A 453 11.91 -22.65 27.06
CA ILE A 453 11.28 -21.56 26.28
C ILE A 453 10.67 -22.18 25.03
N ASN A 454 9.38 -21.97 24.84
CA ASN A 454 8.66 -22.33 23.60
C ASN A 454 8.52 -21.06 22.76
N VAL A 455 8.64 -21.18 21.44
CA VAL A 455 8.17 -20.15 20.48
C VAL A 455 7.38 -20.86 19.37
N THR A 456 6.61 -20.09 18.61
CA THR A 456 5.59 -20.59 17.66
C THR A 456 5.74 -19.71 16.42
N ALA A 457 6.55 -20.18 15.47
CA ALA A 457 7.06 -19.35 14.34
C ALA A 457 6.45 -19.87 13.04
N VAL A 458 5.57 -19.09 12.41
CA VAL A 458 4.99 -19.42 11.09
C VAL A 458 6.05 -19.09 10.03
N VAL A 459 6.26 -20.01 9.11
CA VAL A 459 7.39 -19.98 8.13
C VAL A 459 6.95 -19.11 6.96
N GLU A 460 7.77 -18.12 6.58
CA GLU A 460 7.56 -17.21 5.43
C GLU A 460 8.49 -17.64 4.28
N ALA A 461 7.95 -18.23 3.23
CA ALA A 461 8.74 -18.64 2.05
C ALA A 461 7.85 -18.59 0.81
N GLU A 462 8.36 -18.07 -0.31
CA GLU A 462 7.73 -18.23 -1.64
C GLU A 462 8.83 -18.51 -2.69
N GLU A 463 8.40 -19.03 -3.84
CA GLU A 463 9.27 -19.31 -5.00
C GLU A 463 8.79 -18.47 -6.18
N GLU A 464 9.67 -17.61 -6.71
CA GLU A 464 9.36 -16.71 -7.85
C GLU A 464 9.21 -17.53 -9.14
N ALA A 465 8.50 -16.98 -10.13
CA ALA A 465 8.28 -17.62 -11.45
C ALA A 465 9.64 -17.98 -12.07
N ASP A 466 10.65 -17.11 -11.91
CA ASP A 466 12.02 -17.32 -12.41
C ASP A 466 12.72 -18.43 -11.61
N GLY A 467 12.15 -18.91 -10.51
CA GLY A 467 12.73 -20.00 -9.70
C GLY A 467 13.46 -19.49 -8.48
N ARG A 468 13.66 -18.17 -8.34
CA ARG A 468 14.27 -17.56 -7.12
C ARG A 468 13.44 -17.89 -5.86
N PRO A 469 14.07 -18.40 -4.77
CA PRO A 469 13.44 -18.43 -3.46
C PRO A 469 13.52 -17.06 -2.74
N VAL A 470 12.37 -16.56 -2.26
CA VAL A 470 12.28 -15.41 -1.31
C VAL A 470 11.89 -15.97 0.08
N THR A 471 12.76 -15.80 1.07
CA THR A 471 12.71 -16.57 2.33
C THR A 471 12.90 -15.65 3.54
N GLY A 472 12.12 -15.90 4.59
CA GLY A 472 12.40 -15.41 5.93
C GLY A 472 13.62 -16.10 6.49
N VAL A 473 14.63 -15.34 6.91
CA VAL A 473 15.95 -15.87 7.34
C VAL A 473 15.77 -16.81 8.53
N VAL A 474 15.21 -16.30 9.62
CA VAL A 474 15.05 -17.10 10.87
C VAL A 474 14.02 -18.24 10.66
N THR A 475 12.92 -18.01 9.93
CA THR A 475 11.81 -18.99 9.96
C THR A 475 12.25 -20.23 9.17
N ASN A 476 12.91 -20.04 8.01
CA ASN A 476 13.43 -21.19 7.21
C ASN A 476 14.59 -21.90 7.95
N LEU A 477 15.42 -21.20 8.71
CA LEU A 477 16.40 -21.84 9.65
C LEU A 477 15.67 -22.82 10.57
N LEU A 478 14.53 -22.41 11.16
CA LEU A 478 13.75 -23.21 12.15
C LEU A 478 13.04 -24.35 11.42
N LYS A 479 12.48 -24.08 10.24
CA LYS A 479 11.87 -25.17 9.42
C LYS A 479 12.96 -26.23 9.16
N ASN A 480 14.18 -25.77 8.83
CA ASN A 480 15.34 -26.64 8.55
C ASN A 480 15.66 -27.49 9.78
N ILE A 481 15.76 -26.86 10.94
CA ILE A 481 16.08 -27.57 12.19
C ILE A 481 14.99 -28.63 12.38
N GLU A 482 13.74 -28.28 12.11
CA GLU A 482 12.60 -29.19 12.37
C GLU A 482 12.73 -30.38 11.42
N ILE A 483 12.99 -30.12 10.15
CA ILE A 483 13.11 -31.18 9.09
C ILE A 483 14.21 -32.15 9.53
N ALA A 484 15.38 -31.62 9.92
CA ALA A 484 16.58 -32.41 10.29
C ALA A 484 16.36 -33.14 11.62
N GLN A 485 15.86 -32.44 12.64
CA GLN A 485 15.71 -33.03 14.00
C GLN A 485 14.73 -34.21 13.95
N ASN A 486 13.71 -34.16 13.09
CA ASN A 486 12.58 -35.13 13.12
C ASN A 486 12.70 -36.07 11.91
N LYS A 487 13.78 -35.94 11.13
CA LYS A 487 14.02 -36.79 9.93
C LYS A 487 12.72 -36.92 9.14
N THR A 488 12.05 -35.80 8.87
CA THR A 488 10.66 -35.75 8.36
C THR A 488 10.60 -36.27 6.93
N GLY A 489 11.61 -36.00 6.10
CA GLY A 489 11.61 -36.41 4.69
C GLY A 489 11.16 -35.30 3.76
N GLU A 490 10.85 -34.12 4.30
CA GLU A 490 10.62 -32.89 3.51
C GLU A 490 11.94 -32.44 2.88
N LYS A 491 11.88 -31.74 1.76
CA LYS A 491 13.05 -31.18 1.06
C LYS A 491 13.11 -29.70 1.36
N PRO A 492 14.05 -29.19 2.20
CA PRO A 492 14.18 -27.76 2.46
C PRO A 492 14.24 -26.89 1.20
N LEU A 493 13.51 -25.78 1.18
CA LEU A 493 13.58 -24.79 0.08
C LEU A 493 14.97 -24.18 0.09
N VAL A 494 15.42 -23.71 1.25
CA VAL A 494 16.81 -23.23 1.47
C VAL A 494 17.41 -24.02 2.64
N HIS A 495 18.74 -24.11 2.67
CA HIS A 495 19.54 -24.88 3.64
C HIS A 495 20.40 -23.90 4.41
N TYR A 496 20.72 -24.25 5.65
CA TYR A 496 21.56 -23.46 6.56
C TYR A 496 22.66 -24.36 7.12
N ASP A 497 23.60 -23.75 7.86
CA ASP A 497 24.70 -24.49 8.53
C ASP A 497 24.27 -24.76 9.97
N LEU A 498 23.81 -25.98 10.22
CA LEU A 498 23.15 -26.37 11.51
C LEU A 498 24.22 -26.76 12.55
N SER A 499 25.49 -26.87 12.14
CA SER A 499 26.61 -27.11 13.09
C SER A 499 27.19 -25.77 13.53
N GLY A 500 27.06 -24.75 12.70
CA GLY A 500 27.52 -23.39 13.05
C GLY A 500 29.03 -23.33 13.23
N PRO A 501 29.57 -22.21 13.75
CA PRO A 501 31.02 -21.99 13.78
C PRO A 501 31.78 -23.01 14.63
N ARG A 502 32.64 -23.82 13.99
CA ARG A 502 33.50 -24.88 14.60
C ARG A 502 32.61 -25.87 15.33
N GLY A 503 31.38 -26.07 14.85
CA GLY A 503 30.45 -27.06 15.42
C GLY A 503 29.89 -26.65 16.78
N LYS A 504 30.03 -25.36 17.14
CA LYS A 504 29.53 -24.79 18.43
C LYS A 504 27.99 -24.70 18.45
N PHE A 505 27.28 -24.79 17.31
CA PHE A 505 25.79 -24.85 17.30
C PHE A 505 25.32 -26.31 17.30
N ASN A 506 26.23 -27.27 17.44
CA ASN A 506 25.88 -28.72 17.33
C ASN A 506 24.97 -29.06 18.49
N LYS A 507 24.05 -30.02 18.26
CA LYS A 507 22.87 -30.37 19.09
C LYS A 507 21.76 -29.35 18.78
N PHE A 508 21.68 -28.88 17.54
CA PHE A 508 20.63 -27.93 17.06
C PHE A 508 20.49 -26.79 18.07
N LYS A 509 21.58 -26.08 18.33
CA LYS A 509 21.59 -24.89 19.19
C LYS A 509 21.49 -23.65 18.30
N LEU A 510 20.79 -22.64 18.80
CA LEU A 510 20.86 -21.26 18.26
C LEU A 510 21.27 -20.32 19.38
N PRO A 511 21.90 -19.19 19.05
CA PRO A 511 22.11 -18.11 20.00
C PRO A 511 20.82 -17.32 20.26
N VAL A 512 20.41 -17.19 21.51
CA VAL A 512 19.18 -16.42 21.88
C VAL A 512 19.48 -15.48 23.05
N HIS A 513 18.69 -14.43 23.17
CA HIS A 513 18.50 -13.75 24.48
C HIS A 513 17.01 -13.47 24.66
N VAL A 514 16.65 -13.24 25.92
CA VAL A 514 15.27 -12.88 26.33
C VAL A 514 15.22 -11.36 26.39
N ARG A 515 14.14 -10.75 25.88
CA ARG A 515 13.82 -9.33 26.10
C ARG A 515 12.52 -9.24 26.90
N ARG A 516 12.60 -8.68 28.12
CA ARG A 516 11.44 -8.42 29.01
C ARG A 516 10.41 -7.53 28.27
N SER A 517 9.15 -7.95 28.28
CA SER A 517 8.00 -7.15 27.79
C SER A 517 7.16 -6.64 28.97
N ASN A 518 6.27 -5.69 28.67
CA ASN A 518 5.21 -5.15 29.56
C ASN A 518 3.94 -5.99 29.40
N PHE A 519 3.97 -6.95 28.48
CA PHE A 519 2.83 -7.83 28.15
C PHE A 519 2.72 -8.87 29.27
N LYS A 520 2.03 -8.54 30.35
CA LYS A 520 2.05 -9.34 31.61
C LYS A 520 0.63 -9.68 32.06
N LEU A 521 0.43 -10.92 32.53
CA LEU A 521 -0.80 -11.32 33.27
C LEU A 521 -0.98 -10.37 34.45
N PRO A 522 -2.24 -10.12 34.88
CA PRO A 522 -2.51 -9.19 35.96
C PRO A 522 -1.81 -9.61 37.27
N LYS A 523 -1.27 -8.62 38.00
CA LYS A 523 -0.78 -8.78 39.40
C LYS A 523 -1.78 -9.64 40.20
N ASN A 524 -3.06 -9.32 40.20
CA ASN A 524 -4.05 -10.08 41.00
C ASN A 524 -4.57 -11.28 40.19
N SER A 525 -4.34 -12.47 40.71
CA SER A 525 -4.68 -13.73 40.05
C SER A 525 -6.17 -13.77 39.70
N THR A 526 -7.04 -13.10 40.46
CA THR A 526 -8.52 -13.27 40.34
C THR A 526 -9.06 -12.35 39.23
N THR A 527 -8.32 -11.31 38.83
CA THR A 527 -8.78 -10.38 37.78
C THR A 527 -9.11 -11.20 36.54
N PRO A 528 -10.35 -11.17 36.02
CA PRO A 528 -10.62 -11.83 34.74
C PRO A 528 -9.75 -11.26 33.62
N VAL A 529 -9.52 -12.07 32.56
CA VAL A 529 -8.76 -11.64 31.34
C VAL A 529 -9.51 -12.11 30.09
N ILE A 530 -9.46 -11.27 29.07
CA ILE A 530 -9.97 -11.52 27.71
C ILE A 530 -8.75 -11.63 26.79
N LEU A 531 -8.56 -12.82 26.22
CA LEU A 531 -7.38 -13.13 25.39
C LEU A 531 -7.87 -13.26 23.95
N ILE A 532 -7.39 -12.38 23.08
CA ILE A 532 -7.69 -12.41 21.63
C ILE A 532 -6.36 -12.55 20.87
N GLY A 533 -6.26 -13.58 20.01
CA GLY A 533 -5.06 -13.81 19.19
C GLY A 533 -5.27 -14.91 18.15
N PRO A 534 -5.76 -14.57 16.94
CA PRO A 534 -5.85 -15.54 15.86
C PRO A 534 -4.45 -15.78 15.26
N GLY A 535 -4.32 -16.92 14.58
CA GLY A 535 -3.04 -17.43 14.03
C GLY A 535 -1.98 -17.49 15.11
N THR A 536 -0.78 -17.02 14.82
CA THR A 536 0.38 -17.07 15.74
C THR A 536 0.19 -16.01 16.85
N GLY A 537 -0.84 -15.17 16.76
CA GLY A 537 -1.27 -14.33 17.90
C GLY A 537 -1.53 -15.17 19.15
N VAL A 538 -1.91 -16.45 18.98
CA VAL A 538 -2.17 -17.40 20.11
C VAL A 538 -0.89 -17.63 20.94
N ALA A 539 0.29 -17.45 20.37
CA ALA A 539 1.57 -17.87 21.00
C ALA A 539 1.60 -17.40 22.45
N PRO A 540 1.65 -16.07 22.74
CA PRO A 540 1.77 -15.60 24.12
C PRO A 540 0.53 -16.01 24.95
N LEU A 541 -0.64 -16.10 24.32
CA LEU A 541 -1.91 -16.49 25.00
C LEU A 541 -1.80 -17.95 25.49
N ARG A 542 -1.25 -18.87 24.69
CA ARG A 542 -0.85 -20.23 25.20
C ARG A 542 -0.02 -20.09 26.50
N GLY A 543 0.99 -19.21 26.50
CA GLY A 543 1.79 -18.90 27.70
C GLY A 543 0.91 -18.51 28.87
N PHE A 544 -0.05 -17.62 28.65
CA PHE A 544 -0.98 -17.08 29.69
C PHE A 544 -1.84 -18.24 30.22
N VAL A 545 -2.43 -18.99 29.31
CA VAL A 545 -3.36 -20.09 29.68
C VAL A 545 -2.60 -21.17 30.46
N ARG A 546 -1.35 -21.44 30.07
CA ARG A 546 -0.49 -22.49 30.70
C ARG A 546 -0.14 -22.07 32.12
N GLU A 547 0.11 -20.77 32.34
CA GLU A 547 0.43 -20.12 33.66
C GLU A 547 -0.76 -20.26 34.60
N ARG A 548 -1.96 -19.93 34.12
CA ARG A 548 -3.18 -19.90 34.95
C ARG A 548 -3.54 -21.35 35.32
N VAL A 549 -3.28 -22.30 34.42
CA VAL A 549 -3.49 -23.76 34.66
C VAL A 549 -2.57 -24.21 35.79
N GLN A 550 -1.31 -23.81 35.75
CA GLN A 550 -0.33 -24.20 36.80
C GLN A 550 -0.74 -23.51 38.12
N GLN A 551 -1.33 -22.32 38.04
CA GLN A 551 -1.79 -21.57 39.23
C GLN A 551 -2.98 -22.30 39.89
N VAL A 552 -3.93 -22.79 39.09
CA VAL A 552 -5.09 -23.56 39.63
C VAL A 552 -4.54 -24.86 40.25
N LYS A 553 -3.67 -25.56 39.51
CA LYS A 553 -2.94 -26.76 40.00
C LYS A 553 -2.24 -26.48 41.34
N ASN A 554 -1.81 -25.25 41.60
CA ASN A 554 -1.07 -24.84 42.85
C ASN A 554 -2.06 -24.37 43.94
N GLY A 555 -3.35 -24.71 43.79
CA GLY A 555 -4.45 -24.37 44.70
C GLY A 555 -4.66 -22.86 44.81
N VAL A 556 -4.24 -22.08 43.81
CA VAL A 556 -4.41 -20.60 43.75
C VAL A 556 -5.81 -20.29 43.21
N ASN A 557 -6.36 -19.12 43.58
CA ASN A 557 -7.69 -18.64 43.16
C ASN A 557 -7.53 -17.77 41.90
N VAL A 558 -8.11 -18.22 40.79
CA VAL A 558 -7.80 -17.69 39.44
C VAL A 558 -9.08 -17.18 38.81
N GLY A 559 -9.03 -15.96 38.27
CA GLY A 559 -10.12 -15.30 37.52
C GLY A 559 -10.58 -16.08 36.31
N LYS A 560 -11.71 -15.66 35.76
CA LYS A 560 -12.27 -16.10 34.46
C LYS A 560 -11.25 -15.76 33.35
N THR A 561 -11.02 -16.73 32.47
CA THR A 561 -10.12 -16.61 31.29
C THR A 561 -10.94 -16.88 30.03
N LEU A 562 -11.15 -15.84 29.22
CA LEU A 562 -11.81 -15.95 27.90
C LEU A 562 -10.77 -15.83 26.78
N LEU A 563 -10.73 -16.82 25.89
CA LEU A 563 -9.75 -16.87 24.79
C LEU A 563 -10.50 -16.86 23.46
N PHE A 564 -10.27 -15.86 22.62
CA PHE A 564 -10.79 -15.86 21.24
C PHE A 564 -9.63 -16.18 20.30
N TYR A 565 -9.80 -17.28 19.58
CA TYR A 565 -8.83 -17.81 18.60
C TYR A 565 -9.50 -17.87 17.22
N GLY A 566 -8.66 -17.82 16.19
CA GLY A 566 -9.02 -17.93 14.78
C GLY A 566 -7.92 -18.64 14.01
N CYS A 567 -8.31 -19.36 12.96
CA CYS A 567 -7.42 -20.04 12.00
C CYS A 567 -8.25 -20.34 10.74
N ARG A 568 -7.62 -20.68 9.63
CA ARG A 568 -8.34 -20.95 8.35
C ARG A 568 -9.33 -22.09 8.53
N ASN A 569 -8.90 -23.16 9.18
CA ASN A 569 -9.56 -24.49 9.11
C ASN A 569 -9.18 -25.32 10.34
N SER A 570 -10.15 -25.95 10.99
CA SER A 570 -9.88 -26.76 12.21
C SER A 570 -9.02 -27.99 11.86
N ASN A 571 -8.97 -28.40 10.59
CA ASN A 571 -8.19 -29.57 10.08
C ASN A 571 -6.80 -29.17 9.55
N GLU A 572 -6.52 -27.88 9.36
CA GLU A 572 -5.36 -27.36 8.59
C GLU A 572 -4.34 -26.70 9.52
N ASP A 573 -4.73 -25.64 10.26
CA ASP A 573 -3.76 -24.71 10.89
C ASP A 573 -4.22 -24.33 12.30
N PHE A 574 -4.89 -25.23 13.00
CA PHE A 574 -5.37 -25.03 14.39
C PHE A 574 -4.20 -25.26 15.34
N LEU A 575 -3.55 -24.19 15.80
CA LEU A 575 -2.33 -24.28 16.64
C LEU A 575 -2.68 -24.93 17.98
N TYR A 576 -1.91 -25.95 18.37
CA TYR A 576 -1.93 -26.63 19.68
C TYR A 576 -3.30 -27.20 19.95
N LYS A 577 -3.98 -27.66 18.89
CA LYS A 577 -5.43 -28.01 18.90
C LYS A 577 -5.76 -28.89 20.10
N GLN A 578 -4.92 -29.88 20.42
CA GLN A 578 -5.28 -30.90 21.43
C GLN A 578 -5.06 -30.38 22.85
N GLU A 579 -4.23 -29.37 23.06
CA GLU A 579 -3.92 -28.85 24.42
C GLU A 579 -5.16 -28.17 25.07
N TRP A 580 -6.04 -27.54 24.28
CA TRP A 580 -7.06 -26.59 24.82
C TRP A 580 -8.08 -27.34 25.68
N ALA A 581 -8.56 -28.49 25.20
CA ALA A 581 -9.42 -29.41 25.97
C ALA A 581 -8.74 -29.74 27.32
N GLU A 582 -7.47 -30.19 27.30
CA GLU A 582 -6.70 -30.46 28.54
C GLU A 582 -6.73 -29.21 29.44
N TYR A 583 -6.44 -28.02 28.93
CA TYR A 583 -6.41 -26.77 29.74
C TYR A 583 -7.82 -26.48 30.30
N ALA A 584 -8.86 -26.76 29.50
CA ALA A 584 -10.28 -26.54 29.87
C ALA A 584 -10.62 -27.40 31.07
N SER A 585 -10.31 -28.68 30.97
CA SER A 585 -10.60 -29.70 32.00
C SER A 585 -9.94 -29.32 33.33
N VAL A 586 -8.89 -28.49 33.35
CA VAL A 586 -8.27 -28.06 34.64
C VAL A 586 -8.88 -26.72 35.07
N LEU A 587 -9.31 -25.87 34.15
CA LEU A 587 -9.75 -24.48 34.48
C LEU A 587 -11.27 -24.50 34.72
N GLY A 588 -11.97 -25.51 34.22
CA GLY A 588 -13.41 -25.71 34.48
C GLY A 588 -14.23 -24.59 33.87
N GLU A 589 -15.15 -24.03 34.65
CA GLU A 589 -16.08 -22.96 34.21
C GLU A 589 -15.30 -21.64 34.10
N ASN A 590 -14.08 -21.56 34.64
CA ASN A 590 -13.24 -20.33 34.61
C ASN A 590 -12.49 -20.20 33.28
N PHE A 591 -12.83 -20.98 32.25
CA PHE A 591 -12.19 -20.91 30.91
C PHE A 591 -13.20 -21.18 29.79
N GLU A 592 -13.25 -20.32 28.78
CA GLU A 592 -14.12 -20.51 27.60
C GLU A 592 -13.34 -20.07 26.37
N MET A 593 -13.40 -20.87 25.32
CA MET A 593 -12.62 -20.68 24.08
C MET A 593 -13.62 -20.57 22.93
N PHE A 594 -13.49 -19.54 22.11
CA PHE A 594 -14.31 -19.31 20.91
C PHE A 594 -13.34 -19.24 19.73
N ASN A 595 -13.60 -20.05 18.71
CA ASN A 595 -12.71 -20.35 17.57
C ASN A 595 -13.39 -19.91 16.27
N ALA A 596 -12.75 -19.03 15.51
CA ALA A 596 -13.27 -18.53 14.22
C ALA A 596 -12.49 -19.19 13.06
N PHE A 597 -13.08 -20.19 12.41
CA PHE A 597 -12.51 -20.91 11.24
C PHE A 597 -12.83 -20.09 9.99
N SER A 598 -11.88 -19.27 9.52
CA SER A 598 -12.09 -18.23 8.48
C SER A 598 -12.36 -18.84 7.10
N ARG A 599 -12.10 -20.13 6.88
CA ARG A 599 -12.25 -20.77 5.53
C ARG A 599 -13.05 -22.06 5.60
N GLN A 600 -13.41 -22.53 6.80
CA GLN A 600 -14.36 -23.66 7.05
C GLN A 600 -15.56 -23.56 6.09
N ASP A 601 -16.20 -22.39 6.00
CA ASP A 601 -17.23 -22.08 4.96
C ASP A 601 -16.61 -21.17 3.91
N PRO A 602 -16.51 -21.62 2.64
CA PRO A 602 -15.79 -20.87 1.62
C PRO A 602 -16.49 -19.55 1.27
N SER A 603 -17.81 -19.48 1.45
CA SER A 603 -18.70 -18.35 1.04
C SER A 603 -18.64 -17.21 2.09
N LYS A 604 -18.43 -17.53 3.37
CA LYS A 604 -18.45 -16.53 4.48
C LYS A 604 -17.17 -16.67 5.33
N LYS A 605 -16.34 -15.61 5.38
CA LYS A 605 -15.26 -15.44 6.40
C LYS A 605 -15.87 -15.27 7.79
N VAL A 606 -15.28 -15.90 8.79
CA VAL A 606 -15.63 -15.78 10.25
C VAL A 606 -14.33 -15.52 11.02
N TYR A 607 -14.24 -14.38 11.69
CA TYR A 607 -13.05 -13.95 12.46
C TYR A 607 -13.38 -13.82 13.94
N VAL A 608 -12.32 -13.68 14.75
CA VAL A 608 -12.48 -13.47 16.21
C VAL A 608 -13.53 -12.36 16.47
N GLN A 609 -13.45 -11.21 15.77
CA GLN A 609 -14.37 -10.06 16.05
C GLN A 609 -15.83 -10.53 15.93
N ASP A 610 -16.14 -11.43 14.99
CA ASP A 610 -17.49 -12.04 14.82
C ASP A 610 -17.86 -12.83 16.09
N LYS A 611 -16.94 -13.66 16.59
CA LYS A 611 -17.15 -14.45 17.81
C LYS A 611 -17.27 -13.53 19.03
N ILE A 612 -16.60 -12.37 19.00
CA ILE A 612 -16.68 -11.39 20.13
C ILE A 612 -18.11 -10.81 20.13
N LEU A 613 -18.61 -10.33 18.97
CA LEU A 613 -19.96 -9.70 18.84
C LEU A 613 -21.02 -10.67 19.34
N GLU A 614 -20.93 -11.96 18.99
CA GLU A 614 -21.98 -12.94 19.36
C GLU A 614 -21.81 -13.39 20.82
N ASN A 615 -20.74 -13.00 21.53
CA ASN A 615 -20.56 -13.31 22.99
C ASN A 615 -20.36 -11.97 23.72
N SER A 616 -20.95 -10.92 23.18
CA SER A 616 -20.76 -9.52 23.61
C SER A 616 -21.22 -9.34 25.07
N GLN A 617 -22.26 -10.05 25.49
CA GLN A 617 -22.86 -9.84 26.84
C GLN A 617 -21.91 -10.45 27.88
N LEU A 618 -21.32 -11.60 27.57
CA LEU A 618 -20.24 -12.22 28.40
C LEU A 618 -19.03 -11.28 28.45
N VAL A 619 -18.61 -10.81 27.28
CA VAL A 619 -17.41 -9.93 27.17
C VAL A 619 -17.61 -8.72 28.08
N HIS A 620 -18.78 -8.07 27.96
CA HIS A 620 -19.07 -6.81 28.70
C HIS A 620 -19.20 -7.10 30.19
N GLU A 621 -19.88 -8.18 30.56
CA GLU A 621 -19.93 -8.67 31.96
C GLU A 621 -18.48 -8.71 32.51
N LEU A 622 -17.54 -9.35 31.78
CA LEU A 622 -16.16 -9.51 32.31
C LEU A 622 -15.50 -8.14 32.42
N LEU A 623 -15.77 -7.23 31.49
CA LEU A 623 -15.23 -5.85 31.56
C LEU A 623 -15.77 -5.12 32.79
N THR A 624 -17.01 -5.41 33.23
CA THR A 624 -17.63 -4.73 34.40
C THR A 624 -16.91 -5.20 35.68
N GLU A 625 -16.19 -6.33 35.60
CA GLU A 625 -15.42 -6.93 36.72
C GLU A 625 -13.93 -6.59 36.59
N GLY A 626 -13.60 -5.61 35.75
CA GLY A 626 -12.23 -5.07 35.60
C GLY A 626 -11.33 -5.94 34.71
N ALA A 627 -11.90 -6.73 33.81
CA ALA A 627 -11.14 -7.71 32.99
C ALA A 627 -10.04 -6.96 32.24
N ILE A 628 -8.86 -7.56 32.12
CA ILE A 628 -7.77 -6.99 31.28
C ILE A 628 -7.89 -7.59 29.89
N ILE A 629 -7.84 -6.75 28.84
CA ILE A 629 -7.90 -7.17 27.40
C ILE A 629 -6.49 -7.33 26.86
N TYR A 630 -6.23 -8.46 26.21
CA TYR A 630 -4.93 -8.82 25.57
C TYR A 630 -5.19 -9.21 24.12
N VAL A 631 -4.67 -8.42 23.20
CA VAL A 631 -4.82 -8.65 21.73
C VAL A 631 -3.43 -8.92 21.17
N CYS A 632 -3.24 -10.08 20.55
CA CYS A 632 -1.94 -10.52 19.99
CA CYS A 632 -1.93 -10.48 19.98
C CYS A 632 -2.10 -10.98 18.54
N GLY A 633 -1.09 -10.71 17.70
CA GLY A 633 -1.03 -11.23 16.34
C GLY A 633 -0.91 -10.12 15.34
N ASP A 634 -1.66 -10.22 14.24
CA ASP A 634 -1.60 -9.31 13.06
C ASP A 634 -1.91 -7.87 13.48
N ALA A 635 -0.92 -7.00 13.38
CA ALA A 635 -1.06 -5.54 13.61
C ALA A 635 -1.91 -4.89 12.51
N SER A 636 -1.66 -5.24 11.24
CA SER A 636 -2.08 -4.46 10.04
C SER A 636 -3.60 -4.43 9.87
N ARG A 637 -4.35 -5.45 10.26
CA ARG A 637 -5.82 -5.51 9.99
C ARG A 637 -6.60 -5.98 11.23
N MET A 638 -6.36 -7.21 11.69
CA MET A 638 -7.06 -7.79 12.84
C MET A 638 -7.07 -6.82 14.04
N ALA A 639 -5.92 -6.32 14.53
CA ALA A 639 -5.82 -5.52 15.78
C ALA A 639 -6.83 -4.36 15.77
N ARG A 640 -7.01 -3.73 14.60
CA ARG A 640 -7.84 -2.52 14.43
C ARG A 640 -9.31 -2.92 14.33
N ASP A 641 -9.59 -3.97 13.55
CA ASP A 641 -10.94 -4.61 13.47
C ASP A 641 -11.41 -4.98 14.87
N VAL A 642 -10.56 -5.60 15.66
CA VAL A 642 -10.92 -6.05 17.03
C VAL A 642 -11.15 -4.82 17.93
N GLN A 643 -10.29 -3.80 17.85
CA GLN A 643 -10.42 -2.58 18.66
C GLN A 643 -11.77 -1.92 18.36
N THR A 644 -12.15 -1.78 17.09
CA THR A 644 -13.46 -1.23 16.68
C THR A 644 -14.57 -2.06 17.35
N THR A 645 -14.55 -3.38 17.16
CA THR A 645 -15.57 -4.31 17.71
C THR A 645 -15.72 -4.05 19.22
N ILE A 646 -14.63 -4.06 19.97
CA ILE A 646 -14.69 -3.87 21.45
C ILE A 646 -15.34 -2.50 21.73
N SER A 647 -14.99 -1.48 20.94
CA SER A 647 -15.57 -0.10 21.09
C SER A 647 -17.09 -0.16 20.92
N LYS A 648 -17.57 -0.91 19.94
CA LYS A 648 -19.01 -1.00 19.58
C LYS A 648 -19.76 -1.64 20.74
N ILE A 649 -19.21 -2.70 21.32
CA ILE A 649 -19.80 -3.42 22.49
C ILE A 649 -19.83 -2.47 23.69
N VAL A 650 -18.79 -1.68 23.89
CA VAL A 650 -18.74 -0.68 25.00
C VAL A 650 -19.85 0.35 24.76
N ALA A 651 -20.00 0.82 23.52
CA ALA A 651 -20.93 1.92 23.16
C ALA A 651 -22.36 1.49 23.49
N LYS A 652 -22.80 0.34 22.96
CA LYS A 652 -24.15 -0.23 23.22
C LYS A 652 -24.32 -0.53 24.71
N SER A 653 -23.36 -1.20 25.34
CA SER A 653 -23.53 -1.78 26.69
C SER A 653 -23.65 -0.68 27.75
N ARG A 654 -23.10 0.52 27.48
CA ARG A 654 -23.07 1.68 28.42
C ARG A 654 -23.82 2.87 27.84
N GLU A 655 -24.49 2.70 26.68
CA GLU A 655 -25.36 3.73 26.06
C GLU A 655 -24.59 5.04 25.85
N ILE A 656 -23.39 4.99 25.27
CA ILE A 656 -22.59 6.18 24.85
C ILE A 656 -22.35 6.08 23.34
N SER A 657 -22.06 7.18 22.66
CA SER A 657 -21.71 7.19 21.21
C SER A 657 -20.50 6.30 20.98
N GLU A 658 -20.38 5.78 19.77
CA GLU A 658 -19.26 4.93 19.27
C GLU A 658 -17.93 5.69 19.43
N ASP A 659 -17.90 6.99 19.12
CA ASP A 659 -16.63 7.75 19.23
C ASP A 659 -16.26 7.94 20.69
N LYS A 660 -17.25 8.11 21.57
CA LYS A 660 -16.95 8.30 23.01
C LYS A 660 -16.37 6.99 23.57
N ALA A 661 -16.91 5.85 23.14
CA ALA A 661 -16.46 4.49 23.52
C ALA A 661 -15.05 4.25 22.96
N ALA A 662 -14.83 4.58 21.67
CA ALA A 662 -13.50 4.48 21.05
C ALA A 662 -12.47 5.28 21.86
N GLU A 663 -12.81 6.49 22.34
CA GLU A 663 -11.86 7.31 23.17
C GLU A 663 -11.64 6.61 24.52
N LEU A 664 -12.67 5.96 25.05
CA LEU A 664 -12.58 5.24 26.35
C LEU A 664 -11.66 3.99 26.18
N VAL A 665 -11.78 3.28 25.06
CA VAL A 665 -10.92 2.10 24.76
C VAL A 665 -9.47 2.57 24.57
N LYS A 666 -9.26 3.69 23.90
CA LYS A 666 -7.92 4.25 23.67
C LYS A 666 -7.26 4.58 25.01
N SER A 667 -8.02 5.08 25.99
CA SER A 667 -7.49 5.43 27.34
C SER A 667 -7.16 4.15 28.14
N TRP A 668 -7.88 3.05 27.92
CA TRP A 668 -7.53 1.72 28.49
C TRP A 668 -6.13 1.28 28.03
N LYS A 669 -5.79 1.56 26.76
CA LYS A 669 -4.48 1.23 26.16
C LYS A 669 -3.39 2.03 26.89
N VAL A 670 -3.58 3.34 27.08
CA VAL A 670 -2.62 4.21 27.82
C VAL A 670 -2.50 3.74 29.28
N GLN A 671 -3.54 3.15 29.89
CA GLN A 671 -3.55 2.71 31.31
C GLN A 671 -3.05 1.27 31.46
N ASN A 672 -2.85 0.55 30.36
CA ASN A 672 -2.45 -0.88 30.30
C ASN A 672 -3.59 -1.79 30.76
N ARG A 673 -4.83 -1.32 30.64
CA ARG A 673 -6.05 -2.16 30.83
C ARG A 673 -6.32 -2.92 29.51
N TYR A 674 -5.90 -2.34 28.40
CA TYR A 674 -5.93 -2.96 27.05
C TYR A 674 -4.50 -3.07 26.53
N GLN A 675 -3.95 -4.29 26.54
CA GLN A 675 -2.54 -4.62 26.19
C GLN A 675 -2.48 -5.33 24.84
N GLU A 676 -1.52 -4.93 23.99
CA GLU A 676 -1.32 -5.45 22.62
C GLU A 676 0.09 -6.05 22.47
N ASP A 677 0.18 -7.22 21.86
CA ASP A 677 1.44 -7.84 21.36
C ASP A 677 1.20 -8.10 19.88
N VAL A 678 1.25 -7.04 19.07
CA VAL A 678 0.95 -7.16 17.61
C VAL A 678 2.14 -6.66 16.79
N TRP A 679 2.46 -7.42 15.73
CA TRP A 679 3.66 -7.24 14.89
C TRP A 679 3.23 -7.34 13.42
N SER B 45 -17.64 31.69 -26.51
CA SER B 45 -16.55 31.47 -27.50
C SER B 45 -15.46 30.58 -26.89
N ARG B 46 -14.43 30.27 -27.68
CA ARG B 46 -13.35 29.32 -27.30
C ARG B 46 -12.06 30.08 -26.95
N ASP B 47 -12.14 31.39 -26.70
CA ASP B 47 -10.99 32.22 -26.28
C ASP B 47 -11.00 32.27 -24.75
N VAL B 48 -10.09 31.53 -24.12
CA VAL B 48 -9.99 31.48 -22.64
C VAL B 48 -9.60 32.87 -22.12
N LEU B 49 -8.80 33.66 -22.85
CA LEU B 49 -8.23 34.94 -22.33
C LEU B 49 -9.35 36.01 -22.31
N SER B 50 -10.08 36.12 -23.41
CA SER B 50 -11.27 37.00 -23.52
C SER B 50 -12.35 36.52 -22.54
N THR B 51 -12.56 35.20 -22.43
CA THR B 51 -13.49 34.59 -21.44
C THR B 51 -13.11 35.05 -20.03
N LEU B 52 -11.86 34.90 -19.61
CA LEU B 52 -11.40 35.33 -18.26
C LEU B 52 -11.72 36.80 -18.03
N LYS B 53 -11.42 37.65 -19.02
CA LYS B 53 -11.61 39.14 -18.99
C LYS B 53 -13.12 39.44 -18.92
N LYS B 54 -13.93 38.70 -19.65
CA LYS B 54 -15.38 38.98 -19.82
C LYS B 54 -16.13 38.58 -18.53
N ASN B 55 -15.55 37.76 -17.66
CA ASN B 55 -16.20 37.28 -16.41
C ASN B 55 -15.44 37.80 -15.18
N ASN B 56 -14.57 38.81 -15.35
CA ASN B 56 -13.75 39.41 -14.26
C ASN B 56 -13.07 38.30 -13.45
N LYS B 57 -12.27 37.46 -14.10
CA LYS B 57 -11.55 36.32 -13.46
C LYS B 57 -10.05 36.55 -13.60
N ASN B 58 -9.29 36.27 -12.55
CA ASN B 58 -7.82 36.48 -12.54
C ASN B 58 -7.09 35.17 -12.21
N THR B 59 -7.82 34.06 -12.17
CA THR B 59 -7.36 32.71 -11.74
C THR B 59 -8.01 31.65 -12.66
N LEU B 60 -7.18 30.89 -13.38
CA LEU B 60 -7.60 29.82 -14.33
C LEU B 60 -7.18 28.48 -13.77
N LEU B 61 -8.12 27.55 -13.68
CA LEU B 61 -7.88 26.17 -13.17
C LEU B 61 -8.28 25.20 -14.26
N LEU B 62 -7.30 24.54 -14.86
CA LEU B 62 -7.52 23.63 -16.01
C LEU B 62 -7.48 22.20 -15.49
N PHE B 63 -8.50 21.39 -15.79
CA PHE B 63 -8.51 19.95 -15.44
C PHE B 63 -8.35 19.12 -16.71
N GLY B 64 -7.48 18.10 -16.60
CA GLY B 64 -7.33 17.00 -17.57
C GLY B 64 -7.79 15.72 -16.94
N SER B 65 -9.01 15.29 -17.27
CA SER B 65 -9.78 14.28 -16.52
C SER B 65 -10.46 13.34 -17.51
N GLN B 66 -10.60 12.07 -17.13
CA GLN B 66 -11.31 11.04 -17.91
C GLN B 66 -12.47 10.47 -17.08
N THR B 67 -12.23 10.22 -15.80
CA THR B 67 -13.21 9.68 -14.82
C THR B 67 -13.49 10.71 -13.72
N GLY B 68 -13.03 11.96 -13.88
CA GLY B 68 -13.58 13.12 -13.13
C GLY B 68 -12.89 13.44 -11.82
N THR B 69 -11.84 12.72 -11.42
CA THR B 69 -11.06 13.02 -10.19
C THR B 69 -10.44 14.42 -10.31
N ALA B 70 -9.77 14.69 -11.43
CA ALA B 70 -9.01 15.94 -11.67
C ALA B 70 -9.98 17.10 -11.75
N GLU B 71 -11.13 16.87 -12.38
CA GLU B 71 -12.22 17.87 -12.42
C GLU B 71 -12.63 18.21 -10.99
N ASP B 72 -12.87 17.19 -10.19
CA ASP B 72 -13.31 17.33 -8.79
C ASP B 72 -12.28 18.16 -8.04
N TYR B 73 -10.99 17.81 -8.18
CA TYR B 73 -9.85 18.48 -7.51
C TYR B 73 -9.79 19.95 -7.95
N ALA B 74 -10.02 20.23 -9.23
CA ALA B 74 -10.08 21.61 -9.76
C ALA B 74 -11.18 22.38 -9.02
N ASN B 75 -12.31 21.72 -8.80
CA ASN B 75 -13.50 22.41 -8.22
C ASN B 75 -13.16 22.72 -6.76
N LYS B 76 -12.65 21.73 -6.02
CA LYS B 76 -12.32 21.87 -4.57
C LYS B 76 -11.33 23.03 -4.37
N LEU B 77 -10.25 23.04 -5.14
CA LEU B 77 -9.17 24.07 -5.08
C LEU B 77 -9.77 25.43 -5.46
N SER B 78 -10.48 25.48 -6.59
CA SER B 78 -11.17 26.69 -7.10
C SER B 78 -11.96 27.38 -5.98
N ARG B 79 -12.73 26.61 -5.20
CA ARG B 79 -13.59 27.16 -4.12
C ARG B 79 -12.72 27.66 -2.96
N GLU B 80 -11.72 26.89 -2.50
CA GLU B 80 -10.85 27.30 -1.36
C GLU B 80 -10.00 28.52 -1.74
N LEU B 81 -9.60 28.65 -2.99
CA LEU B 81 -8.75 29.79 -3.44
C LEU B 81 -9.58 31.06 -3.32
N HIS B 82 -10.85 30.98 -3.75
CA HIS B 82 -11.81 32.13 -3.78
C HIS B 82 -12.10 32.57 -2.35
N SER B 83 -12.48 31.61 -1.50
CA SER B 83 -12.83 31.80 -0.08
C SER B 83 -11.59 32.21 0.71
N ARG B 84 -10.48 31.48 0.61
CA ARG B 84 -9.32 31.68 1.55
C ARG B 84 -8.43 32.83 1.10
N PHE B 85 -8.34 33.13 -0.19
CA PHE B 85 -7.46 34.22 -0.71
C PHE B 85 -8.23 35.26 -1.52
N GLY B 86 -9.54 35.12 -1.74
CA GLY B 86 -10.33 36.12 -2.49
C GLY B 86 -9.97 36.18 -3.97
N LEU B 87 -9.45 35.11 -4.54
CA LEU B 87 -9.12 35.05 -5.99
C LEU B 87 -10.38 34.77 -6.81
N LYS B 88 -10.46 35.39 -7.98
CA LYS B 88 -11.65 35.33 -8.88
C LYS B 88 -11.42 34.16 -9.84
N THR B 89 -11.80 32.98 -9.38
CA THR B 89 -11.39 31.69 -9.96
C THR B 89 -12.34 31.29 -11.10
N MET B 90 -11.85 30.50 -12.04
CA MET B 90 -12.64 29.91 -13.14
C MET B 90 -12.05 28.52 -13.38
N VAL B 91 -12.86 27.49 -13.16
CA VAL B 91 -12.52 26.09 -13.55
C VAL B 91 -12.81 26.01 -15.05
N ALA B 92 -11.92 25.40 -15.83
CA ALA B 92 -12.08 25.26 -17.29
C ALA B 92 -11.72 23.84 -17.69
N ASP B 93 -12.44 23.34 -18.68
CA ASP B 93 -12.14 22.07 -19.40
C ASP B 93 -11.32 22.43 -20.64
N PHE B 94 -10.09 21.91 -20.74
CA PHE B 94 -9.19 22.12 -21.91
C PHE B 94 -9.99 22.06 -23.22
N ALA B 95 -10.97 21.14 -23.32
CA ALA B 95 -11.70 20.84 -24.57
C ALA B 95 -12.68 21.99 -24.89
N ASP B 96 -13.02 22.84 -23.94
CA ASP B 96 -13.98 23.96 -24.18
C ASP B 96 -13.25 25.18 -24.77
N TYR B 97 -11.92 25.22 -24.80
CA TYR B 97 -11.16 26.36 -25.39
C TYR B 97 -10.19 25.88 -26.47
N ASP B 98 -9.82 26.79 -27.38
CA ASP B 98 -8.69 26.65 -28.35
C ASP B 98 -7.50 27.36 -27.73
N TRP B 99 -6.28 26.83 -27.89
CA TRP B 99 -5.10 27.28 -27.10
C TRP B 99 -4.07 28.04 -27.95
N ASP B 100 -4.33 28.21 -29.25
CA ASP B 100 -3.43 28.84 -30.25
C ASP B 100 -2.85 30.15 -29.69
N ASN B 101 -3.62 30.88 -28.87
CA ASN B 101 -3.26 32.24 -28.37
C ASN B 101 -2.89 32.21 -26.88
N PHE B 102 -2.77 31.04 -26.26
CA PHE B 102 -2.54 30.95 -24.80
C PHE B 102 -1.27 31.70 -24.41
N GLY B 103 -0.28 31.72 -25.31
CA GLY B 103 0.99 32.45 -25.17
C GLY B 103 0.79 33.91 -24.81
N ASP B 104 -0.37 34.48 -25.14
CA ASP B 104 -0.70 35.93 -24.97
C ASP B 104 -1.15 36.23 -23.54
N ILE B 105 -1.34 35.21 -22.70
CA ILE B 105 -1.81 35.38 -21.28
C ILE B 105 -0.92 36.41 -20.57
N THR B 106 -1.43 37.09 -19.55
CA THR B 106 -0.68 38.14 -18.79
C THR B 106 -0.40 37.65 -17.36
N GLU B 107 0.47 38.36 -16.63
CA GLU B 107 1.11 37.93 -15.35
C GLU B 107 0.13 38.09 -14.19
N ASP B 108 -0.93 38.85 -14.41
CA ASP B 108 -2.03 39.05 -13.44
C ASP B 108 -2.89 37.78 -13.33
N ILE B 109 -2.80 36.84 -14.29
CA ILE B 109 -3.55 35.56 -14.23
C ILE B 109 -2.69 34.52 -13.53
N LEU B 110 -3.28 33.75 -12.62
CA LEU B 110 -2.64 32.59 -12.00
C LEU B 110 -3.29 31.34 -12.61
N VAL B 111 -2.50 30.45 -13.23
CA VAL B 111 -3.02 29.26 -13.94
C VAL B 111 -2.60 28.03 -13.12
N PHE B 112 -3.59 27.21 -12.75
CA PHE B 112 -3.41 25.91 -12.06
C PHE B 112 -3.73 24.83 -13.09
N PHE B 113 -2.85 23.83 -13.21
CA PHE B 113 -3.03 22.67 -14.11
C PHE B 113 -3.24 21.44 -13.24
N ILE B 114 -4.38 20.79 -13.34
CA ILE B 114 -4.69 19.53 -12.61
C ILE B 114 -4.93 18.45 -13.68
N VAL B 115 -3.94 17.62 -13.95
CA VAL B 115 -3.88 16.81 -15.21
C VAL B 115 -3.61 15.34 -14.86
N ALA B 116 -4.44 14.44 -15.36
CA ALA B 116 -4.26 12.98 -15.21
C ALA B 116 -3.53 12.40 -16.43
N THR B 117 -2.65 11.44 -16.17
CA THR B 117 -1.93 10.69 -17.23
C THR B 117 -2.75 9.44 -17.54
N TYR B 118 -2.94 9.14 -18.83
CA TYR B 118 -3.72 7.97 -19.32
C TYR B 118 -2.86 7.12 -20.26
N GLY B 119 -3.47 6.04 -20.79
CA GLY B 119 -2.89 5.11 -21.78
C GLY B 119 -1.39 4.92 -21.58
N GLU B 120 -0.58 5.30 -22.56
CA GLU B 120 0.89 5.05 -22.57
C GLU B 120 1.61 6.39 -22.34
N GLY B 121 1.33 7.05 -21.20
CA GLY B 121 1.83 8.39 -20.88
C GLY B 121 1.11 9.45 -21.71
N GLU B 122 -0.03 9.08 -22.29
CA GLU B 122 -0.88 9.96 -23.11
C GLU B 122 -1.67 10.90 -22.20
N PRO B 123 -2.06 12.08 -22.72
CA PRO B 123 -3.04 12.95 -22.05
C PRO B 123 -4.44 12.34 -22.16
N THR B 124 -5.31 12.71 -21.22
CA THR B 124 -6.78 12.46 -21.27
C THR B 124 -7.33 13.00 -22.58
N ASP B 125 -8.48 12.47 -23.01
CA ASP B 125 -9.14 12.85 -24.28
C ASP B 125 -9.33 14.38 -24.28
N ASN B 126 -9.82 14.95 -23.20
CA ASN B 126 -10.17 16.40 -23.12
C ASN B 126 -8.91 17.26 -23.26
N ALA B 127 -7.72 16.77 -22.87
CA ALA B 127 -6.46 17.55 -22.83
C ALA B 127 -5.61 17.29 -24.08
N ASP B 128 -6.02 16.36 -24.96
CA ASP B 128 -5.24 15.91 -26.16
C ASP B 128 -4.82 17.10 -27.02
N GLU B 129 -5.76 17.97 -27.35
CA GLU B 129 -5.56 19.09 -28.29
C GLU B 129 -4.65 20.14 -27.64
N PHE B 130 -4.75 20.36 -26.33
CA PHE B 130 -3.83 21.28 -25.60
C PHE B 130 -2.42 20.69 -25.62
N HIS B 131 -2.33 19.38 -25.35
CA HIS B 131 -1.07 18.59 -25.28
C HIS B 131 -0.29 18.73 -26.59
N THR B 132 -1.01 18.65 -27.72
CA THR B 132 -0.49 18.85 -29.09
C THR B 132 0.02 20.28 -29.26
N TRP B 133 -0.82 21.27 -28.96
CA TRP B 133 -0.43 22.70 -29.07
C TRP B 133 0.87 22.93 -28.27
N LEU B 134 0.92 22.51 -27.01
CA LEU B 134 2.07 22.79 -26.11
C LEU B 134 3.32 22.09 -26.65
N THR B 135 3.23 20.81 -26.99
CA THR B 135 4.38 19.99 -27.43
C THR B 135 4.84 20.42 -28.83
N GLU B 136 3.96 20.97 -29.69
CA GLU B 136 4.26 21.07 -31.14
C GLU B 136 4.18 22.52 -31.63
N GLU B 137 3.23 23.34 -31.19
CA GLU B 137 3.02 24.70 -31.77
C GLU B 137 3.43 25.84 -30.81
N ALA B 138 3.43 25.63 -29.50
CA ALA B 138 3.72 26.68 -28.50
C ALA B 138 5.15 27.22 -28.71
N ASP B 139 5.28 28.54 -28.80
CA ASP B 139 6.59 29.22 -29.00
C ASP B 139 7.11 29.60 -27.61
N THR B 140 6.67 30.74 -27.05
CA THR B 140 7.11 31.24 -25.71
C THR B 140 5.90 31.65 -24.87
N LEU B 141 6.04 31.51 -23.54
CA LEU B 141 4.98 31.75 -22.52
C LEU B 141 5.60 32.64 -21.45
N SER B 142 6.18 33.77 -21.86
CA SER B 142 7.08 34.60 -21.04
C SER B 142 6.34 35.34 -19.93
N THR B 143 5.01 35.43 -20.00
CA THR B 143 4.18 36.11 -18.97
C THR B 143 3.26 35.10 -18.25
N LEU B 144 3.27 33.82 -18.63
CA LEU B 144 2.53 32.77 -17.90
C LEU B 144 3.12 32.67 -16.49
N ARG B 145 2.24 32.65 -15.48
CA ARG B 145 2.56 32.23 -14.09
C ARG B 145 1.71 30.99 -13.82
N TYR B 146 2.33 29.86 -13.46
CA TYR B 146 1.62 28.56 -13.42
C TYR B 146 2.11 27.71 -12.27
N THR B 147 1.34 26.66 -12.02
CA THR B 147 1.70 25.51 -11.15
C THR B 147 0.91 24.31 -11.67
N VAL B 148 1.34 23.10 -11.31
CA VAL B 148 0.83 21.84 -11.90
C VAL B 148 0.67 20.85 -10.76
N PHE B 149 -0.35 20.02 -10.80
CA PHE B 149 -0.46 18.81 -9.96
C PHE B 149 -0.85 17.67 -10.89
N GLY B 150 -0.03 16.61 -10.90
CA GLY B 150 -0.24 15.41 -11.72
C GLY B 150 -0.98 14.35 -10.93
N LEU B 151 -1.98 13.74 -11.57
CA LEU B 151 -2.67 12.53 -11.07
C LEU B 151 -2.12 11.36 -11.88
N GLY B 152 -1.59 10.34 -11.20
CA GLY B 152 -1.18 9.11 -11.87
C GLY B 152 -1.31 7.90 -10.96
N ASN B 153 -0.77 6.78 -11.43
CA ASN B 153 -0.74 5.48 -10.73
C ASN B 153 0.64 4.85 -10.98
N SER B 154 1.43 4.63 -9.94
CA SER B 154 2.83 4.15 -10.03
C SER B 154 2.89 2.68 -10.42
N THR B 155 1.77 1.94 -10.45
CA THR B 155 1.75 0.58 -11.06
C THR B 155 1.82 0.67 -12.58
N TYR B 156 1.73 1.88 -13.18
CA TYR B 156 1.79 2.11 -14.64
C TYR B 156 3.20 2.59 -14.98
N GLU B 157 3.61 2.45 -16.25
CA GLU B 157 5.02 2.65 -16.65
C GLU B 157 5.33 4.15 -16.63
N PHE B 158 4.54 4.96 -17.34
CA PHE B 158 4.80 6.42 -17.53
C PHE B 158 4.14 7.22 -16.40
N PHE B 159 4.58 6.98 -15.17
CA PHE B 159 4.08 7.64 -13.95
C PHE B 159 4.01 9.16 -14.18
N ASN B 160 2.80 9.69 -14.26
CA ASN B 160 2.56 11.15 -14.22
C ASN B 160 3.32 11.82 -15.36
N ALA B 161 3.44 11.12 -16.49
CA ALA B 161 4.13 11.60 -17.70
C ALA B 161 3.62 12.98 -18.09
N ILE B 162 2.30 13.20 -18.06
CA ILE B 162 1.68 14.49 -18.52
C ILE B 162 1.89 15.59 -17.47
N GLY B 163 1.73 15.27 -16.17
CA GLY B 163 1.96 16.25 -15.10
C GLY B 163 3.37 16.80 -15.16
N ARG B 164 4.35 15.87 -15.25
CA ARG B 164 5.81 16.15 -15.35
C ARG B 164 6.13 16.86 -16.68
N LYS B 165 5.60 16.36 -17.79
CA LYS B 165 5.80 16.97 -19.12
C LYS B 165 5.36 18.44 -19.09
N PHE B 166 4.10 18.70 -18.75
CA PHE B 166 3.51 20.08 -18.75
C PHE B 166 4.34 20.98 -17.83
N ASP B 167 4.73 20.49 -16.65
CA ASP B 167 5.53 21.28 -15.68
C ASP B 167 6.85 21.73 -16.35
N ARG B 168 7.50 20.82 -17.09
CA ARG B 168 8.82 21.03 -17.73
C ARG B 168 8.65 21.94 -18.95
N LEU B 169 7.73 21.59 -19.84
CA LEU B 169 7.55 22.36 -21.10
C LEU B 169 7.22 23.82 -20.78
N LEU B 170 6.40 24.08 -19.77
CA LEU B 170 5.88 25.45 -19.50
C LEU B 170 7.02 26.32 -18.97
N SER B 171 7.87 25.76 -18.11
CA SER B 171 9.10 26.41 -17.58
C SER B 171 10.07 26.70 -18.74
N GLU B 172 10.39 25.65 -19.52
CA GLU B 172 11.30 25.70 -20.69
C GLU B 172 10.91 26.85 -21.62
N LYS B 173 9.62 27.12 -21.79
CA LYS B 173 9.11 28.13 -22.76
C LYS B 173 8.95 29.51 -22.10
N GLY B 174 9.50 29.71 -20.91
CA GLY B 174 9.53 31.03 -20.25
C GLY B 174 8.56 31.16 -19.08
N GLY B 175 7.63 30.22 -18.91
CA GLY B 175 6.64 30.25 -17.82
C GLY B 175 7.29 30.43 -16.46
N ASP B 176 6.60 31.11 -15.55
CA ASP B 176 7.05 31.31 -14.15
C ASP B 176 6.25 30.38 -13.24
N ARG B 177 6.95 29.45 -12.60
CA ARG B 177 6.35 28.43 -11.70
C ARG B 177 6.21 29.06 -10.32
N PHE B 178 5.01 29.49 -9.90
CA PHE B 178 4.84 30.21 -8.60
C PHE B 178 4.70 29.24 -7.42
N ALA B 179 4.67 27.93 -7.65
CA ALA B 179 4.55 26.92 -6.58
C ALA B 179 5.04 25.55 -7.07
N GLU B 180 5.72 24.82 -6.18
CA GLU B 180 6.38 23.53 -6.49
C GLU B 180 5.38 22.60 -7.18
N TYR B 181 5.81 21.93 -8.26
CA TYR B 181 5.11 20.77 -8.87
C TYR B 181 4.94 19.70 -7.80
N ALA B 182 3.82 19.00 -7.78
CA ALA B 182 3.69 17.73 -7.04
C ALA B 182 2.76 16.83 -7.82
N GLU B 183 2.60 15.60 -7.35
CA GLU B 183 1.81 14.57 -8.06
C GLU B 183 1.35 13.52 -7.06
N GLY B 184 0.31 12.78 -7.43
CA GLY B 184 -0.33 11.81 -6.53
C GLY B 184 -0.35 10.43 -7.16
N ASP B 185 -0.50 9.43 -6.29
CA ASP B 185 -0.36 8.01 -6.65
C ASP B 185 -1.67 7.29 -6.30
N ASP B 186 -2.55 7.18 -7.28
CA ASP B 186 -3.80 6.41 -7.16
C ASP B 186 -3.47 4.93 -6.95
N GLY B 187 -2.29 4.49 -7.39
CA GLY B 187 -1.82 3.10 -7.27
C GLY B 187 -1.64 2.68 -5.82
N THR B 188 -1.09 3.57 -4.97
CA THR B 188 -0.78 3.29 -3.54
C THR B 188 -1.85 3.85 -2.60
N GLY B 189 -2.96 4.38 -3.14
CA GLY B 189 -4.10 4.92 -2.35
C GLY B 189 -3.83 6.24 -1.66
N THR B 190 -2.77 6.98 -2.02
CA THR B 190 -2.36 8.23 -1.32
C THR B 190 -2.79 9.46 -2.12
N LEU B 191 -3.44 9.27 -3.27
CA LEU B 191 -3.84 10.33 -4.25
C LEU B 191 -4.52 11.52 -3.55
N ASP B 192 -5.44 11.27 -2.64
CA ASP B 192 -6.25 12.34 -2.00
C ASP B 192 -5.38 13.17 -1.04
N GLU B 193 -4.66 12.50 -0.13
CA GLU B 193 -3.69 13.16 0.78
C GLU B 193 -2.54 13.81 -0.02
N ASP B 194 -2.14 13.22 -1.15
CA ASP B 194 -1.10 13.80 -2.03
C ASP B 194 -1.60 15.14 -2.56
N PHE B 195 -2.87 15.21 -2.96
CA PHE B 195 -3.47 16.49 -3.44
C PHE B 195 -3.49 17.52 -2.32
N MET B 196 -3.97 17.13 -1.13
CA MET B 196 -4.09 18.00 0.07
C MET B 196 -2.71 18.61 0.38
N ALA B 197 -1.66 17.78 0.42
CA ALA B 197 -0.24 18.17 0.67
C ALA B 197 0.21 19.23 -0.33
N TRP B 198 0.01 18.97 -1.62
CA TRP B 198 0.34 19.95 -2.68
C TRP B 198 -0.46 21.24 -2.48
N LYS B 199 -1.76 21.12 -2.16
CA LYS B 199 -2.70 22.27 -1.97
C LYS B 199 -2.20 23.16 -0.82
N ASP B 200 -1.79 22.55 0.29
CA ASP B 200 -1.17 23.25 1.44
C ASP B 200 0.07 24.04 0.99
N ASN B 201 0.90 23.44 0.14
CA ASN B 201 2.17 24.06 -0.31
C ASN B 201 1.86 25.23 -1.24
N VAL B 202 0.84 25.09 -2.08
CA VAL B 202 0.32 26.23 -2.90
C VAL B 202 -0.12 27.36 -1.96
N PHE B 203 -0.83 27.03 -0.88
CA PHE B 203 -1.35 28.05 0.07
C PHE B 203 -0.18 28.74 0.77
N ASP B 204 0.88 27.98 1.09
CA ASP B 204 2.15 28.54 1.63
C ASP B 204 2.75 29.47 0.60
N ALA B 205 2.80 29.05 -0.66
CA ALA B 205 3.40 29.85 -1.75
C ALA B 205 2.65 31.17 -1.82
N LEU B 206 1.32 31.13 -1.76
CA LEU B 206 0.48 32.33 -2.03
C LEU B 206 0.62 33.29 -0.86
N LYS B 207 0.72 32.80 0.38
CA LYS B 207 0.85 33.77 1.50
C LYS B 207 2.31 34.20 1.65
N ASN B 208 3.31 33.32 1.49
CA ASN B 208 4.73 33.61 1.88
C ASN B 208 5.56 34.18 0.71
N ASP B 209 5.14 33.96 -0.54
CA ASP B 209 5.89 34.35 -1.76
C ASP B 209 5.15 35.44 -2.52
N LEU B 210 3.84 35.28 -2.72
CA LEU B 210 2.99 36.27 -3.44
C LEU B 210 2.33 37.19 -2.41
N ASN B 211 2.51 36.93 -1.11
CA ASN B 211 2.13 37.87 -0.02
C ASN B 211 0.60 38.09 0.02
N PHE B 212 -0.20 37.07 -0.30
CA PHE B 212 -1.66 37.13 -0.18
C PHE B 212 -2.05 36.98 1.29
N GLU B 213 -3.12 37.66 1.73
CA GLU B 213 -3.74 37.44 3.08
C GLU B 213 -4.63 36.19 3.01
N GLU B 214 -4.43 35.26 3.94
CA GLU B 214 -5.17 33.98 3.95
C GLU B 214 -6.22 34.07 5.06
N LYS B 215 -7.49 33.99 4.69
CA LYS B 215 -8.65 33.97 5.61
C LYS B 215 -9.09 32.51 5.79
N GLU B 216 -9.94 32.26 6.78
CA GLU B 216 -10.53 30.93 7.07
C GLU B 216 -11.38 30.47 5.88
N LEU B 217 -11.46 29.16 5.66
CA LEU B 217 -12.38 28.55 4.67
C LEU B 217 -13.82 28.83 5.11
N LYS B 218 -14.65 29.37 4.22
CA LYS B 218 -16.12 29.48 4.42
C LYS B 218 -16.84 28.99 3.16
N TYR B 219 -18.06 28.47 3.32
CA TYR B 219 -18.91 28.00 2.19
C TYR B 219 -19.51 29.23 1.53
N GLU B 220 -19.15 29.47 0.28
CA GLU B 220 -19.57 30.65 -0.51
C GLU B 220 -20.26 30.08 -1.74
N PRO B 221 -21.60 29.91 -1.73
CA PRO B 221 -22.31 29.19 -2.79
C PRO B 221 -22.16 29.79 -4.19
N ASN B 222 -22.11 28.92 -5.20
CA ASN B 222 -22.09 29.28 -6.64
C ASN B 222 -23.45 28.98 -7.27
N VAL B 223 -24.37 28.37 -6.50
CA VAL B 223 -25.73 27.98 -6.98
C VAL B 223 -26.76 28.30 -5.88
N LYS B 224 -27.89 28.86 -6.34
CA LYS B 224 -29.09 29.15 -5.51
C LYS B 224 -30.19 28.12 -5.86
N LEU B 225 -30.74 27.48 -4.83
CA LEU B 225 -31.83 26.48 -4.90
C LEU B 225 -33.11 27.13 -4.37
N THR B 226 -34.19 27.14 -5.17
CA THR B 226 -35.55 27.46 -4.68
C THR B 226 -36.44 26.25 -4.98
N GLU B 227 -37.24 25.84 -3.99
CA GLU B 227 -38.19 24.73 -4.16
C GLU B 227 -39.38 25.24 -4.97
N ARG B 228 -39.84 24.45 -5.93
CA ARG B 228 -41.03 24.75 -6.76
C ARG B 228 -42.19 23.91 -6.23
N ASP B 229 -43.05 24.56 -5.43
CA ASP B 229 -44.27 23.97 -4.81
C ASP B 229 -45.39 23.88 -5.86
N ASP B 230 -45.33 24.68 -6.91
CA ASP B 230 -46.27 24.56 -8.06
C ASP B 230 -45.97 23.31 -8.88
N LEU B 231 -44.75 22.76 -8.81
CA LEU B 231 -44.32 21.62 -9.67
C LEU B 231 -44.27 20.35 -8.83
N SER B 232 -44.56 19.22 -9.45
CA SER B 232 -44.38 17.88 -8.88
C SER B 232 -43.70 16.96 -9.89
N ALA B 233 -43.36 15.74 -9.44
CA ALA B 233 -42.77 14.63 -10.22
C ALA B 233 -43.59 14.38 -11.48
N ALA B 234 -44.90 14.66 -11.43
CA ALA B 234 -45.89 14.32 -12.47
C ALA B 234 -45.90 15.39 -13.57
N ASP B 235 -45.18 16.50 -13.40
CA ASP B 235 -45.03 17.53 -14.45
C ASP B 235 -43.86 17.10 -15.34
N SER B 236 -43.99 17.24 -16.65
CA SER B 236 -43.11 16.58 -17.67
C SER B 236 -41.83 17.40 -17.90
N GLN B 237 -41.83 18.68 -17.55
CA GLN B 237 -40.62 19.54 -17.66
C GLN B 237 -39.69 19.31 -16.44
N VAL B 238 -40.13 18.54 -15.45
CA VAL B 238 -39.31 18.22 -14.25
C VAL B 238 -38.51 16.95 -14.57
N SER B 239 -37.22 16.94 -14.24
CA SER B 239 -36.33 15.76 -14.42
C SER B 239 -36.60 14.78 -13.30
N LEU B 240 -36.70 13.49 -13.61
CA LEU B 240 -36.69 12.41 -12.60
C LEU B 240 -35.37 11.61 -12.70
N GLY B 241 -34.31 12.22 -13.24
CA GLY B 241 -32.96 11.62 -13.36
C GLY B 241 -32.58 11.24 -14.78
N GLU B 242 -33.27 11.76 -15.79
CA GLU B 242 -32.93 11.55 -17.21
C GLU B 242 -31.47 11.98 -17.42
N PRO B 243 -30.70 11.28 -18.29
CA PRO B 243 -29.30 11.63 -18.51
C PRO B 243 -29.03 13.11 -18.85
N ASN B 244 -29.89 13.75 -19.66
CA ASN B 244 -29.71 15.18 -20.06
C ASN B 244 -31.05 15.76 -20.50
N LYS B 245 -31.06 17.00 -20.99
CA LYS B 245 -32.28 17.82 -21.30
C LYS B 245 -33.02 17.21 -22.48
N LYS B 246 -32.27 16.65 -23.43
CA LYS B 246 -32.80 16.12 -24.69
C LYS B 246 -33.71 14.91 -24.41
N TYR B 247 -33.57 14.27 -23.24
CA TYR B 247 -34.40 13.09 -22.86
C TYR B 247 -35.69 13.50 -22.16
N ILE B 248 -35.85 14.79 -21.80
CA ILE B 248 -36.91 15.32 -20.90
C ILE B 248 -38.06 15.90 -21.73
N ASN B 249 -37.76 16.70 -22.75
CA ASN B 249 -38.79 17.16 -23.74
C ASN B 249 -39.20 15.95 -24.62
N SER B 250 -38.25 15.31 -25.32
CA SER B 250 -38.47 14.22 -26.31
C SER B 250 -39.59 14.59 -27.29
N GLU B 251 -40.84 14.31 -26.89
CA GLU B 251 -42.05 14.36 -27.77
C GLU B 251 -41.68 13.62 -29.06
N GLY B 252 -41.15 14.34 -30.06
CA GLY B 252 -40.82 13.80 -31.40
C GLY B 252 -39.42 14.20 -31.82
N ILE B 253 -38.42 13.93 -30.97
CA ILE B 253 -36.96 13.99 -31.30
C ILE B 253 -36.44 12.54 -31.34
N ASP B 254 -35.64 12.19 -32.34
CA ASP B 254 -35.20 10.79 -32.60
C ASP B 254 -34.02 10.47 -31.68
N LEU B 255 -34.28 9.78 -30.58
CA LEU B 255 -33.28 9.47 -29.52
C LEU B 255 -32.47 8.20 -29.86
N THR B 256 -32.70 7.57 -31.02
CA THR B 256 -31.90 6.42 -31.54
C THR B 256 -30.91 6.88 -32.61
N LYS B 257 -31.17 8.01 -33.28
CA LYS B 257 -30.13 8.77 -34.02
C LYS B 257 -29.11 9.26 -32.98
N GLY B 258 -27.84 9.28 -33.35
CA GLY B 258 -26.74 9.75 -32.49
C GLY B 258 -26.45 11.21 -32.79
N PRO B 259 -25.18 11.66 -32.78
CA PRO B 259 -24.07 10.90 -32.18
C PRO B 259 -24.24 10.73 -30.67
N PHE B 260 -23.59 9.72 -30.10
CA PHE B 260 -23.61 9.40 -28.65
C PHE B 260 -22.22 9.64 -28.08
N ASP B 261 -22.13 10.22 -26.90
CA ASP B 261 -20.82 10.45 -26.24
C ASP B 261 -21.05 10.67 -24.75
N HIS B 262 -20.03 11.14 -24.04
CA HIS B 262 -20.02 11.31 -22.57
C HIS B 262 -21.03 12.36 -22.10
N THR B 263 -21.66 13.10 -23.01
CA THR B 263 -22.70 14.14 -22.72
C THR B 263 -24.09 13.74 -23.25
N HIS B 264 -24.21 12.64 -23.99
CA HIS B 264 -25.46 12.19 -24.64
C HIS B 264 -25.42 10.69 -24.86
N PRO B 265 -25.90 9.88 -23.89
CA PRO B 265 -25.86 8.44 -24.05
C PRO B 265 -27.06 7.94 -24.87
N TYR B 266 -27.01 6.68 -25.27
CA TYR B 266 -28.11 5.92 -25.91
C TYR B 266 -28.67 4.99 -24.83
N LEU B 267 -29.99 4.81 -24.77
CA LEU B 267 -30.63 3.84 -23.85
C LEU B 267 -30.66 2.47 -24.53
N ALA B 268 -29.71 1.59 -24.18
CA ALA B 268 -29.57 0.26 -24.81
C ALA B 268 -30.24 -0.80 -23.94
N ARG B 269 -31.22 -1.49 -24.52
CA ARG B 269 -31.92 -2.68 -24.00
C ARG B 269 -30.91 -3.80 -23.66
N ILE B 270 -30.90 -4.32 -22.43
CA ILE B 270 -30.14 -5.57 -22.11
C ILE B 270 -31.02 -6.78 -22.46
N THR B 271 -30.71 -7.49 -23.53
CA THR B 271 -31.53 -8.60 -24.07
C THR B 271 -31.10 -9.93 -23.44
N GLU B 272 -29.89 -10.01 -22.90
CA GLU B 272 -29.43 -11.26 -22.26
C GLU B 272 -28.46 -10.94 -21.12
N THR B 273 -28.50 -11.76 -20.08
CA THR B 273 -27.52 -11.78 -18.97
C THR B 273 -27.30 -13.24 -18.57
N ARG B 274 -26.12 -13.51 -18.02
CA ARG B 274 -25.67 -14.86 -17.62
C ARG B 274 -24.69 -14.68 -16.45
N GLU B 275 -24.93 -15.34 -15.32
CA GLU B 275 -23.93 -15.52 -14.24
C GLU B 275 -22.82 -16.42 -14.81
N LEU B 276 -21.57 -15.98 -14.86
CA LEU B 276 -20.45 -16.74 -15.48
C LEU B 276 -19.69 -17.51 -14.40
N PHE B 277 -19.73 -17.12 -13.13
CA PHE B 277 -19.06 -17.86 -12.02
C PHE B 277 -20.09 -18.81 -11.40
N SER B 278 -19.64 -19.92 -10.83
CA SER B 278 -20.52 -20.89 -10.14
C SER B 278 -20.14 -20.94 -8.64
N SER B 279 -19.35 -19.99 -8.17
CA SER B 279 -19.14 -19.70 -6.73
C SER B 279 -20.40 -19.03 -6.15
N LYS B 280 -20.81 -19.42 -4.94
CA LYS B 280 -22.02 -18.86 -4.29
C LYS B 280 -21.79 -17.37 -3.94
N GLU B 281 -20.63 -16.99 -3.41
CA GLU B 281 -20.36 -15.64 -2.84
C GLU B 281 -19.68 -14.68 -3.84
N ARG B 282 -19.24 -15.16 -5.01
CA ARG B 282 -18.43 -14.35 -5.95
C ARG B 282 -19.09 -14.45 -7.32
N HIS B 283 -19.30 -13.34 -8.01
CA HIS B 283 -20.13 -13.30 -9.24
C HIS B 283 -19.44 -12.48 -10.31
N CYS B 284 -19.69 -12.90 -11.54
CA CYS B 284 -19.27 -12.18 -12.77
C CYS B 284 -20.39 -12.29 -13.81
N ILE B 285 -20.78 -11.17 -14.41
CA ILE B 285 -22.00 -11.12 -15.25
C ILE B 285 -21.61 -10.87 -16.71
N HIS B 286 -22.12 -11.72 -17.60
CA HIS B 286 -22.15 -11.51 -19.07
C HIS B 286 -23.40 -10.68 -19.41
N VAL B 287 -23.22 -9.53 -20.05
CA VAL B 287 -24.32 -8.60 -20.47
C VAL B 287 -24.31 -8.47 -21.99
N GLU B 288 -25.44 -8.75 -22.63
CA GLU B 288 -25.70 -8.47 -24.06
C GLU B 288 -26.62 -7.23 -24.17
N PHE B 289 -26.07 -6.12 -24.67
CA PHE B 289 -26.82 -4.90 -25.08
C PHE B 289 -27.23 -5.00 -26.55
N ASP B 290 -28.51 -4.81 -26.86
CA ASP B 290 -28.97 -4.66 -28.26
C ASP B 290 -28.81 -3.20 -28.68
N ILE B 291 -28.12 -2.96 -29.80
CA ILE B 291 -27.91 -1.59 -30.37
C ILE B 291 -28.41 -1.57 -31.83
N SER B 292 -29.20 -2.57 -32.24
CA SER B 292 -29.58 -2.81 -33.65
C SER B 292 -30.46 -1.65 -34.15
N GLU B 293 -31.29 -1.06 -33.30
CA GLU B 293 -32.24 -0.01 -33.75
C GLU B 293 -31.64 1.38 -33.47
N SER B 294 -30.31 1.53 -33.48
CA SER B 294 -29.64 2.78 -33.08
C SER B 294 -28.51 3.13 -34.06
N ASN B 295 -27.91 4.31 -33.86
CA ASN B 295 -26.74 4.84 -34.60
C ASN B 295 -25.47 4.59 -33.79
N LEU B 296 -25.58 3.95 -32.62
CA LEU B 296 -24.42 3.59 -31.78
C LEU B 296 -23.56 2.57 -32.55
N LYS B 297 -22.27 2.87 -32.71
CA LYS B 297 -21.32 1.99 -33.44
C LYS B 297 -20.19 1.60 -32.50
N TYR B 298 -19.68 0.37 -32.65
CA TYR B 298 -18.43 -0.10 -32.02
C TYR B 298 -17.57 -0.88 -33.02
N THR B 299 -16.28 -0.88 -32.73
CA THR B 299 -15.23 -1.74 -33.32
C THR B 299 -14.71 -2.65 -32.20
N THR B 300 -14.43 -3.91 -32.51
CA THR B 300 -13.68 -4.85 -31.62
C THR B 300 -12.54 -4.13 -30.91
N GLY B 301 -12.46 -4.29 -29.59
CA GLY B 301 -11.40 -3.71 -28.75
C GLY B 301 -11.79 -2.36 -28.17
N ASP B 302 -12.88 -1.78 -28.64
CA ASP B 302 -13.49 -0.56 -28.01
C ASP B 302 -13.98 -0.83 -26.59
N HIS B 303 -14.24 0.26 -25.86
CA HIS B 303 -14.86 0.28 -24.50
C HIS B 303 -16.32 0.76 -24.53
N LEU B 304 -17.18 0.18 -23.69
CA LEU B 304 -18.54 0.70 -23.43
C LEU B 304 -18.56 1.46 -22.10
N ALA B 305 -19.08 2.67 -22.12
CA ALA B 305 -19.29 3.51 -20.91
C ALA B 305 -20.73 3.28 -20.43
N ILE B 306 -20.88 2.72 -19.25
CA ILE B 306 -22.20 2.45 -18.62
C ILE B 306 -22.45 3.50 -17.56
N TRP B 307 -23.50 4.32 -17.75
CA TRP B 307 -23.94 5.43 -16.86
C TRP B 307 -24.65 4.80 -15.66
N PRO B 308 -24.19 5.06 -14.43
CA PRO B 308 -24.74 4.38 -13.27
C PRO B 308 -25.98 5.12 -12.75
N SER B 309 -26.69 4.43 -11.87
CA SER B 309 -27.65 5.02 -10.89
C SER B 309 -27.28 4.42 -9.53
N ASN B 310 -27.59 5.12 -8.43
CA ASN B 310 -27.16 4.70 -7.07
C ASN B 310 -28.15 3.64 -6.54
N SER B 311 -27.73 2.92 -5.50
CA SER B 311 -28.54 1.86 -4.87
C SER B 311 -29.56 2.47 -3.90
N ASP B 312 -30.65 1.77 -3.65
CA ASP B 312 -31.72 2.18 -2.71
C ASP B 312 -31.06 2.41 -1.35
N GLU B 313 -30.29 1.42 -0.92
CA GLU B 313 -29.70 1.38 0.44
C GLU B 313 -28.83 2.61 0.63
N ASN B 314 -27.99 2.94 -0.36
CA ASN B 314 -27.03 4.08 -0.26
C ASN B 314 -27.82 5.41 -0.30
N ILE B 315 -28.94 5.44 -1.01
CA ILE B 315 -29.78 6.67 -1.15
C ILE B 315 -30.48 6.96 0.20
N LYS B 316 -31.10 5.92 0.77
CA LYS B 316 -31.81 5.98 2.07
C LYS B 316 -30.86 6.55 3.13
N GLN B 317 -29.65 6.02 3.22
CA GLN B 317 -28.64 6.38 4.25
C GLN B 317 -28.18 7.84 4.04
N PHE B 318 -28.03 8.26 2.79
CA PHE B 318 -27.67 9.66 2.43
C PHE B 318 -28.78 10.59 2.91
N ALA B 319 -30.03 10.23 2.58
CA ALA B 319 -31.24 11.02 2.93
C ALA B 319 -31.41 11.07 4.47
N LYS B 320 -31.28 9.93 5.14
CA LYS B 320 -31.26 9.86 6.62
C LYS B 320 -30.24 10.89 7.12
N CYS B 321 -28.99 10.79 6.65
CA CYS B 321 -27.83 11.58 7.12
C CYS B 321 -28.13 13.08 7.06
N PHE B 322 -28.68 13.56 5.95
CA PHE B 322 -28.93 15.00 5.69
C PHE B 322 -30.43 15.33 5.86
N GLY B 323 -31.19 14.51 6.60
CA GLY B 323 -32.62 14.75 6.85
C GLY B 323 -33.36 15.24 5.61
N LEU B 324 -33.37 14.47 4.52
CA LEU B 324 -34.10 14.76 3.25
C LEU B 324 -35.10 13.64 2.98
N GLU B 325 -35.39 12.76 3.95
CA GLU B 325 -36.24 11.55 3.73
C GLU B 325 -37.65 11.97 3.27
N ASP B 326 -38.07 13.18 3.68
CA ASP B 326 -39.45 13.68 3.43
C ASP B 326 -39.44 14.65 2.27
N LYS B 327 -38.28 15.01 1.70
CA LYS B 327 -38.19 16.01 0.61
C LYS B 327 -37.92 15.35 -0.75
N LEU B 328 -37.81 14.02 -0.82
CA LEU B 328 -37.23 13.34 -1.99
C LEU B 328 -38.08 13.58 -3.25
N ASP B 329 -39.36 13.88 -3.11
CA ASP B 329 -40.26 14.14 -4.27
C ASP B 329 -40.42 15.63 -4.47
N THR B 330 -39.84 16.47 -3.61
CA THR B 330 -39.91 17.95 -3.77
C THR B 330 -39.06 18.36 -4.97
N VAL B 331 -39.66 19.13 -5.88
CA VAL B 331 -39.00 19.70 -7.08
C VAL B 331 -38.19 20.94 -6.68
N ILE B 332 -36.96 21.02 -7.16
CA ILE B 332 -36.05 22.17 -6.94
C ILE B 332 -35.67 22.73 -8.31
N GLU B 333 -35.35 24.01 -8.36
CA GLU B 333 -34.68 24.56 -9.55
C GLU B 333 -33.44 25.29 -9.06
N LEU B 334 -32.36 25.20 -9.84
CA LEU B 334 -31.03 25.77 -9.53
C LEU B 334 -30.86 27.03 -10.39
N LYS B 335 -30.31 28.07 -9.80
CA LYS B 335 -29.84 29.27 -10.53
C LYS B 335 -28.37 29.52 -10.16
N ALA B 336 -27.51 29.60 -11.17
CA ALA B 336 -26.08 29.95 -11.03
C ALA B 336 -25.96 31.36 -10.44
N LEU B 337 -25.07 31.54 -9.47
CA LEU B 337 -24.74 32.85 -8.82
C LEU B 337 -23.41 33.39 -9.36
N ASP B 338 -22.76 32.61 -10.24
CA ASP B 338 -21.42 32.88 -10.80
C ASP B 338 -21.47 32.62 -12.30
N SER B 339 -21.09 33.60 -13.10
CA SER B 339 -21.32 33.56 -14.57
C SER B 339 -20.52 32.41 -15.22
N THR B 340 -19.62 31.73 -14.51
CA THR B 340 -18.75 30.66 -15.09
C THR B 340 -19.11 29.28 -14.51
N TYR B 341 -19.99 29.21 -13.50
CA TYR B 341 -20.44 27.93 -12.89
C TYR B 341 -21.58 27.32 -13.73
N THR B 342 -21.38 26.08 -14.19
CA THR B 342 -22.39 25.26 -14.92
C THR B 342 -23.20 24.42 -13.95
N ILE B 343 -24.54 24.42 -14.10
CA ILE B 343 -25.42 23.49 -13.33
C ILE B 343 -25.15 22.06 -13.80
N PRO B 344 -24.68 21.17 -12.90
CA PRO B 344 -24.21 19.86 -13.30
C PRO B 344 -25.26 18.89 -13.88
N PHE B 345 -26.55 19.22 -13.78
CA PHE B 345 -27.66 18.35 -14.25
C PHE B 345 -28.80 19.21 -14.72
N PRO B 346 -29.77 18.65 -15.46
CA PRO B 346 -30.97 19.39 -15.85
C PRO B 346 -31.67 20.01 -14.63
N THR B 347 -32.31 21.16 -14.84
CA THR B 347 -33.18 21.82 -13.83
C THR B 347 -34.47 22.23 -14.54
N PRO B 348 -35.67 22.14 -13.91
CA PRO B 348 -35.82 21.69 -12.52
C PRO B 348 -35.87 20.16 -12.41
N ILE B 349 -35.78 19.65 -11.17
CA ILE B 349 -35.50 18.22 -10.83
C ILE B 349 -35.89 17.99 -9.37
N THR B 350 -36.27 16.77 -9.00
CA THR B 350 -36.53 16.40 -7.60
C THR B 350 -35.18 16.17 -6.87
N TYR B 351 -35.15 16.39 -5.54
CA TYR B 351 -34.04 15.96 -4.65
C TYR B 351 -33.70 14.50 -4.95
N GLY B 352 -34.70 13.61 -4.95
CA GLY B 352 -34.53 12.17 -5.17
C GLY B 352 -33.73 11.86 -6.43
N ALA B 353 -34.13 12.44 -7.56
CA ALA B 353 -33.43 12.34 -8.85
C ALA B 353 -31.93 12.70 -8.68
N VAL B 354 -31.62 13.87 -8.11
CA VAL B 354 -30.22 14.33 -7.95
C VAL B 354 -29.43 13.23 -7.20
N ILE B 355 -29.94 12.76 -6.09
CA ILE B 355 -29.21 11.77 -5.27
C ILE B 355 -29.08 10.44 -6.02
N ARG B 356 -30.08 10.03 -6.82
CA ARG B 356 -30.10 8.68 -7.44
C ARG B 356 -29.24 8.66 -8.72
N HIS B 357 -29.38 9.67 -9.58
CA HIS B 357 -28.86 9.65 -10.98
C HIS B 357 -27.78 10.69 -11.24
N HIS B 358 -27.33 11.48 -10.26
CA HIS B 358 -26.34 12.56 -10.52
C HIS B 358 -25.24 12.68 -9.47
N LEU B 359 -25.36 12.15 -8.26
CA LEU B 359 -24.31 12.41 -7.25
C LEU B 359 -23.58 11.11 -6.96
N GLU B 360 -22.25 11.18 -6.91
CA GLU B 360 -21.38 10.07 -6.45
C GLU B 360 -21.42 10.07 -4.92
N ILE B 361 -22.53 9.58 -4.36
CA ILE B 361 -22.77 9.55 -2.88
C ILE B 361 -21.89 8.44 -2.28
N SER B 362 -21.61 7.42 -3.08
CA SER B 362 -20.85 6.19 -2.76
C SER B 362 -19.33 6.42 -2.92
N GLY B 363 -18.51 5.72 -2.12
CA GLY B 363 -17.04 5.67 -2.32
C GLY B 363 -16.22 6.32 -1.21
N PRO B 364 -14.88 6.15 -1.23
CA PRO B 364 -14.01 6.71 -0.19
C PRO B 364 -14.28 8.20 0.02
N VAL B 365 -14.28 8.62 1.27
CA VAL B 365 -14.62 10.01 1.65
C VAL B 365 -13.32 10.79 1.68
N SER B 366 -13.25 11.86 0.92
CA SER B 366 -12.12 12.80 1.00
C SER B 366 -12.09 13.41 2.42
N ARG B 367 -10.92 13.59 3.00
CA ARG B 367 -10.80 14.35 4.28
C ARG B 367 -11.04 15.83 4.00
N GLN B 368 -10.86 16.29 2.76
CA GLN B 368 -11.17 17.69 2.36
C GLN B 368 -12.67 17.92 2.54
N PHE B 369 -13.47 16.89 2.25
CA PHE B 369 -14.94 16.90 2.42
C PHE B 369 -15.29 17.23 3.89
N PHE B 370 -14.64 16.56 4.86
CA PHE B 370 -14.85 16.80 6.31
C PHE B 370 -14.51 18.24 6.66
N LEU B 371 -13.35 18.72 6.21
CA LEU B 371 -12.84 20.07 6.53
C LEU B 371 -13.81 21.11 5.95
N SER B 372 -14.41 20.84 4.79
CA SER B 372 -15.28 21.79 4.05
C SER B 372 -16.67 21.85 4.71
N ILE B 373 -17.19 20.75 5.26
CA ILE B 373 -18.58 20.64 5.79
C ILE B 373 -18.61 20.88 7.33
N ALA B 374 -17.48 21.10 8.01
CA ALA B 374 -17.34 21.11 9.50
C ALA B 374 -18.28 22.14 10.15
N GLY B 375 -18.36 23.33 9.55
CA GLY B 375 -19.18 24.44 10.04
C GLY B 375 -20.67 24.11 10.05
N PHE B 376 -21.11 23.01 9.43
CA PHE B 376 -22.53 22.61 9.38
C PHE B 376 -22.83 21.46 10.35
N ALA B 377 -21.96 21.21 11.33
CA ALA B 377 -22.13 20.10 12.29
C ALA B 377 -23.36 20.38 13.14
N PRO B 378 -24.26 19.39 13.38
CA PRO B 378 -25.52 19.67 14.06
C PRO B 378 -25.39 20.12 15.52
N ASP B 379 -24.27 19.87 16.22
CA ASP B 379 -24.09 20.25 17.65
C ASP B 379 -22.62 20.20 18.07
N GLU B 380 -22.31 20.82 19.21
CA GLU B 380 -20.94 21.06 19.77
C GLU B 380 -20.18 19.74 19.96
N GLU B 381 -20.84 18.67 20.43
CA GLU B 381 -20.25 17.31 20.59
C GLU B 381 -19.79 16.77 19.23
N THR B 382 -20.62 16.90 18.21
CA THR B 382 -20.29 16.44 16.84
C THR B 382 -19.12 17.27 16.30
N LYS B 383 -19.17 18.58 16.52
CA LYS B 383 -18.14 19.55 16.08
C LYS B 383 -16.75 19.10 16.57
N LYS B 384 -16.61 18.74 17.85
CA LYS B 384 -15.28 18.42 18.46
C LYS B 384 -14.77 17.12 17.86
N THR B 385 -15.57 16.06 17.82
CA THR B 385 -15.18 14.77 17.19
C THR B 385 -14.80 15.01 15.72
N PHE B 386 -15.57 15.83 14.99
CA PHE B 386 -15.46 16.01 13.52
C PHE B 386 -14.21 16.86 13.21
N THR B 387 -13.95 17.91 13.98
CA THR B 387 -12.78 18.82 13.84
C THR B 387 -11.49 18.00 14.02
N ARG B 388 -11.48 17.09 14.99
CA ARG B 388 -10.33 16.23 15.34
C ARG B 388 -10.02 15.30 14.17
N LEU B 389 -11.00 14.49 13.74
CA LEU B 389 -10.85 13.51 12.63
C LEU B 389 -10.36 14.24 11.39
N GLY B 390 -10.96 15.39 11.10
CA GLY B 390 -10.71 16.16 9.87
C GLY B 390 -9.33 16.79 9.86
N GLY B 391 -8.71 16.95 11.03
CA GLY B 391 -7.40 17.61 11.19
C GLY B 391 -6.25 16.61 11.33
N ASP B 392 -6.53 15.36 11.72
CA ASP B 392 -5.53 14.28 11.93
C ASP B 392 -5.64 13.20 10.82
N LYS B 393 -4.61 13.18 9.98
CA LYS B 393 -4.49 12.34 8.76
C LYS B 393 -4.74 10.85 9.06
N GLN B 394 -4.13 10.34 10.13
CA GLN B 394 -3.95 8.90 10.45
C GLN B 394 -5.21 8.40 11.15
N GLU B 395 -5.72 9.20 12.09
CA GLU B 395 -7.02 8.93 12.77
C GLU B 395 -8.09 8.83 11.69
N PHE B 396 -8.15 9.82 10.79
CA PHE B 396 -9.12 9.87 9.69
C PHE B 396 -9.01 8.58 8.87
N ALA B 397 -7.78 8.16 8.55
CA ALA B 397 -7.54 6.96 7.71
C ALA B 397 -8.01 5.73 8.47
N THR B 398 -7.70 5.64 9.77
CA THR B 398 -8.07 4.50 10.64
C THR B 398 -9.57 4.45 10.89
N LYS B 399 -10.24 5.59 11.12
CA LYS B 399 -11.66 5.60 11.61
C LYS B 399 -12.67 5.72 10.46
N VAL B 400 -12.30 6.31 9.32
CA VAL B 400 -13.18 6.50 8.14
C VAL B 400 -12.69 5.61 6.99
N THR B 401 -11.51 5.89 6.41
CA THR B 401 -11.06 5.33 5.11
C THR B 401 -11.06 3.80 5.23
N ARG B 402 -10.34 3.27 6.22
CA ARG B 402 -10.16 1.84 6.55
C ARG B 402 -11.51 1.15 6.74
N ARG B 403 -12.54 1.86 7.20
CA ARG B 403 -13.84 1.21 7.51
C ARG B 403 -14.66 1.19 6.23
N LYS B 404 -14.24 1.94 5.22
CA LYS B 404 -14.92 1.98 3.91
C LYS B 404 -16.31 2.60 4.09
N PHE B 405 -16.44 3.58 4.98
CA PHE B 405 -17.62 4.47 5.14
C PHE B 405 -17.82 5.28 3.85
N ASN B 406 -19.09 5.38 3.42
CA ASN B 406 -19.55 6.46 2.51
C ASN B 406 -19.71 7.73 3.34
N ILE B 407 -19.88 8.88 2.67
CA ILE B 407 -20.15 10.21 3.30
C ILE B 407 -21.23 10.05 4.40
N ALA B 408 -22.34 9.41 4.09
CA ALA B 408 -23.46 9.25 5.04
C ALA B 408 -23.00 8.49 6.29
N ASP B 409 -22.31 7.37 6.14
CA ASP B 409 -21.88 6.53 7.27
C ASP B 409 -20.81 7.26 8.11
N ALA B 410 -19.96 8.06 7.46
CA ALA B 410 -18.84 8.81 8.08
C ALA B 410 -19.40 9.94 8.96
N LEU B 411 -20.39 10.68 8.43
CA LEU B 411 -21.03 11.83 9.12
C LEU B 411 -21.91 11.33 10.28
N LEU B 412 -22.70 10.28 10.05
CA LEU B 412 -23.59 9.67 11.06
C LEU B 412 -22.76 9.05 12.20
N TYR B 413 -21.59 8.46 11.90
CA TYR B 413 -20.64 8.00 12.94
C TYR B 413 -20.22 9.19 13.79
N SER B 414 -19.87 10.33 13.16
CA SER B 414 -19.31 11.51 13.86
C SER B 414 -20.37 12.14 14.78
N SER B 415 -21.64 12.12 14.37
CA SER B 415 -22.77 12.82 15.03
C SER B 415 -23.62 11.81 15.81
N ASN B 416 -23.02 10.71 16.23
CA ASN B 416 -23.72 9.65 16.99
C ASN B 416 -25.15 9.46 16.44
N ASN B 417 -25.32 9.55 15.12
CA ASN B 417 -26.58 9.25 14.38
C ASN B 417 -27.58 10.41 14.45
N THR B 418 -27.16 11.62 14.84
CA THR B 418 -27.93 12.88 14.70
C THR B 418 -27.83 13.41 13.27
N PRO B 419 -28.95 13.66 12.56
CA PRO B 419 -28.90 14.12 11.17
C PRO B 419 -28.20 15.47 11.00
N TRP B 420 -27.52 15.65 9.86
CA TRP B 420 -26.80 16.88 9.47
C TRP B 420 -27.73 17.79 8.65
N SER B 421 -28.90 18.12 9.19
CA SER B 421 -29.99 18.86 8.48
C SER B 421 -29.70 20.36 8.38
N ASP B 422 -28.61 20.88 8.96
CA ASP B 422 -28.19 22.28 8.75
C ASP B 422 -27.42 22.41 7.41
N VAL B 423 -27.13 21.30 6.74
CA VAL B 423 -26.30 21.31 5.49
C VAL B 423 -27.21 21.73 4.34
N PRO B 424 -26.97 22.87 3.67
CA PRO B 424 -27.76 23.20 2.47
C PRO B 424 -27.53 22.15 1.38
N PHE B 425 -28.57 21.83 0.62
CA PHE B 425 -28.43 20.89 -0.51
C PHE B 425 -27.48 21.47 -1.57
N GLU B 426 -27.30 22.79 -1.61
CA GLU B 426 -26.40 23.44 -2.58
C GLU B 426 -24.95 23.02 -2.33
N PHE B 427 -24.56 22.87 -1.07
CA PHE B 427 -23.19 22.47 -0.64
C PHE B 427 -22.86 21.09 -1.20
N LEU B 428 -23.77 20.15 -1.00
CA LEU B 428 -23.65 18.77 -1.49
C LEU B 428 -23.58 18.79 -3.03
N ILE B 429 -24.41 19.59 -3.71
CA ILE B 429 -24.38 19.67 -5.20
C ILE B 429 -22.98 20.13 -5.67
N GLU B 430 -22.35 21.07 -4.95
CA GLU B 430 -21.02 21.60 -5.34
C GLU B 430 -19.88 20.71 -4.81
N ASN B 431 -20.09 19.92 -3.76
CA ASN B 431 -18.97 19.31 -2.99
C ASN B 431 -18.92 17.78 -3.12
N ILE B 432 -19.82 17.20 -3.90
CA ILE B 432 -19.84 15.75 -4.24
C ILE B 432 -19.79 15.66 -5.77
N GLN B 433 -18.74 15.01 -6.29
CA GLN B 433 -18.46 14.91 -7.75
C GLN B 433 -19.65 14.26 -8.46
N HIS B 434 -19.89 14.66 -9.71
CA HIS B 434 -20.95 14.07 -10.57
C HIS B 434 -20.71 12.55 -10.65
N LEU B 435 -21.79 11.79 -10.75
CA LEU B 435 -21.80 10.32 -11.05
C LEU B 435 -21.17 10.09 -12.43
N THR B 436 -20.00 9.47 -12.53
CA THR B 436 -19.32 9.31 -13.85
C THR B 436 -19.58 7.91 -14.39
N PRO B 437 -19.58 7.75 -15.74
CA PRO B 437 -19.65 6.44 -16.36
C PRO B 437 -18.43 5.59 -16.01
N ARG B 438 -18.64 4.27 -15.99
CA ARG B 438 -17.61 3.21 -15.82
C ARG B 438 -17.40 2.49 -17.16
N TYR B 439 -16.15 2.18 -17.47
CA TYR B 439 -15.76 1.62 -18.79
C TYR B 439 -15.63 0.12 -18.64
N TYR B 440 -15.98 -0.58 -19.71
CA TYR B 440 -15.93 -2.06 -19.83
C TYR B 440 -15.37 -2.39 -21.21
N SER B 441 -14.44 -3.34 -21.24
CA SER B 441 -13.84 -3.89 -22.48
C SER B 441 -14.93 -4.68 -23.22
N ILE B 442 -15.31 -4.24 -24.40
CA ILE B 442 -16.34 -4.94 -25.21
C ILE B 442 -15.82 -6.35 -25.55
N SER B 443 -16.51 -7.39 -25.07
CA SER B 443 -16.14 -8.82 -25.19
C SER B 443 -16.83 -9.46 -26.40
N SER B 444 -17.38 -8.64 -27.29
CA SER B 444 -18.01 -9.09 -28.55
C SER B 444 -17.14 -8.64 -29.75
N SER B 445 -17.41 -9.26 -30.89
CA SER B 445 -16.75 -8.95 -32.18
C SER B 445 -17.72 -8.15 -33.04
N SER B 446 -17.31 -6.96 -33.50
CA SER B 446 -18.12 -6.12 -34.41
C SER B 446 -18.29 -6.81 -35.77
N LEU B 447 -17.38 -7.69 -36.17
CA LEU B 447 -17.56 -8.45 -37.46
C LEU B 447 -18.51 -9.61 -37.21
N SER B 448 -18.50 -10.18 -36.01
CA SER B 448 -19.36 -11.34 -35.67
C SER B 448 -20.79 -10.86 -35.36
N GLU B 449 -20.93 -9.73 -34.66
CA GLU B 449 -22.23 -9.16 -34.24
C GLU B 449 -22.13 -7.64 -34.12
N LYS B 450 -22.29 -6.91 -35.24
CA LYS B 450 -22.13 -5.43 -35.31
C LYS B 450 -23.22 -4.76 -34.46
N GLN B 451 -24.35 -5.45 -34.23
CA GLN B 451 -25.57 -4.88 -33.63
C GLN B 451 -25.73 -5.33 -32.18
N LEU B 452 -24.81 -6.13 -31.60
CA LEU B 452 -24.82 -6.45 -30.15
C LEU B 452 -23.50 -5.98 -29.55
N ILE B 453 -23.54 -5.45 -28.32
CA ILE B 453 -22.33 -5.20 -27.49
C ILE B 453 -22.39 -6.14 -26.29
N ASN B 454 -21.35 -6.95 -26.08
CA ASN B 454 -21.20 -7.79 -24.87
C ASN B 454 -20.25 -7.08 -23.94
N VAL B 455 -20.48 -7.20 -22.63
CA VAL B 455 -19.46 -6.82 -21.64
C VAL B 455 -19.42 -7.96 -20.63
N THR B 456 -18.34 -7.98 -19.86
CA THR B 456 -17.95 -9.08 -18.95
C THR B 456 -17.47 -8.38 -17.67
N ALA B 457 -18.30 -8.39 -16.63
CA ALA B 457 -18.17 -7.51 -15.45
C ALA B 457 -18.18 -8.35 -14.17
N VAL B 458 -17.02 -8.42 -13.49
CA VAL B 458 -16.88 -9.11 -12.19
C VAL B 458 -17.50 -8.14 -11.15
N VAL B 459 -18.29 -8.71 -10.24
CA VAL B 459 -19.13 -7.96 -9.27
C VAL B 459 -18.27 -7.67 -8.04
N GLU B 460 -18.02 -6.38 -7.76
CA GLU B 460 -17.40 -5.89 -6.50
C GLU B 460 -18.48 -5.70 -5.44
N ALA B 461 -18.37 -6.36 -4.29
CA ALA B 461 -19.38 -6.32 -3.22
C ALA B 461 -18.89 -7.08 -1.99
N GLU B 462 -18.87 -6.45 -0.81
CA GLU B 462 -18.69 -7.14 0.50
C GLU B 462 -19.70 -6.62 1.53
N GLU B 463 -19.95 -7.42 2.56
CA GLU B 463 -20.78 -7.07 3.74
C GLU B 463 -19.85 -6.92 4.95
N GLU B 464 -19.83 -5.76 5.61
CA GLU B 464 -18.95 -5.55 6.80
C GLU B 464 -19.56 -6.37 7.94
N ALA B 465 -18.81 -6.59 9.04
CA ALA B 465 -19.22 -7.45 10.20
C ALA B 465 -20.50 -6.90 10.84
N ASP B 466 -20.81 -5.62 10.63
CA ASP B 466 -22.03 -4.93 11.17
C ASP B 466 -23.20 -5.09 10.20
N GLY B 467 -22.97 -5.53 8.98
CA GLY B 467 -24.04 -5.74 7.98
C GLY B 467 -24.09 -4.60 6.96
N ARG B 468 -23.26 -3.59 7.13
CA ARG B 468 -23.12 -2.48 6.17
C ARG B 468 -22.63 -3.08 4.84
N PRO B 469 -23.36 -2.85 3.72
CA PRO B 469 -22.89 -3.27 2.39
C PRO B 469 -21.93 -2.27 1.72
N VAL B 470 -20.76 -2.76 1.29
CA VAL B 470 -19.80 -2.00 0.47
C VAL B 470 -19.84 -2.58 -0.94
N THR B 471 -20.29 -1.78 -1.91
CA THR B 471 -20.70 -2.25 -3.26
C THR B 471 -20.08 -1.40 -4.37
N GLY B 472 -19.77 -2.04 -5.49
CA GLY B 472 -19.53 -1.37 -6.77
C GLY B 472 -20.86 -0.97 -7.36
N VAL B 473 -21.01 0.29 -7.69
CA VAL B 473 -22.31 0.88 -8.13
C VAL B 473 -22.76 0.18 -9.41
N VAL B 474 -21.97 0.22 -10.48
CA VAL B 474 -22.38 -0.37 -11.79
C VAL B 474 -22.55 -1.88 -11.68
N THR B 475 -21.61 -2.58 -11.05
CA THR B 475 -21.54 -4.06 -11.15
C THR B 475 -22.72 -4.66 -10.38
N ASN B 476 -23.08 -4.09 -9.22
CA ASN B 476 -24.29 -4.56 -8.47
C ASN B 476 -25.58 -4.15 -9.20
N LEU B 477 -25.58 -3.07 -9.97
CA LEU B 477 -26.72 -2.74 -10.86
C LEU B 477 -26.87 -3.86 -11.89
N LEU B 478 -25.77 -4.29 -12.51
CA LEU B 478 -25.75 -5.36 -13.54
C LEU B 478 -26.15 -6.71 -12.93
N LYS B 479 -25.65 -7.04 -11.75
CA LYS B 479 -26.09 -8.26 -11.00
C LYS B 479 -27.60 -8.20 -10.74
N ASN B 480 -28.10 -7.05 -10.27
CA ASN B 480 -29.55 -6.80 -10.06
C ASN B 480 -30.35 -7.15 -11.31
N ILE B 481 -29.98 -6.55 -12.44
CA ILE B 481 -30.66 -6.79 -13.74
C ILE B 481 -30.57 -8.30 -14.07
N GLU B 482 -29.44 -8.96 -13.81
CA GLU B 482 -29.28 -10.37 -14.21
C GLU B 482 -30.26 -11.20 -13.36
N ILE B 483 -30.36 -10.88 -12.07
CA ILE B 483 -31.24 -11.58 -11.09
C ILE B 483 -32.70 -11.41 -11.53
N ALA B 484 -33.07 -10.19 -11.86
CA ALA B 484 -34.44 -9.85 -12.30
C ALA B 484 -34.70 -10.51 -13.66
N GLN B 485 -33.81 -10.32 -14.63
CA GLN B 485 -34.10 -10.74 -16.01
C GLN B 485 -34.25 -12.26 -16.06
N ASN B 486 -33.49 -12.98 -15.22
CA ASN B 486 -33.39 -14.46 -15.31
C ASN B 486 -34.22 -15.09 -14.18
N LYS B 487 -34.90 -14.27 -13.39
CA LYS B 487 -35.86 -14.72 -12.35
C LYS B 487 -35.16 -15.78 -11.48
N THR B 488 -33.94 -15.50 -11.05
CA THR B 488 -33.07 -16.50 -10.35
C THR B 488 -33.55 -16.66 -8.90
N GLY B 489 -34.14 -15.61 -8.33
CA GLY B 489 -34.56 -15.61 -6.92
C GLY B 489 -33.38 -15.49 -5.96
N GLU B 490 -32.24 -14.99 -6.42
CA GLU B 490 -31.12 -14.62 -5.53
C GLU B 490 -31.51 -13.33 -4.81
N LYS B 491 -31.08 -13.17 -3.57
CA LYS B 491 -31.27 -11.94 -2.76
C LYS B 491 -30.22 -10.93 -3.17
N PRO B 492 -30.52 -9.85 -3.94
CA PRO B 492 -29.52 -8.80 -4.15
C PRO B 492 -28.99 -8.28 -2.81
N LEU B 493 -27.70 -7.96 -2.74
CA LEU B 493 -27.10 -7.28 -1.56
C LEU B 493 -27.63 -5.84 -1.48
N VAL B 494 -27.85 -5.20 -2.63
CA VAL B 494 -28.42 -3.83 -2.72
C VAL B 494 -29.37 -3.85 -3.93
N HIS B 495 -30.31 -2.92 -3.96
CA HIS B 495 -31.36 -2.87 -5.00
C HIS B 495 -31.22 -1.55 -5.70
N TYR B 496 -31.71 -1.50 -6.93
CA TYR B 496 -31.73 -0.29 -7.81
C TYR B 496 -33.10 -0.12 -8.45
N ASP B 497 -33.36 1.06 -8.96
CA ASP B 497 -34.57 1.33 -9.77
C ASP B 497 -34.31 0.85 -11.21
N LEU B 498 -34.75 -0.35 -11.55
CA LEU B 498 -34.54 -0.93 -12.91
C LEU B 498 -35.52 -0.34 -13.95
N SER B 499 -36.46 0.53 -13.52
CA SER B 499 -37.38 1.26 -14.43
C SER B 499 -36.79 2.61 -14.84
N GLY B 500 -35.95 3.20 -13.99
CA GLY B 500 -35.37 4.53 -14.26
C GLY B 500 -36.42 5.62 -14.41
N PRO B 501 -35.99 6.84 -14.74
CA PRO B 501 -36.89 8.02 -14.80
C PRO B 501 -38.15 7.86 -15.66
N ARG B 502 -39.34 7.93 -15.03
CA ARG B 502 -40.66 7.77 -15.70
C ARG B 502 -40.72 6.46 -16.49
N GLY B 503 -40.05 5.38 -16.05
CA GLY B 503 -40.10 4.06 -16.71
C GLY B 503 -39.30 3.99 -18.00
N LYS B 504 -38.41 4.95 -18.25
CA LYS B 504 -37.68 5.11 -19.54
C LYS B 504 -36.58 4.05 -19.69
N PHE B 505 -36.11 3.46 -18.59
CA PHE B 505 -35.11 2.37 -18.64
C PHE B 505 -35.85 1.03 -18.61
N ASN B 506 -37.17 1.03 -18.84
CA ASN B 506 -37.95 -0.24 -18.85
C ASN B 506 -37.59 -1.03 -20.09
N LYS B 507 -37.58 -2.36 -19.92
CA LYS B 507 -37.02 -3.36 -20.86
C LYS B 507 -35.53 -3.50 -20.52
N PHE B 508 -35.16 -3.27 -19.26
CA PHE B 508 -33.77 -3.35 -18.76
C PHE B 508 -32.82 -2.55 -19.67
N LYS B 509 -33.08 -1.26 -19.80
CA LYS B 509 -32.19 -0.31 -20.53
C LYS B 509 -31.25 0.38 -19.54
N LEU B 510 -30.10 0.80 -20.04
CA LEU B 510 -29.13 1.65 -19.32
C LEU B 510 -28.58 2.66 -20.31
N PRO B 511 -28.23 3.86 -19.85
CA PRO B 511 -27.51 4.80 -20.71
C PRO B 511 -26.09 4.24 -20.91
N VAL B 512 -25.69 4.15 -22.18
CA VAL B 512 -24.34 3.67 -22.58
C VAL B 512 -23.79 4.62 -23.65
N HIS B 513 -22.47 4.70 -23.77
CA HIS B 513 -21.79 5.18 -25.01
C HIS B 513 -20.47 4.42 -25.19
N VAL B 514 -19.90 4.57 -26.37
CA VAL B 514 -18.70 3.83 -26.81
C VAL B 514 -17.54 4.83 -26.87
N ARG B 515 -16.44 4.56 -26.15
CA ARG B 515 -15.15 5.27 -26.35
C ARG B 515 -14.25 4.39 -27.23
N ARG B 516 -13.93 4.89 -28.43
CA ARG B 516 -13.05 4.23 -29.43
C ARG B 516 -11.67 4.06 -28.77
N SER B 517 -11.07 2.87 -28.85
CA SER B 517 -9.74 2.65 -28.23
C SER B 517 -8.69 2.41 -29.32
N ASN B 518 -7.41 2.47 -28.94
CA ASN B 518 -6.24 2.07 -29.78
C ASN B 518 -6.00 0.57 -29.67
N PHE B 519 -6.78 -0.14 -28.86
CA PHE B 519 -6.64 -1.60 -28.66
C PHE B 519 -7.31 -2.25 -29.86
N LYS B 520 -6.52 -2.63 -30.87
CA LYS B 520 -7.08 -3.05 -32.18
C LYS B 520 -6.27 -4.22 -32.72
N LEU B 521 -6.96 -5.18 -33.34
CA LEU B 521 -6.30 -6.29 -34.05
C LEU B 521 -5.39 -5.67 -35.09
N PRO B 522 -4.39 -6.41 -35.62
CA PRO B 522 -3.51 -5.87 -36.64
C PRO B 522 -4.33 -5.70 -37.93
N LYS B 523 -4.06 -4.65 -38.70
CA LYS B 523 -4.76 -4.37 -39.98
C LYS B 523 -4.66 -5.60 -40.89
N ASN B 524 -3.54 -6.32 -40.81
CA ASN B 524 -3.26 -7.49 -41.68
C ASN B 524 -3.52 -8.78 -40.90
N SER B 525 -4.57 -9.50 -41.29
CA SER B 525 -5.18 -10.66 -40.58
C SER B 525 -4.22 -11.87 -40.51
N THR B 526 -3.16 -11.88 -41.33
CA THR B 526 -2.16 -12.99 -41.32
C THR B 526 -1.12 -12.74 -40.21
N THR B 527 -0.97 -11.52 -39.69
CA THR B 527 -0.05 -11.28 -38.55
C THR B 527 -0.45 -12.18 -37.38
N PRO B 528 0.49 -12.95 -36.78
CA PRO B 528 0.18 -13.68 -35.56
C PRO B 528 -0.06 -12.71 -34.40
N VAL B 529 -0.85 -13.14 -33.43
CA VAL B 529 -1.14 -12.31 -32.23
C VAL B 529 -0.89 -13.19 -31.02
N ILE B 530 -0.40 -12.56 -29.96
CA ILE B 530 -0.17 -13.20 -28.65
C ILE B 530 -1.09 -12.49 -27.64
N LEU B 531 -2.10 -13.22 -27.14
CA LEU B 531 -3.18 -12.65 -26.29
C LEU B 531 -3.00 -13.19 -24.87
N ILE B 532 -2.80 -12.27 -23.92
CA ILE B 532 -2.57 -12.54 -22.47
C ILE B 532 -3.63 -11.76 -21.67
N GLY B 533 -4.54 -12.48 -21.00
CA GLY B 533 -5.68 -11.89 -20.27
C GLY B 533 -6.25 -12.86 -19.25
N PRO B 534 -5.71 -12.91 -18.01
CA PRO B 534 -6.30 -13.70 -16.95
C PRO B 534 -7.48 -12.91 -16.32
N GLY B 535 -8.40 -13.64 -15.69
CA GLY B 535 -9.64 -13.06 -15.12
C GLY B 535 -10.46 -12.36 -16.20
N THR B 536 -11.00 -11.20 -15.88
CA THR B 536 -11.85 -10.40 -16.79
C THR B 536 -10.95 -9.78 -17.87
N GLY B 537 -9.62 -10.01 -17.78
CA GLY B 537 -8.67 -9.63 -18.83
C GLY B 537 -9.04 -10.29 -20.15
N VAL B 538 -9.70 -11.46 -20.09
CA VAL B 538 -10.05 -12.30 -21.27
C VAL B 538 -11.16 -11.62 -22.10
N ALA B 539 -11.75 -10.53 -21.59
CA ALA B 539 -12.99 -9.94 -22.16
C ALA B 539 -12.75 -9.44 -23.59
N PRO B 540 -11.86 -8.45 -23.83
CA PRO B 540 -11.62 -7.98 -25.20
C PRO B 540 -10.96 -9.07 -26.08
N LEU B 541 -10.35 -10.08 -25.45
CA LEU B 541 -9.64 -11.19 -26.15
C LEU B 541 -10.68 -12.17 -26.71
N ARG B 542 -11.81 -12.35 -26.01
CA ARG B 542 -13.00 -13.03 -26.55
C ARG B 542 -13.46 -12.29 -27.82
N GLY B 543 -13.47 -10.97 -27.80
CA GLY B 543 -13.79 -10.17 -28.99
C GLY B 543 -12.84 -10.50 -30.11
N PHE B 544 -11.52 -10.49 -29.84
CA PHE B 544 -10.45 -10.80 -30.83
C PHE B 544 -10.63 -12.21 -31.35
N VAL B 545 -10.77 -13.19 -30.47
CA VAL B 545 -10.89 -14.60 -30.92
C VAL B 545 -12.14 -14.75 -31.77
N ARG B 546 -13.28 -14.19 -31.34
CA ARG B 546 -14.55 -14.24 -32.12
C ARG B 546 -14.37 -13.53 -33.46
N GLU B 547 -13.67 -12.39 -33.50
CA GLU B 547 -13.41 -11.63 -34.77
C GLU B 547 -12.63 -12.50 -35.76
N ARG B 548 -11.68 -13.31 -35.28
CA ARG B 548 -10.82 -14.15 -36.16
C ARG B 548 -11.54 -15.45 -36.53
N VAL B 549 -12.43 -15.97 -35.66
CA VAL B 549 -13.27 -17.17 -35.92
C VAL B 549 -14.21 -16.85 -37.08
N GLN B 550 -14.81 -15.65 -37.05
CA GLN B 550 -15.73 -15.13 -38.09
C GLN B 550 -14.95 -14.94 -39.40
N GLN B 551 -13.72 -14.40 -39.33
CA GLN B 551 -12.82 -14.13 -40.48
C GLN B 551 -12.49 -15.43 -41.20
N VAL B 552 -12.21 -16.50 -40.45
CA VAL B 552 -11.98 -17.86 -41.02
C VAL B 552 -13.25 -18.29 -41.75
N LYS B 553 -14.41 -18.29 -41.07
CA LYS B 553 -15.73 -18.63 -41.66
C LYS B 553 -16.02 -17.70 -42.86
N ASN B 554 -15.29 -16.59 -43.03
CA ASN B 554 -15.37 -15.69 -44.22
C ASN B 554 -14.35 -16.12 -45.28
N GLY B 555 -13.62 -17.22 -45.01
CA GLY B 555 -12.57 -17.75 -45.91
C GLY B 555 -11.30 -16.92 -45.89
N VAL B 556 -11.21 -15.89 -45.03
CA VAL B 556 -9.97 -15.07 -44.85
C VAL B 556 -8.84 -15.99 -44.36
N ASN B 557 -7.59 -15.61 -44.66
CA ASN B 557 -6.38 -16.28 -44.13
C ASN B 557 -5.94 -15.53 -42.87
N VAL B 558 -5.99 -16.22 -41.73
CA VAL B 558 -5.73 -15.60 -40.40
C VAL B 558 -4.51 -16.29 -39.78
N GLY B 559 -3.63 -15.47 -39.21
CA GLY B 559 -2.39 -15.88 -38.53
C GLY B 559 -2.63 -16.76 -37.31
N LYS B 560 -1.55 -17.03 -36.60
CA LYS B 560 -1.58 -17.80 -35.36
C LYS B 560 -2.17 -16.90 -34.25
N THR B 561 -3.05 -17.47 -33.43
CA THR B 561 -3.56 -16.82 -32.20
C THR B 561 -3.11 -17.64 -30.97
N LEU B 562 -2.18 -17.09 -30.21
CA LEU B 562 -1.81 -17.60 -28.87
C LEU B 562 -2.68 -16.88 -27.85
N LEU B 563 -3.42 -17.62 -27.03
CA LEU B 563 -4.21 -17.05 -25.90
C LEU B 563 -3.72 -17.66 -24.59
N PHE B 564 -3.20 -16.82 -23.68
CA PHE B 564 -2.88 -17.22 -22.29
C PHE B 564 -3.98 -16.68 -21.35
N TYR B 565 -4.74 -17.62 -20.78
CA TYR B 565 -5.86 -17.37 -19.84
C TYR B 565 -5.49 -17.95 -18.47
N GLY B 566 -6.11 -17.39 -17.44
CA GLY B 566 -5.88 -17.71 -16.02
C GLY B 566 -7.12 -17.41 -15.20
N CYS B 567 -7.39 -18.29 -14.24
CA CYS B 567 -8.48 -18.16 -13.24
C CYS B 567 -8.11 -19.02 -12.03
N ARG B 568 -8.90 -18.97 -10.97
CA ARG B 568 -8.59 -19.64 -9.69
C ARG B 568 -8.75 -21.16 -9.85
N ASN B 569 -9.75 -21.59 -10.60
CA ASN B 569 -10.15 -23.02 -10.64
C ASN B 569 -11.01 -23.26 -11.88
N SER B 570 -10.71 -24.34 -12.61
CA SER B 570 -11.45 -24.81 -13.80
C SER B 570 -12.97 -24.84 -13.55
N ASN B 571 -13.41 -25.20 -12.33
CA ASN B 571 -14.83 -25.45 -12.01
C ASN B 571 -15.46 -24.30 -11.20
N GLU B 572 -14.78 -23.16 -11.05
CA GLU B 572 -15.30 -22.05 -10.22
C GLU B 572 -15.53 -20.82 -11.11
N ASP B 573 -14.48 -20.35 -11.79
CA ASP B 573 -14.46 -19.00 -12.40
C ASP B 573 -13.83 -19.04 -13.79
N PHE B 574 -13.98 -20.16 -14.51
CA PHE B 574 -13.46 -20.29 -15.90
C PHE B 574 -14.38 -19.51 -16.86
N LEU B 575 -14.07 -18.23 -17.11
CA LEU B 575 -14.86 -17.35 -18.03
C LEU B 575 -15.04 -17.99 -19.41
N TYR B 576 -16.31 -18.15 -19.81
CA TYR B 576 -16.72 -18.67 -21.14
C TYR B 576 -16.12 -20.06 -21.38
N LYS B 577 -16.04 -20.87 -20.33
CA LYS B 577 -15.42 -22.22 -20.35
C LYS B 577 -15.81 -23.00 -21.60
N GLN B 578 -17.09 -23.12 -21.94
CA GLN B 578 -17.56 -24.10 -22.97
C GLN B 578 -17.52 -23.46 -24.37
N GLU B 579 -17.20 -22.17 -24.48
CA GLU B 579 -17.06 -21.51 -25.82
C GLU B 579 -15.70 -21.82 -26.46
N TRP B 580 -14.62 -22.02 -25.68
CA TRP B 580 -13.23 -22.02 -26.25
C TRP B 580 -13.00 -23.23 -27.18
N ALA B 581 -13.51 -24.42 -26.84
CA ALA B 581 -13.43 -25.63 -27.71
C ALA B 581 -14.11 -25.35 -29.05
N GLU B 582 -15.25 -24.66 -28.99
CA GLU B 582 -16.02 -24.17 -30.16
C GLU B 582 -15.10 -23.35 -31.05
N TYR B 583 -14.50 -22.29 -30.52
CA TYR B 583 -13.61 -21.39 -31.32
C TYR B 583 -12.42 -22.20 -31.83
N ALA B 584 -11.84 -23.04 -30.97
CA ALA B 584 -10.66 -23.88 -31.30
C ALA B 584 -10.98 -24.73 -32.53
N SER B 585 -12.18 -25.33 -32.57
CA SER B 585 -12.54 -26.28 -33.65
C SER B 585 -12.84 -25.54 -34.96
N VAL B 586 -12.61 -24.23 -35.05
CA VAL B 586 -12.75 -23.41 -36.29
C VAL B 586 -11.39 -22.84 -36.71
N LEU B 587 -10.60 -22.33 -35.77
CA LEU B 587 -9.30 -21.67 -36.09
C LEU B 587 -8.24 -22.76 -36.29
N GLY B 588 -8.52 -23.99 -35.85
CA GLY B 588 -7.63 -25.15 -36.01
C GLY B 588 -6.30 -24.94 -35.31
N GLU B 589 -5.22 -25.48 -35.88
CA GLU B 589 -3.85 -25.45 -35.28
C GLU B 589 -3.33 -24.00 -35.22
N ASN B 590 -4.01 -23.05 -35.86
CA ASN B 590 -3.70 -21.60 -35.83
C ASN B 590 -4.31 -20.93 -34.59
N PHE B 591 -4.69 -21.72 -33.59
CA PHE B 591 -5.15 -21.25 -32.26
C PHE B 591 -4.61 -22.19 -31.18
N GLU B 592 -3.96 -21.65 -30.15
CA GLU B 592 -3.59 -22.44 -28.94
C GLU B 592 -3.98 -21.64 -27.69
N MET B 593 -4.64 -22.32 -26.75
CA MET B 593 -5.03 -21.74 -25.45
C MET B 593 -4.21 -22.46 -24.40
N PHE B 594 -3.63 -21.72 -23.46
CA PHE B 594 -2.88 -22.25 -22.29
C PHE B 594 -3.49 -21.64 -21.03
N ASN B 595 -4.00 -22.48 -20.14
CA ASN B 595 -4.76 -22.06 -18.94
C ASN B 595 -3.95 -22.27 -17.66
N ALA B 596 -3.83 -21.21 -16.86
CA ALA B 596 -3.15 -21.16 -15.55
C ALA B 596 -4.21 -21.12 -14.43
N PHE B 597 -4.50 -22.26 -13.82
CA PHE B 597 -5.48 -22.39 -12.71
C PHE B 597 -4.72 -22.07 -11.44
N SER B 598 -5.04 -20.96 -10.76
CA SER B 598 -4.15 -20.39 -9.73
C SER B 598 -4.34 -21.08 -8.37
N ARG B 599 -5.48 -21.71 -8.12
CA ARG B 599 -5.80 -22.32 -6.80
C ARG B 599 -6.25 -23.78 -6.95
N GLN B 600 -6.06 -24.37 -8.13
CA GLN B 600 -6.33 -25.82 -8.37
C GLN B 600 -5.41 -26.65 -7.48
N ASP B 601 -4.14 -26.27 -7.37
CA ASP B 601 -3.14 -26.95 -6.51
C ASP B 601 -2.63 -25.98 -5.45
N PRO B 602 -3.01 -26.14 -4.15
CA PRO B 602 -2.63 -25.19 -3.11
C PRO B 602 -1.10 -25.02 -2.99
N SER B 603 -0.34 -26.08 -3.26
CA SER B 603 1.15 -26.08 -3.25
C SER B 603 1.67 -25.22 -4.40
N LYS B 604 1.17 -25.44 -5.62
CA LYS B 604 1.67 -24.79 -6.85
C LYS B 604 0.63 -23.81 -7.39
N LYS B 605 0.74 -22.54 -6.99
CA LYS B 605 0.19 -21.35 -7.71
C LYS B 605 0.71 -21.31 -9.16
N VAL B 606 -0.19 -21.23 -10.13
CA VAL B 606 0.18 -21.14 -11.58
C VAL B 606 -0.46 -19.90 -12.20
N TYR B 607 0.38 -19.08 -12.85
CA TYR B 607 0.00 -17.79 -13.50
C TYR B 607 0.30 -17.85 -15.01
N VAL B 608 -0.26 -16.90 -15.76
CA VAL B 608 -0.06 -16.84 -17.23
C VAL B 608 1.46 -16.77 -17.50
N GLN B 609 2.22 -15.95 -16.76
CA GLN B 609 3.70 -15.83 -16.95
C GLN B 609 4.37 -17.23 -16.84
N ASP B 610 3.94 -18.09 -15.91
CA ASP B 610 4.46 -19.48 -15.82
C ASP B 610 4.23 -20.18 -17.17
N LYS B 611 3.07 -19.94 -17.79
CA LYS B 611 2.66 -20.64 -19.05
C LYS B 611 3.39 -20.01 -20.25
N ILE B 612 3.70 -18.73 -20.18
CA ILE B 612 4.49 -18.02 -21.23
C ILE B 612 5.93 -18.55 -21.20
N LEU B 613 6.52 -18.73 -20.01
CA LEU B 613 7.89 -19.29 -19.86
C LEU B 613 7.91 -20.74 -20.38
N GLU B 614 6.92 -21.57 -20.07
CA GLU B 614 6.88 -22.96 -20.58
C GLU B 614 6.86 -23.01 -22.12
N ASN B 615 6.38 -21.97 -22.80
CA ASN B 615 6.21 -21.99 -24.28
C ASN B 615 6.96 -20.81 -24.92
N SER B 616 8.04 -20.35 -24.26
CA SER B 616 8.80 -19.12 -24.61
C SER B 616 9.40 -19.23 -26.01
N GLN B 617 9.74 -20.46 -26.43
CA GLN B 617 10.34 -20.72 -27.77
C GLN B 617 9.28 -20.38 -28.84
N LEU B 618 8.08 -20.96 -28.74
CA LEU B 618 6.94 -20.67 -29.63
C LEU B 618 6.63 -19.15 -29.58
N VAL B 619 6.73 -18.51 -28.42
CA VAL B 619 6.36 -17.08 -28.29
C VAL B 619 7.40 -16.21 -29.00
N HIS B 620 8.70 -16.47 -28.80
CA HIS B 620 9.75 -15.69 -29.50
C HIS B 620 9.72 -15.99 -31.00
N GLU B 621 9.53 -17.24 -31.40
CA GLU B 621 9.33 -17.59 -32.82
C GLU B 621 8.30 -16.63 -33.42
N LEU B 622 7.16 -16.47 -32.75
CA LEU B 622 6.01 -15.68 -33.27
C LEU B 622 6.37 -14.20 -33.28
N LEU B 623 7.18 -13.73 -32.33
CA LEU B 623 7.68 -12.34 -32.31
C LEU B 623 8.56 -12.05 -33.53
N THR B 624 9.22 -13.06 -34.10
CA THR B 624 10.16 -12.88 -35.25
C THR B 624 9.36 -12.83 -36.54
N GLU B 625 8.18 -13.47 -36.58
CA GLU B 625 7.15 -13.29 -37.63
C GLU B 625 6.36 -11.99 -37.43
N GLY B 626 6.82 -11.09 -36.55
CA GLY B 626 6.21 -9.76 -36.32
C GLY B 626 4.90 -9.79 -35.53
N ALA B 627 4.71 -10.75 -34.61
CA ALA B 627 3.51 -10.88 -33.74
C ALA B 627 3.28 -9.59 -32.95
N ILE B 628 2.00 -9.21 -32.84
CA ILE B 628 1.53 -8.14 -31.91
C ILE B 628 1.20 -8.77 -30.56
N ILE B 629 1.69 -8.17 -29.48
CA ILE B 629 1.34 -8.61 -28.11
C ILE B 629 0.20 -7.74 -27.58
N TYR B 630 -0.81 -8.38 -27.00
CA TYR B 630 -1.94 -7.73 -26.29
C TYR B 630 -2.00 -8.29 -24.87
N VAL B 631 -1.94 -7.41 -23.85
CA VAL B 631 -2.05 -7.79 -22.41
C VAL B 631 -3.23 -7.06 -21.80
N CYS B 632 -4.15 -7.78 -21.15
CA CYS B 632 -5.41 -7.21 -20.62
CA CYS B 632 -5.42 -7.22 -20.62
C CYS B 632 -5.71 -7.76 -19.20
N GLY B 633 -6.34 -6.91 -18.37
CA GLY B 633 -6.78 -7.26 -17.01
C GLY B 633 -6.05 -6.44 -15.98
N ASP B 634 -5.66 -7.06 -14.88
CA ASP B 634 -5.05 -6.42 -13.69
C ASP B 634 -3.77 -5.63 -14.05
N ALA B 635 -3.80 -4.30 -13.99
CA ALA B 635 -2.61 -3.41 -14.07
C ALA B 635 -1.67 -3.59 -12.85
N SER B 636 -2.22 -3.74 -11.65
CA SER B 636 -1.43 -3.48 -10.42
C SER B 636 -0.30 -4.51 -10.27
N ARG B 637 -0.54 -5.79 -10.57
CA ARG B 637 0.47 -6.86 -10.36
C ARG B 637 0.76 -7.61 -11.68
N MET B 638 -0.28 -8.10 -12.35
CA MET B 638 -0.17 -9.11 -13.43
C MET B 638 0.53 -8.51 -14.65
N ALA B 639 0.08 -7.33 -15.09
CA ALA B 639 0.61 -6.61 -16.27
C ALA B 639 2.14 -6.40 -16.15
N ARG B 640 2.64 -6.08 -14.96
CA ARG B 640 4.08 -5.81 -14.73
C ARG B 640 4.85 -7.14 -14.71
N ASP B 641 4.32 -8.16 -14.03
CA ASP B 641 4.89 -9.53 -14.06
C ASP B 641 4.97 -10.06 -15.51
N VAL B 642 3.95 -9.81 -16.33
CA VAL B 642 3.92 -10.35 -17.71
C VAL B 642 4.95 -9.60 -18.56
N GLN B 643 5.11 -8.29 -18.39
CA GLN B 643 6.09 -7.45 -19.15
C GLN B 643 7.50 -7.94 -18.85
N THR B 644 7.84 -8.06 -17.56
CA THR B 644 9.09 -8.68 -17.05
C THR B 644 9.36 -10.03 -17.70
N THR B 645 8.41 -10.98 -17.66
CA THR B 645 8.52 -12.31 -18.28
C THR B 645 8.84 -12.18 -19.78
N ILE B 646 8.13 -11.33 -20.49
CA ILE B 646 8.37 -11.17 -21.95
C ILE B 646 9.76 -10.56 -22.13
N SER B 647 10.15 -9.62 -21.30
CA SER B 647 11.50 -9.00 -21.35
C SER B 647 12.57 -10.09 -21.23
N LYS B 648 12.32 -11.08 -20.37
CA LYS B 648 13.30 -12.14 -20.06
C LYS B 648 13.41 -13.05 -21.29
N ILE B 649 12.32 -13.24 -22.03
CA ILE B 649 12.31 -14.13 -23.23
C ILE B 649 13.04 -13.41 -24.37
N VAL B 650 12.84 -12.11 -24.49
CA VAL B 650 13.51 -11.28 -25.53
C VAL B 650 15.01 -11.23 -25.24
N ALA B 651 15.41 -11.05 -23.99
CA ALA B 651 16.83 -10.97 -23.57
C ALA B 651 17.57 -12.24 -24.00
N LYS B 652 17.19 -13.38 -23.43
CA LYS B 652 17.75 -14.72 -23.71
C LYS B 652 17.72 -14.99 -25.23
N SER B 653 16.60 -14.71 -25.92
CA SER B 653 16.39 -15.17 -27.31
C SER B 653 17.15 -14.30 -28.33
N ARG B 654 17.56 -13.08 -27.95
CA ARG B 654 18.32 -12.13 -28.82
C ARG B 654 19.67 -11.79 -28.19
N GLU B 655 20.09 -12.55 -27.17
CA GLU B 655 21.44 -12.45 -26.54
C GLU B 655 21.75 -10.99 -26.22
N ILE B 656 20.85 -10.32 -25.49
CA ILE B 656 21.04 -8.93 -24.97
C ILE B 656 20.72 -8.95 -23.47
N SER B 657 21.16 -7.94 -22.73
CA SER B 657 20.89 -7.80 -21.29
C SER B 657 19.39 -7.71 -21.05
N GLU B 658 18.94 -8.12 -19.87
CA GLU B 658 17.50 -8.05 -19.48
C GLU B 658 17.08 -6.58 -19.59
N ASP B 659 17.91 -5.64 -19.15
CA ASP B 659 17.54 -4.20 -19.16
C ASP B 659 17.51 -3.70 -20.61
N LYS B 660 18.37 -4.21 -21.48
CA LYS B 660 18.28 -3.91 -22.93
C LYS B 660 16.95 -4.44 -23.47
N ALA B 661 16.54 -5.64 -23.06
CA ALA B 661 15.25 -6.25 -23.46
C ALA B 661 14.09 -5.39 -22.93
N ALA B 662 14.12 -4.97 -21.65
CA ALA B 662 13.12 -4.07 -21.02
C ALA B 662 12.88 -2.80 -21.84
N GLU B 663 13.96 -2.08 -22.22
CA GLU B 663 13.88 -0.81 -23.01
C GLU B 663 13.30 -1.08 -24.40
N LEU B 664 13.61 -2.23 -25.00
CA LEU B 664 13.07 -2.66 -26.32
C LEU B 664 11.56 -2.94 -26.19
N VAL B 665 11.14 -3.73 -25.17
CA VAL B 665 9.71 -4.01 -24.86
C VAL B 665 8.98 -2.67 -24.65
N LYS B 666 9.55 -1.78 -23.84
CA LYS B 666 8.99 -0.44 -23.56
C LYS B 666 8.76 0.33 -24.87
N SER B 667 9.57 0.11 -25.91
CA SER B 667 9.47 0.86 -27.19
C SER B 667 8.51 0.14 -28.15
N TRP B 668 8.20 -1.13 -27.88
CA TRP B 668 7.06 -1.84 -28.52
C TRP B 668 5.71 -1.23 -28.08
N LYS B 669 5.59 -0.85 -26.81
CA LYS B 669 4.37 -0.24 -26.22
C LYS B 669 4.13 1.15 -26.84
N VAL B 670 5.16 1.98 -26.87
CA VAL B 670 5.16 3.33 -27.50
C VAL B 670 4.85 3.24 -29.00
N GLN B 671 5.07 2.10 -29.67
CA GLN B 671 4.83 1.96 -31.14
C GLN B 671 3.54 1.20 -31.45
N ASN B 672 2.84 0.67 -30.43
CA ASN B 672 1.57 -0.10 -30.52
C ASN B 672 1.86 -1.53 -31.03
N ARG B 673 3.10 -2.01 -30.91
CA ARG B 673 3.50 -3.42 -31.16
C ARG B 673 3.07 -4.32 -29.98
N TYR B 674 3.18 -3.79 -28.77
CA TYR B 674 2.78 -4.43 -27.48
C TYR B 674 1.67 -3.58 -26.89
N GLN B 675 0.43 -4.06 -26.91
CA GLN B 675 -0.77 -3.24 -26.61
C GLN B 675 -1.34 -3.70 -25.28
N GLU B 676 -1.72 -2.72 -24.44
CA GLU B 676 -2.33 -2.97 -23.11
C GLU B 676 -3.78 -2.46 -23.08
N ASP B 677 -4.65 -3.26 -22.47
CA ASP B 677 -5.96 -2.83 -21.93
C ASP B 677 -5.98 -3.29 -20.46
N VAL B 678 -5.35 -2.55 -19.56
CA VAL B 678 -5.22 -2.95 -18.12
C VAL B 678 -5.76 -1.83 -17.22
N TRP B 679 -6.34 -2.19 -16.09
CA TRP B 679 -7.14 -1.32 -15.19
C TRP B 679 -7.08 -1.85 -13.75
PA FAD C . 12.83 -11.98 7.46
O1A FAD C . 14.21 -12.46 7.14
O2A FAD C . 12.76 -10.88 8.45
O5B FAD C . 12.07 -11.56 6.11
C5B FAD C . 10.87 -10.78 6.17
C4B FAD C . 9.98 -11.12 4.98
O4B FAD C . 10.58 -10.55 3.79
C3B FAD C . 9.80 -12.61 4.69
O3B FAD C . 8.49 -12.94 4.24
C2B FAD C . 10.71 -12.87 3.49
O2B FAD C . 10.14 -13.92 2.74
C1B FAD C . 10.66 -11.52 2.78
N9A FAD C . 11.79 -11.19 1.94
C8A FAD C . 13.03 -11.79 1.89
N7A FAD C . 13.83 -11.22 1.01
C5A FAD C . 13.08 -10.20 0.46
C6A FAD C . 13.35 -9.24 -0.54
N6A FAD C . 14.50 -9.14 -1.19
N1A FAD C . 12.38 -8.36 -0.85
C2A FAD C . 11.21 -8.45 -0.19
N3A FAD C . 10.84 -9.31 0.74
C4A FAD C . 11.83 -10.17 1.03
N1 FAD C . 6.51 -14.23 14.34
C2 FAD C . 6.00 -15.47 14.60
O2 FAD C . 5.92 -16.33 13.71
N3 FAD C . 5.61 -15.82 15.86
C4 FAD C . 5.64 -14.93 16.94
O4 FAD C . 5.30 -15.27 18.07
C4X FAD C . 6.13 -13.64 16.69
N5 FAD C . 6.15 -12.79 17.68
C5X FAD C . 6.66 -11.54 17.41
C6 FAD C . 6.72 -10.59 18.45
C7 FAD C . 7.24 -9.34 18.23
C7M FAD C . 7.30 -8.36 19.38
C8 FAD C . 7.72 -8.99 16.93
C8M FAD C . 8.30 -7.63 16.63
C9 FAD C . 7.64 -9.89 15.91
C9A FAD C . 7.13 -11.18 16.12
N10 FAD C . 7.04 -12.12 15.10
C10 FAD C . 6.57 -13.38 15.33
C1' FAD C . 7.58 -11.83 13.76
C2' FAD C . 9.07 -12.23 13.74
O2' FAD C . 9.89 -11.36 14.58
C3' FAD C . 9.66 -12.23 12.34
O3' FAD C . 9.48 -10.95 11.74
C4' FAD C . 9.05 -13.32 11.45
O4' FAD C . 9.17 -14.58 12.13
C5' FAD C . 9.76 -13.40 10.12
O5' FAD C . 11.22 -13.36 10.30
P FAD C . 12.22 -14.06 9.24
O1P FAD C . 13.59 -13.72 9.75
O2P FAD C . 11.79 -15.48 9.03
O3P FAD C . 11.94 -13.23 7.92
N1 FMN D . 5.09 2.55 14.78
C2 FMN D . 4.38 3.59 15.31
O2 FMN D . 4.34 4.66 14.64
N3 FMN D . 3.72 3.52 16.50
C4 FMN D . 3.73 2.42 17.26
O4 FMN D . 3.14 2.39 18.34
C4A FMN D . 4.47 1.23 16.77
N5 FMN D . 4.51 0.09 17.48
C5A FMN D . 5.20 -1.01 17.02
C6 FMN D . 5.22 -2.20 17.77
C7 FMN D . 5.92 -3.32 17.31
C7M FMN D . 5.96 -4.59 18.11
C8 FMN D . 6.63 -3.24 16.01
C8M FMN D . 7.41 -4.43 15.47
C9 FMN D . 6.60 -2.07 15.27
C9A FMN D . 5.94 -0.94 15.71
N10 FMN D . 5.92 0.25 14.95
C10 FMN D . 5.18 1.37 15.46
C1' FMN D . 6.60 0.39 13.67
C2' FMN D . 8.08 0.63 13.91
O2' FMN D . 8.34 1.92 14.52
C3' FMN D . 8.79 0.49 12.55
O3' FMN D . 8.75 -0.87 12.08
C4' FMN D . 10.25 0.96 12.54
O4' FMN D . 10.55 1.24 11.17
C5' FMN D . 11.24 -0.06 13.12
O5' FMN D . 12.43 0.63 13.44
P FMN D . 13.78 -0.04 14.08
O1P FMN D . 14.84 1.09 14.03
O2P FMN D . 14.06 -1.23 13.15
O3P FMN D . 13.50 -0.41 15.52
PA NDP E . -2.95 -15.90 9.37
O1A NDP E . -2.66 -14.51 8.93
O2A NDP E . -3.60 -16.89 8.45
O5B NDP E . -3.80 -15.86 10.71
C5B NDP E . -4.88 -14.96 10.63
C4B NDP E . -6.17 -15.70 10.85
O4B NDP E . -7.13 -14.64 11.08
C3B NDP E . -6.75 -16.48 9.66
O3B NDP E . -7.84 -17.34 9.97
C2B NDP E . -7.24 -15.32 8.81
O2B NDP E . -8.28 -15.79 7.99
C1B NDP E . -7.83 -14.40 9.88
N9A NDP E . -7.80 -12.98 9.57
C8A NDP E . -7.35 -12.38 8.41
N7A NDP E . -7.57 -11.08 8.41
C5A NDP E . -8.21 -10.82 9.61
C6A NDP E . -8.70 -9.63 10.20
N6A NDP E . -8.64 -8.44 9.64
N1A NDP E . -9.28 -9.74 11.42
C2A NDP E . -9.34 -10.94 12.00
N3A NDP E . -8.93 -12.12 11.54
C4A NDP E . -8.36 -12.00 10.34
O3 NDP E . -1.61 -16.52 10.02
PN NDP E . -0.50 -15.71 10.82
O1N NDP E . -0.10 -16.42 12.07
O2N NDP E . 0.52 -15.31 9.82
O5D NDP E . -1.35 -14.40 11.25
P2B NDP E . -8.08 -15.57 6.41
O1X NDP E . -6.59 -15.67 6.12
O2X NDP E . -8.62 -14.23 6.03
O3X NDP E . -8.90 -16.72 5.81
PA FAD F . -17.36 1.45 -8.03
O1A FAD F . -18.68 2.07 -7.68
O2A FAD F . -16.55 2.28 -8.97
O5B FAD F . -16.58 1.06 -6.69
C5B FAD F . -15.18 0.66 -6.76
C4B FAD F . -14.84 -0.25 -5.61
O4B FAD F . -14.89 0.51 -4.38
C3B FAD F . -15.75 -1.46 -5.39
O3B FAD F . -14.96 -2.62 -5.15
C2B FAD F . -16.54 -1.11 -4.13
O2B FAD F . -16.98 -2.23 -3.39
C1B FAD F . -15.54 -0.24 -3.37
N9A FAD F . -16.10 0.75 -2.49
C8A FAD F . -17.40 1.26 -2.51
N7A FAD F . -17.59 2.19 -1.61
C5A FAD F . -16.37 2.31 -0.96
C6A FAD F . -15.94 3.13 0.10
N6A FAD F . -16.73 4.02 0.69
N1A FAD F . -14.65 3.02 0.50
C2A FAD F . -13.88 2.11 -0.11
N3A FAD F . -14.17 1.28 -1.12
C4A FAD F . -15.44 1.44 -1.50
N1 FAD F . -14.20 -4.16 -15.23
C2 FAD F . -14.70 -5.38 -15.58
O2 FAD F . -15.29 -6.11 -14.75
N3 FAD F . -14.61 -5.83 -16.88
C4 FAD F . -13.91 -5.11 -17.84
O4 FAD F . -13.83 -5.54 -18.99
C4X FAD F . -13.35 -3.85 -17.48
N5 FAD F . -12.70 -3.16 -18.39
C5X FAD F . -12.16 -1.96 -18.00
C6 FAD F . -11.45 -1.18 -18.93
C7 FAD F . -10.93 0.05 -18.60
C7M FAD F . -10.18 0.85 -19.63
C8 FAD F . -11.10 0.55 -17.27
C8M FAD F . -10.54 1.87 -16.82
C9 FAD F . -11.77 -0.21 -16.35
C9A FAD F . -12.31 -1.47 -16.69
N10 FAD F . -13.00 -2.23 -15.77
C10 FAD F . -13.55 -3.45 -16.11
C1' FAD F . -13.24 -1.65 -14.43
C2' FAD F . -14.59 -0.87 -14.42
O2' FAD F . -14.55 0.42 -15.08
C3' FAD F . -15.14 -0.61 -13.01
O3' FAD F . -14.22 0.23 -12.35
C4' FAD F . -15.43 -1.84 -12.18
O4' FAD F . -16.28 -2.74 -12.91
C5' FAD F . -16.11 -1.50 -10.87
O5' FAD F . -17.04 -0.36 -11.01
P FAD F . -18.32 -0.26 -10.04
O1P FAD F . -19.07 0.96 -10.44
O2P FAD F . -19.03 -1.58 -9.93
O3P FAD F . -17.57 0.00 -8.66
N1 FMN G . -1.17 6.94 -14.46
C2 FMN G . 0.08 7.23 -14.93
O2 FMN G . 0.84 7.92 -14.20
N3 FMN G . 0.53 6.79 -16.12
C4 FMN G . -0.23 6.05 -16.96
O4 FMN G . 0.18 5.66 -18.08
C4A FMN G . -1.60 5.70 -16.52
N5 FMN G . -2.42 4.97 -17.31
C5A FMN G . -3.67 4.66 -16.92
C6 FMN G . -4.46 3.85 -17.76
C7 FMN G . -5.76 3.51 -17.37
C7M FMN G . -6.58 2.69 -18.31
C8 FMN G . -6.29 3.98 -16.06
C8M FMN G . -7.70 3.64 -15.58
C9 FMN G . -5.49 4.74 -15.22
C9A FMN G . -4.20 5.10 -15.59
N10 FMN G . -3.37 5.90 -14.75
C10 FMN G . -2.06 6.21 -15.19
C1' FMN G . -3.84 6.37 -13.43
C2' FMN G . -4.84 7.53 -13.60
O2' FMN G . -4.16 8.63 -14.22
C3' FMN G . -5.46 7.89 -12.24
O3' FMN G . -6.36 6.83 -11.92
C4' FMN G . -6.16 9.26 -12.17
O4' FMN G . -6.37 9.66 -10.83
C5' FMN G . -7.49 9.34 -12.90
O5' FMN G . -7.88 10.71 -13.04
P FMN G . -9.28 11.17 -13.72
O1P FMN G . -9.13 12.69 -13.70
O2P FMN G . -10.31 10.53 -12.79
O3P FMN G . -9.29 10.64 -15.12
PA NDP H . -8.71 -12.45 -10.37
O1A NDP H . -8.41 -11.31 -9.47
O2A NDP H . -9.29 -13.71 -9.82
O5B NDP H . -7.38 -12.79 -11.20
C5B NDP H . -7.43 -13.70 -12.33
C4B NDP H . -6.26 -14.65 -12.20
O4B NDP H . -5.05 -13.86 -12.04
C3B NDP H . -6.33 -15.56 -10.97
O3B NDP H . -6.08 -16.92 -11.33
C2B NDP H . -5.29 -14.94 -10.04
O2B NDP H . -4.82 -15.95 -9.19
C1B NDP H . -4.27 -14.49 -11.07
N9A NDP H . -3.23 -13.56 -10.62
C8A NDP H . -3.17 -12.81 -9.48
N7A NDP H . -2.09 -12.07 -9.40
C5A NDP H . -1.37 -12.34 -10.56
C6A NDP H . -0.14 -11.88 -11.07
N6A NDP H . 0.66 -10.99 -10.48
N1A NDP H . 0.25 -12.37 -12.28
C2A NDP H . -0.55 -13.25 -12.91
N3A NDP H . -1.71 -13.76 -12.52
C4A NDP H . -2.08 -13.27 -11.33
O3 NDP H . -9.63 -11.89 -11.56
PN NDP H . -10.21 -10.46 -11.92
O1N NDP H . -10.93 -9.91 -10.73
O2N NDP H . -11.01 -10.57 -13.19
O5D NDP H . -8.86 -9.64 -12.18
P2B NDP H . -5.02 -15.66 -7.61
O1X NDP H . -5.17 -17.07 -7.06
O2X NDP H . -6.23 -14.84 -7.31
O3X NDP H . -3.78 -14.94 -7.14
#